data_2WK5
#
_entry.id   2WK5
#
_cell.length_a   103.532
_cell.length_b   77.188
_cell.length_c   100.878
_cell.angle_alpha   90.00
_cell.angle_beta   98.04
_cell.angle_gamma   90.00
#
_symmetry.space_group_name_H-M   'P 1 21 1'
#
loop_
_entity.id
_entity.type
_entity.pdbx_description
1 polymer 'THYMIDINE PHOSPHORYLASE'
2 non-polymer GLYCEROL
3 water water
#
_entity_poly.entity_id   1
_entity_poly.type   'polypeptide(L)'
_entity_poly.pdbx_seq_one_letter_code
;MAALMTPGTGAPPAPGDFSGEGSQGLPDPSPEPKQLPELIRMKRDGGRLSEADIRGFVAAVVNGSAQGAQIGAMLMAIRL
RGMDLEETSVLTQALAQSGQQLEWPEAWRQQLVDKHSTGGVGDKVSLVLAPALAACGCKVPMISGRGLGHTGGTLDKLES
IPGFNVIQSPEQMQVLLDQAGCCIVGQSEQLVPADGILYAARDVTATVDSLPLITASILSKKLVEGLSALVVDVKFGGAA
VFPNQEQARELAKTLVGVGASLGLRVAAALTAMDKPLGRCVGHALEVEEALLCMDGAGPPDLRDLVTTLGGALLWLSGHA
GTQAQGAARVAAALDDGSALGRFERMLAAQGVDPGLARALCSGSPAERRQLLPRAREQEELLAPADGTVELVRALPLALV
LHELGAGRSRAGEPLRLGVGAELLVDVGQRLRRGTPWLRVHRDGPALSGPQSRALQEALVLSDRAPFAAPSPFAELVLPP
QQ
;
_entity_poly.pdbx_strand_id   A,B,C,D
#
# COMPACT_ATOMS: atom_id res chain seq x y z
N GLU A 32 -65.95 15.64 -6.01
CA GLU A 32 -66.53 14.58 -5.13
C GLU A 32 -65.75 13.28 -5.31
N PRO A 33 -66.14 12.21 -4.59
CA PRO A 33 -65.46 10.91 -4.68
C PRO A 33 -65.23 10.39 -6.10
N LYS A 34 -64.03 10.66 -6.62
CA LYS A 34 -63.64 10.21 -7.94
C LYS A 34 -62.86 8.93 -7.73
N GLN A 35 -62.99 7.97 -8.64
CA GLN A 35 -62.25 6.72 -8.51
C GLN A 35 -60.75 7.09 -8.52
N LEU A 36 -59.93 6.29 -7.86
CA LEU A 36 -58.51 6.58 -7.80
C LEU A 36 -57.80 6.75 -9.14
N PRO A 37 -57.96 5.79 -10.05
CA PRO A 37 -57.27 5.93 -11.34
C PRO A 37 -57.52 7.30 -11.97
N GLU A 38 -58.68 7.86 -11.70
CA GLU A 38 -59.08 9.16 -12.25
C GLU A 38 -58.29 10.35 -11.69
N LEU A 39 -58.07 10.35 -10.38
CA LEU A 39 -57.30 11.45 -9.81
C LEU A 39 -55.93 11.37 -10.44
N ILE A 40 -55.37 10.17 -10.49
CA ILE A 40 -54.06 9.92 -11.09
C ILE A 40 -53.98 10.42 -12.52
N ARG A 41 -55.04 10.19 -13.29
CA ARG A 41 -55.08 10.64 -14.67
C ARG A 41 -54.96 12.15 -14.75
N MET A 42 -55.65 12.80 -13.81
CA MET A 42 -55.66 14.25 -13.73
C MET A 42 -54.28 14.83 -13.46
N LYS A 43 -53.58 14.31 -12.45
CA LYS A 43 -52.24 14.80 -12.14
C LYS A 43 -51.29 14.48 -13.28
N ARG A 44 -51.47 13.30 -13.88
CA ARG A 44 -50.64 12.89 -15.00
C ARG A 44 -50.74 13.96 -16.08
N ASP A 45 -51.96 14.44 -16.30
CA ASP A 45 -52.22 15.47 -17.32
C ASP A 45 -51.93 16.88 -16.81
N GLY A 46 -51.17 16.98 -15.72
CA GLY A 46 -50.80 18.27 -15.15
C GLY A 46 -51.95 19.04 -14.54
N GLY A 47 -52.98 18.33 -14.10
CA GLY A 47 -54.14 19.00 -13.51
C GLY A 47 -54.05 19.19 -12.02
N ARG A 48 -54.73 20.23 -11.53
CA ARG A 48 -54.71 20.51 -10.10
C ARG A 48 -55.64 19.56 -9.36
N LEU A 49 -55.26 19.20 -8.14
CA LEU A 49 -56.11 18.33 -7.34
C LEU A 49 -56.86 19.22 -6.36
N SER A 50 -58.18 19.04 -6.29
CA SER A 50 -59.01 19.81 -5.37
C SER A 50 -58.78 19.31 -3.96
N GLU A 51 -59.22 20.12 -3.00
CA GLU A 51 -59.08 19.78 -1.60
C GLU A 51 -59.80 18.48 -1.34
N ALA A 52 -60.90 18.30 -2.07
CA ALA A 52 -61.72 17.10 -1.94
C ALA A 52 -60.92 15.95 -2.51
N ASP A 53 -60.33 16.20 -3.67
CA ASP A 53 -59.55 15.18 -4.34
C ASP A 53 -58.32 14.73 -3.54
N ILE A 54 -57.60 15.68 -2.94
CA ILE A 54 -56.41 15.35 -2.15
C ILE A 54 -56.83 14.60 -0.90
N ARG A 55 -57.81 15.14 -0.19
CA ARG A 55 -58.31 14.49 1.02
C ARG A 55 -58.73 13.06 0.76
N GLY A 56 -59.68 12.88 -0.15
CA GLY A 56 -60.16 11.55 -0.48
C GLY A 56 -59.01 10.59 -0.74
N PHE A 57 -58.03 11.07 -1.50
CA PHE A 57 -56.86 10.27 -1.81
C PHE A 57 -56.15 9.89 -0.52
N VAL A 58 -55.74 10.90 0.24
CA VAL A 58 -55.06 10.66 1.49
C VAL A 58 -55.78 9.55 2.28
N ALA A 59 -57.09 9.68 2.39
CA ALA A 59 -57.91 8.70 3.11
C ALA A 59 -57.76 7.29 2.53
N ALA A 60 -57.96 7.16 1.22
CA ALA A 60 -57.83 5.88 0.53
C ALA A 60 -56.52 5.20 0.90
N VAL A 61 -55.47 6.01 1.00
CA VAL A 61 -54.14 5.52 1.36
C VAL A 61 -54.10 4.95 2.76
N VAL A 62 -54.75 5.61 3.70
CA VAL A 62 -54.73 5.13 5.07
C VAL A 62 -55.79 4.06 5.32
N ASN A 63 -56.95 4.17 4.67
CA ASN A 63 -57.99 3.18 4.91
C ASN A 63 -57.74 1.83 4.24
N GLY A 64 -56.81 1.78 3.30
CA GLY A 64 -56.48 0.53 2.65
C GLY A 64 -56.93 0.33 1.22
N SER A 65 -57.99 1.03 0.82
CA SER A 65 -58.52 0.93 -0.54
C SER A 65 -57.45 1.09 -1.61
N ALA A 66 -56.70 2.19 -1.52
CA ALA A 66 -55.64 2.48 -2.49
C ALA A 66 -54.57 1.39 -2.55
N GLN A 67 -54.35 0.83 -3.73
CA GLN A 67 -53.36 -0.24 -3.96
C GLN A 67 -51.97 0.28 -4.26
N GLY A 68 -50.97 -0.49 -3.86
CA GLY A 68 -49.58 -0.13 -4.06
C GLY A 68 -49.24 0.55 -5.38
N ALA A 69 -49.51 -0.12 -6.48
CA ALA A 69 -49.22 0.43 -7.82
C ALA A 69 -49.89 1.77 -8.04
N GLN A 70 -50.95 2.03 -7.27
CA GLN A 70 -51.67 3.29 -7.37
C GLN A 70 -50.91 4.41 -6.64
N ILE A 71 -50.40 4.12 -5.45
CA ILE A 71 -49.64 5.09 -4.67
C ILE A 71 -48.33 5.53 -5.35
N GLY A 72 -47.69 4.60 -6.03
CA GLY A 72 -46.43 4.91 -6.71
C GLY A 72 -46.71 5.73 -7.95
N ALA A 73 -47.77 5.33 -8.66
CA ALA A 73 -48.19 6.02 -9.86
C ALA A 73 -48.45 7.49 -9.54
N MET A 74 -49.20 7.74 -8.48
CA MET A 74 -49.50 9.11 -8.08
C MET A 74 -48.22 9.83 -7.67
N LEU A 75 -47.39 9.20 -6.84
CA LEU A 75 -46.15 9.85 -6.44
C LEU A 75 -45.32 10.22 -7.68
N MET A 76 -45.23 9.31 -8.64
CA MET A 76 -44.46 9.58 -9.85
C MET A 76 -45.06 10.75 -10.61
N ALA A 77 -46.38 10.74 -10.74
CA ALA A 77 -47.04 11.80 -11.46
C ALA A 77 -46.69 13.12 -10.79
N ILE A 78 -46.74 13.12 -9.46
CA ILE A 78 -46.41 14.33 -8.70
C ILE A 78 -44.95 14.71 -8.92
N ARG A 79 -44.07 13.71 -8.92
CA ARG A 79 -42.66 13.99 -9.12
C ARG A 79 -42.39 14.53 -10.54
N LEU A 80 -43.37 14.43 -11.43
CA LEU A 80 -43.16 14.90 -12.81
C LEU A 80 -44.04 16.07 -13.27
N ARG A 81 -44.95 16.51 -12.42
CA ARG A 81 -45.84 17.62 -12.77
C ARG A 81 -46.02 18.54 -11.57
N GLY A 82 -45.46 18.12 -10.43
CA GLY A 82 -45.55 18.89 -9.22
C GLY A 82 -46.96 19.28 -8.80
N MET A 83 -47.03 20.22 -7.88
CA MET A 83 -48.32 20.73 -7.42
C MET A 83 -48.07 22.19 -7.11
N ASP A 84 -49.06 22.86 -6.52
CA ASP A 84 -48.89 24.25 -6.20
C ASP A 84 -49.15 24.54 -4.74
N LEU A 85 -48.80 25.76 -4.33
CA LEU A 85 -48.97 26.26 -2.99
C LEU A 85 -50.20 25.68 -2.28
N GLU A 86 -51.34 25.76 -2.95
CA GLU A 86 -52.59 25.25 -2.39
C GLU A 86 -52.59 23.73 -2.26
N GLU A 87 -52.49 23.01 -3.38
CA GLU A 87 -52.47 21.55 -3.36
C GLU A 87 -51.48 21.14 -2.30
N THR A 88 -50.28 21.70 -2.41
CA THR A 88 -49.21 21.43 -1.48
C THR A 88 -49.66 21.68 -0.05
N SER A 89 -50.17 22.89 0.18
CA SER A 89 -50.65 23.25 1.50
C SER A 89 -51.79 22.33 1.92
N VAL A 90 -52.65 21.97 0.96
CA VAL A 90 -53.77 21.07 1.25
C VAL A 90 -53.22 19.71 1.62
N LEU A 91 -52.30 19.20 0.80
CA LEU A 91 -51.71 17.88 1.04
C LEU A 91 -51.17 17.77 2.46
N THR A 92 -50.16 18.58 2.75
CA THR A 92 -49.55 18.56 4.06
C THR A 92 -50.62 18.54 5.16
N GLN A 93 -51.47 19.56 5.12
CA GLN A 93 -52.55 19.75 6.07
C GLN A 93 -53.40 18.50 6.26
N ALA A 94 -53.63 17.77 5.18
CA ALA A 94 -54.44 16.54 5.22
C ALA A 94 -53.64 15.42 5.83
N LEU A 95 -52.45 15.20 5.30
CA LEU A 95 -51.56 14.15 5.78
C LEU A 95 -51.59 14.22 7.29
N ALA A 96 -51.36 15.43 7.79
CA ALA A 96 -51.32 15.68 9.21
C ALA A 96 -52.49 15.03 9.94
N GLN A 97 -53.70 15.25 9.44
CA GLN A 97 -54.90 14.71 10.07
C GLN A 97 -55.28 13.29 9.72
N SER A 98 -54.40 12.58 9.02
CA SER A 98 -54.67 11.20 8.68
C SER A 98 -54.67 10.43 10.00
N GLY A 99 -53.99 10.99 10.99
CA GLY A 99 -53.92 10.36 12.30
C GLY A 99 -54.36 11.32 13.36
N GLN A 100 -53.60 11.41 14.45
CA GLN A 100 -53.95 12.29 15.55
C GLN A 100 -52.97 13.45 15.66
N GLN A 101 -53.33 14.38 16.55
CA GLN A 101 -52.53 15.56 16.88
C GLN A 101 -52.29 15.38 18.37
N LEU A 102 -51.15 15.82 18.87
CA LEU A 102 -50.86 15.66 20.29
C LEU A 102 -51.18 16.91 21.10
N GLU A 103 -51.60 16.69 22.34
CA GLU A 103 -51.92 17.78 23.25
C GLU A 103 -51.15 17.45 24.50
N TRP A 104 -50.43 18.41 25.07
CA TRP A 104 -49.67 18.10 26.28
C TRP A 104 -50.04 19.02 27.42
N PRO A 105 -49.63 18.68 28.64
CA PRO A 105 -49.95 19.54 29.78
C PRO A 105 -49.59 20.95 29.37
N GLU A 106 -50.48 21.91 29.64
CA GLU A 106 -50.24 23.30 29.28
C GLU A 106 -48.89 23.80 29.79
N ALA A 107 -48.37 23.17 30.84
CA ALA A 107 -47.09 23.56 31.41
C ALA A 107 -45.99 23.57 30.36
N TRP A 108 -45.82 22.44 29.69
CA TRP A 108 -44.81 22.25 28.67
C TRP A 108 -44.90 23.21 27.50
N ARG A 109 -46.11 23.57 27.11
CA ARG A 109 -46.38 24.46 25.99
C ARG A 109 -45.20 25.27 25.46
N GLN A 110 -44.89 26.39 26.09
CA GLN A 110 -43.78 27.26 25.67
C GLN A 110 -42.41 26.56 25.54
N GLN A 111 -42.33 25.30 25.93
CA GLN A 111 -41.08 24.55 25.89
C GLN A 111 -41.00 23.49 24.79
N LEU A 112 -42.06 23.34 24.02
CA LEU A 112 -42.05 22.34 22.95
C LEU A 112 -41.32 22.88 21.75
N VAL A 113 -40.25 22.20 21.36
CA VAL A 113 -39.48 22.63 20.19
C VAL A 113 -39.05 21.39 19.42
N ASP A 114 -38.53 21.59 18.21
CA ASP A 114 -38.08 20.50 17.34
C ASP A 114 -37.31 21.07 16.16
N LYS A 115 -36.48 20.23 15.55
CA LYS A 115 -35.71 20.60 14.38
C LYS A 115 -35.90 19.42 13.43
N HIS A 116 -35.81 19.65 12.13
CA HIS A 116 -35.98 18.60 11.14
C HIS A 116 -35.12 18.80 9.91
N SER A 117 -34.29 17.81 9.54
CA SER A 117 -33.45 17.91 8.32
C SER A 117 -34.13 17.43 7.02
N THR A 118 -33.47 17.56 5.89
CA THR A 118 -34.02 17.06 4.64
C THR A 118 -33.05 16.05 4.08
N GLY A 119 -32.22 16.49 3.14
CA GLY A 119 -31.09 15.70 2.68
C GLY A 119 -30.47 14.82 3.75
N GLY A 120 -29.13 14.81 3.80
CA GLY A 120 -28.39 14.18 4.87
C GLY A 120 -27.56 12.95 4.58
N VAL A 121 -26.24 13.11 4.52
CA VAL A 121 -25.32 11.97 4.57
C VAL A 121 -24.46 12.09 5.84
N GLY A 122 -24.81 11.27 6.84
CA GLY A 122 -24.09 11.25 8.11
C GLY A 122 -24.60 12.27 9.10
N ASP A 123 -25.85 12.69 8.92
CA ASP A 123 -26.48 13.71 9.76
C ASP A 123 -27.09 13.19 11.08
N LYS A 124 -26.24 12.86 12.04
CA LYS A 124 -26.71 12.36 13.34
C LYS A 124 -27.05 13.48 14.32
N VAL A 125 -27.02 14.73 13.85
CA VAL A 125 -27.33 15.88 14.69
C VAL A 125 -28.52 15.58 15.56
N SER A 126 -29.59 15.08 14.94
CA SER A 126 -30.81 14.76 15.66
C SER A 126 -30.53 13.85 16.86
N LEU A 127 -29.65 12.88 16.70
CA LEU A 127 -29.37 11.98 17.81
C LEU A 127 -28.70 12.63 19.00
N VAL A 128 -28.45 13.93 18.90
CA VAL A 128 -27.79 14.62 20.01
C VAL A 128 -28.55 15.89 20.40
N LEU A 129 -28.91 16.68 19.40
CA LEU A 129 -29.64 17.92 19.60
C LEU A 129 -30.92 17.65 20.37
N ALA A 130 -31.44 16.43 20.28
CA ALA A 130 -32.67 16.08 20.98
C ALA A 130 -32.42 16.08 22.48
N PRO A 131 -31.53 15.19 22.99
CA PRO A 131 -31.25 15.14 24.42
C PRO A 131 -30.60 16.44 24.91
N ALA A 132 -29.96 17.15 23.98
CA ALA A 132 -29.31 18.41 24.29
C ALA A 132 -30.38 19.36 24.81
N LEU A 133 -31.34 19.65 23.95
CA LEU A 133 -32.45 20.53 24.29
C LEU A 133 -33.19 20.09 25.53
N ALA A 134 -33.38 18.77 25.68
CA ALA A 134 -34.08 18.20 26.85
C ALA A 134 -33.32 18.50 28.13
N ALA A 135 -32.02 18.77 28.00
CA ALA A 135 -31.19 19.10 29.13
C ALA A 135 -31.29 20.61 29.36
N CYS A 136 -31.67 21.32 28.31
CA CYS A 136 -31.81 22.76 28.39
C CYS A 136 -33.21 23.19 28.87
N GLY A 137 -33.96 22.24 29.43
CA GLY A 137 -35.29 22.53 29.92
C GLY A 137 -36.41 22.50 28.89
N CYS A 138 -36.08 22.06 27.67
CA CYS A 138 -37.07 21.98 26.60
C CYS A 138 -37.64 20.58 26.44
N LYS A 139 -38.79 20.48 25.79
CA LYS A 139 -39.43 19.20 25.55
C LYS A 139 -39.48 18.99 24.06
N VAL A 140 -38.92 17.88 23.61
CA VAL A 140 -38.87 17.56 22.19
C VAL A 140 -39.61 16.28 21.81
N PRO A 141 -40.80 16.43 21.22
CA PRO A 141 -41.67 15.33 20.78
C PRO A 141 -41.33 15.09 19.31
N MET A 142 -40.29 14.32 19.05
CA MET A 142 -39.86 14.17 17.68
C MET A 142 -40.46 13.01 16.89
N ILE A 143 -41.22 13.41 15.90
CA ILE A 143 -41.71 12.48 14.91
C ILE A 143 -40.63 12.53 13.85
N SER A 144 -39.89 11.45 13.63
CA SER A 144 -38.81 11.47 12.66
C SER A 144 -39.08 10.53 11.49
N GLY A 145 -38.02 10.09 10.82
CA GLY A 145 -38.21 9.19 9.68
C GLY A 145 -37.06 8.27 9.39
N ARG A 146 -37.22 7.46 8.35
CA ARG A 146 -36.19 6.52 7.95
C ARG A 146 -35.47 7.02 6.72
N GLY A 147 -34.47 6.26 6.29
CA GLY A 147 -33.71 6.65 5.13
C GLY A 147 -34.58 7.05 3.98
N LEU A 148 -34.22 8.14 3.33
CA LEU A 148 -35.00 8.63 2.20
C LEU A 148 -34.01 8.61 1.04
N GLY A 149 -34.38 7.95 -0.05
CA GLY A 149 -33.48 7.89 -1.20
C GLY A 149 -32.12 7.37 -0.80
N HIS A 150 -31.10 8.22 -0.85
CA HIS A 150 -29.74 7.80 -0.51
C HIS A 150 -29.29 8.53 0.74
N THR A 151 -30.26 8.91 1.57
CA THR A 151 -29.97 9.62 2.80
C THR A 151 -30.54 8.87 4.01
N GLY A 152 -29.70 8.11 4.70
CA GLY A 152 -30.13 7.35 5.85
C GLY A 152 -30.98 8.20 6.76
N GLY A 153 -31.81 7.54 7.56
CA GLY A 153 -32.68 8.28 8.46
C GLY A 153 -32.32 8.11 9.91
N THR A 154 -32.55 9.15 10.72
CA THR A 154 -32.24 9.08 12.13
C THR A 154 -33.05 7.99 12.87
N LEU A 155 -34.13 7.50 12.25
CA LEU A 155 -34.91 6.43 12.89
C LEU A 155 -34.21 5.09 12.75
N ASP A 156 -33.66 4.82 11.57
CA ASP A 156 -32.95 3.56 11.31
C ASP A 156 -31.71 3.48 12.19
N LYS A 157 -31.02 4.60 12.30
CA LYS A 157 -29.80 4.67 13.10
C LYS A 157 -30.06 4.23 14.55
N LEU A 158 -31.17 4.71 15.13
CA LEU A 158 -31.50 4.34 16.49
C LEU A 158 -31.75 2.85 16.64
N GLU A 159 -32.33 2.23 15.61
CA GLU A 159 -32.59 0.79 15.66
C GLU A 159 -31.30 -0.02 15.72
N SER A 160 -30.15 0.66 15.82
CA SER A 160 -28.88 -0.05 15.96
C SER A 160 -28.82 -0.46 17.43
N ILE A 161 -29.35 0.42 18.26
CA ILE A 161 -29.36 0.17 19.68
C ILE A 161 -30.40 -0.92 19.86
N PRO A 162 -29.97 -2.06 20.43
CA PRO A 162 -30.85 -3.21 20.68
C PRO A 162 -32.03 -2.92 21.59
N GLY A 163 -33.24 -3.15 21.09
CA GLY A 163 -34.42 -2.93 21.88
C GLY A 163 -35.03 -1.53 21.80
N PHE A 164 -34.54 -0.72 20.88
CA PHE A 164 -35.09 0.63 20.77
C PHE A 164 -36.40 0.61 19.97
N ASN A 165 -37.47 1.08 20.62
CA ASN A 165 -38.80 1.15 20.03
C ASN A 165 -39.02 2.54 19.48
N VAL A 166 -39.26 2.67 18.18
CA VAL A 166 -39.48 3.98 17.58
C VAL A 166 -40.96 4.25 17.48
N ILE A 167 -41.75 3.29 17.93
CA ILE A 167 -43.20 3.47 17.88
C ILE A 167 -43.82 3.50 19.27
N GLN A 168 -44.34 4.67 19.60
CA GLN A 168 -44.99 4.89 20.89
C GLN A 168 -46.34 5.51 20.62
N SER A 169 -47.28 5.31 21.53
CA SER A 169 -48.60 5.90 21.36
C SER A 169 -48.47 7.27 21.98
N PRO A 170 -49.36 8.19 21.62
CA PRO A 170 -49.28 9.53 22.19
C PRO A 170 -49.02 9.43 23.69
N GLU A 171 -49.81 8.58 24.36
CA GLU A 171 -49.69 8.36 25.79
C GLU A 171 -48.23 8.18 26.20
N GLN A 172 -47.64 7.08 25.74
CA GLN A 172 -46.25 6.78 26.05
C GLN A 172 -45.39 8.02 25.83
N MET A 173 -45.52 8.65 24.66
CA MET A 173 -44.75 9.85 24.36
C MET A 173 -44.79 10.85 25.51
N GLN A 174 -45.99 11.13 26.02
CA GLN A 174 -46.12 12.10 27.11
C GLN A 174 -45.36 11.62 28.36
N VAL A 175 -45.25 10.32 28.54
CA VAL A 175 -44.50 9.80 29.69
C VAL A 175 -43.02 10.08 29.43
N LEU A 176 -42.63 9.93 28.17
CA LEU A 176 -41.26 10.14 27.74
C LEU A 176 -40.78 11.59 27.89
N LEU A 177 -41.63 12.55 27.56
CA LEU A 177 -41.23 13.95 27.68
C LEU A 177 -41.19 14.36 29.14
N ASP A 178 -41.77 13.53 29.99
CA ASP A 178 -41.79 13.83 31.40
C ASP A 178 -40.51 13.26 32.03
N GLN A 179 -40.28 11.97 31.84
CA GLN A 179 -39.10 11.30 32.37
C GLN A 179 -37.82 11.75 31.65
N ALA A 180 -37.81 11.59 30.33
CA ALA A 180 -36.65 11.95 29.49
C ALA A 180 -36.61 13.41 29.04
N GLY A 181 -37.77 13.95 28.68
CA GLY A 181 -37.85 15.33 28.23
C GLY A 181 -37.86 15.36 26.71
N CYS A 182 -37.46 14.25 26.10
CA CYS A 182 -37.42 14.10 24.65
C CYS A 182 -37.77 12.68 24.25
N CYS A 183 -37.85 12.44 22.96
CA CYS A 183 -38.16 11.12 22.43
C CYS A 183 -38.13 11.21 20.92
N ILE A 184 -37.82 10.09 20.26
CA ILE A 184 -37.78 10.05 18.81
C ILE A 184 -38.59 8.86 18.33
N VAL A 185 -39.63 9.15 17.56
CA VAL A 185 -40.53 8.11 17.07
C VAL A 185 -40.97 8.33 15.62
N GLY A 186 -41.35 7.26 14.94
CA GLY A 186 -41.80 7.39 13.56
C GLY A 186 -43.30 7.26 13.37
N GLN A 187 -43.77 7.63 12.18
CA GLN A 187 -45.19 7.55 11.84
C GLN A 187 -45.78 6.22 12.33
N SER A 188 -47.10 6.15 12.46
CA SER A 188 -47.74 4.94 12.93
C SER A 188 -49.22 4.95 12.62
N GLU A 189 -49.98 4.10 13.31
CA GLU A 189 -51.42 4.00 13.11
C GLU A 189 -52.18 5.17 13.75
N GLN A 190 -51.52 5.92 14.63
CA GLN A 190 -52.16 7.06 15.29
C GLN A 190 -51.53 8.41 14.94
N LEU A 191 -50.30 8.38 14.45
CA LEU A 191 -49.57 9.61 14.10
C LEU A 191 -49.21 9.72 12.62
N VAL A 192 -49.66 10.79 11.97
CA VAL A 192 -49.39 11.02 10.56
C VAL A 192 -49.29 9.73 9.74
N PRO A 193 -50.28 8.82 9.90
CA PRO A 193 -50.34 7.52 9.21
C PRO A 193 -50.07 7.60 7.72
N ALA A 194 -50.83 8.43 7.01
CA ALA A 194 -50.67 8.59 5.58
C ALA A 194 -49.23 8.95 5.18
N ASP A 195 -48.61 9.86 5.95
CA ASP A 195 -47.24 10.24 5.64
C ASP A 195 -46.36 8.99 5.69
N GLY A 196 -46.64 8.12 6.65
CA GLY A 196 -45.87 6.90 6.78
C GLY A 196 -46.00 6.07 5.51
N ILE A 197 -47.21 6.00 4.95
CA ILE A 197 -47.40 5.21 3.76
C ILE A 197 -46.56 5.71 2.60
N LEU A 198 -46.67 7.00 2.31
CA LEU A 198 -45.93 7.62 1.21
C LEU A 198 -44.42 7.66 1.37
N TYR A 199 -43.99 8.13 2.53
CA TYR A 199 -42.60 8.27 2.87
C TYR A 199 -41.81 6.99 2.60
N ALA A 200 -42.45 5.85 2.81
CA ALA A 200 -41.79 4.58 2.56
C ALA A 200 -41.63 4.44 1.04
N ALA A 201 -42.71 4.71 0.31
CA ALA A 201 -42.70 4.65 -1.15
C ALA A 201 -41.75 5.68 -1.75
N ARG A 202 -41.89 6.95 -1.36
CA ARG A 202 -41.02 8.01 -1.88
C ARG A 202 -39.57 7.57 -2.03
N ASP A 203 -39.05 6.94 -1.00
CA ASP A 203 -37.67 6.50 -0.97
C ASP A 203 -37.29 5.43 -2.00
N VAL A 204 -38.17 4.47 -2.24
CA VAL A 204 -37.86 3.41 -3.18
C VAL A 204 -38.60 3.54 -4.50
N THR A 205 -39.07 4.74 -4.78
CA THR A 205 -39.79 4.99 -6.02
C THR A 205 -39.09 6.07 -6.83
N ALA A 206 -38.02 6.62 -6.26
CA ALA A 206 -37.29 7.67 -6.93
C ALA A 206 -38.26 8.82 -7.04
N THR A 207 -38.98 9.05 -5.94
CA THR A 207 -39.97 10.11 -5.89
C THR A 207 -39.73 10.96 -4.63
N VAL A 208 -38.47 11.22 -4.29
CA VAL A 208 -38.21 12.02 -3.10
C VAL A 208 -38.00 13.49 -3.40
N ASP A 209 -37.16 13.80 -4.40
CA ASP A 209 -36.90 15.19 -4.75
C ASP A 209 -38.09 15.95 -5.36
N SER A 210 -39.04 16.36 -4.51
CA SER A 210 -40.21 17.10 -4.94
C SER A 210 -40.60 18.06 -3.82
N LEU A 211 -40.30 19.33 -4.05
CA LEU A 211 -40.59 20.40 -3.10
C LEU A 211 -41.93 20.22 -2.37
N PRO A 212 -42.96 19.81 -3.10
CA PRO A 212 -44.26 19.60 -2.45
C PRO A 212 -44.32 18.39 -1.52
N LEU A 213 -43.80 17.26 -1.98
CA LEU A 213 -43.79 16.02 -1.19
C LEU A 213 -42.85 16.22 -0.01
N ILE A 214 -41.87 17.08 -0.19
CA ILE A 214 -40.91 17.36 0.86
C ILE A 214 -41.57 18.25 1.90
N THR A 215 -42.10 19.39 1.46
CA THR A 215 -42.77 20.33 2.34
C THR A 215 -43.88 19.69 3.15
N ALA A 216 -44.66 18.82 2.51
CA ALA A 216 -45.79 18.13 3.15
C ALA A 216 -45.31 17.07 4.14
N SER A 217 -44.40 16.24 3.67
CA SER A 217 -43.83 15.18 4.48
C SER A 217 -43.34 15.77 5.80
N ILE A 218 -42.59 16.87 5.72
CA ILE A 218 -42.02 17.51 6.92
C ILE A 218 -43.02 18.25 7.79
N LEU A 219 -43.60 19.32 7.25
CA LEU A 219 -44.58 20.12 7.99
C LEU A 219 -45.66 19.30 8.67
N SER A 220 -46.15 18.27 8.00
CA SER A 220 -47.20 17.41 8.56
C SER A 220 -46.84 16.76 9.91
N LYS A 221 -45.65 16.18 9.98
CA LYS A 221 -45.20 15.55 11.21
C LYS A 221 -45.05 16.60 12.28
N LYS A 222 -44.26 17.63 11.99
CA LYS A 222 -44.02 18.69 12.96
C LYS A 222 -45.35 19.35 13.42
N LEU A 223 -46.34 19.41 12.53
CA LEU A 223 -47.64 19.98 12.87
C LEU A 223 -48.28 19.16 13.99
N VAL A 224 -48.50 17.88 13.71
CA VAL A 224 -49.07 16.95 14.66
C VAL A 224 -48.46 17.04 16.06
N GLU A 225 -47.31 17.71 16.18
CA GLU A 225 -46.66 17.84 17.48
C GLU A 225 -47.13 19.10 18.20
N GLY A 226 -47.33 20.18 17.46
CA GLY A 226 -47.76 21.43 18.06
C GLY A 226 -46.61 21.96 18.87
N LEU A 227 -45.71 22.69 18.21
CA LEU A 227 -44.52 23.19 18.88
C LEU A 227 -44.53 24.71 19.06
N SER A 228 -43.76 25.20 20.02
CA SER A 228 -43.65 26.64 20.28
C SER A 228 -42.78 27.26 19.18
N ALA A 229 -41.76 26.53 18.78
CA ALA A 229 -40.82 26.95 17.74
C ALA A 229 -40.29 25.72 16.99
N LEU A 230 -39.89 25.92 15.74
CA LEU A 230 -39.38 24.81 14.93
C LEU A 230 -38.30 25.23 13.94
N VAL A 231 -37.16 24.56 14.00
CA VAL A 231 -36.07 24.86 13.08
C VAL A 231 -35.93 23.74 12.05
N VAL A 232 -35.73 24.13 10.80
CA VAL A 232 -35.58 23.14 9.74
C VAL A 232 -34.17 23.20 9.15
N ASP A 233 -33.56 22.04 9.01
CA ASP A 233 -32.21 21.91 8.46
C ASP A 233 -32.37 21.66 6.98
N VAL A 234 -31.90 22.61 6.17
CA VAL A 234 -32.00 22.52 4.72
C VAL A 234 -30.62 22.36 4.11
N LYS A 235 -30.25 21.13 3.75
CA LYS A 235 -28.93 20.86 3.21
C LYS A 235 -28.84 21.33 1.76
N PHE A 236 -27.62 21.56 1.29
CA PHE A 236 -27.39 22.01 -0.08
C PHE A 236 -26.03 21.50 -0.57
N GLY A 237 -25.86 21.46 -1.88
CA GLY A 237 -24.62 21.00 -2.50
C GLY A 237 -24.45 19.48 -2.39
N GLY A 238 -23.35 18.98 -2.93
CA GLY A 238 -22.96 17.58 -2.94
C GLY A 238 -24.05 16.50 -2.91
N ALA A 239 -24.23 15.90 -1.74
CA ALA A 239 -25.16 14.79 -1.55
C ALA A 239 -26.52 15.19 -1.00
N ALA A 240 -26.89 16.45 -1.16
CA ALA A 240 -28.17 16.93 -0.66
C ALA A 240 -29.24 16.62 -1.70
N VAL A 241 -30.47 16.36 -1.24
CA VAL A 241 -31.58 16.08 -2.14
C VAL A 241 -31.61 17.08 -3.29
N PHE A 242 -31.59 18.37 -2.94
CA PHE A 242 -31.59 19.46 -3.91
C PHE A 242 -30.23 20.15 -3.88
N PRO A 243 -29.26 19.65 -4.66
CA PRO A 243 -27.89 20.16 -4.77
C PRO A 243 -27.75 21.68 -4.86
N ASN A 244 -28.25 22.26 -5.96
CA ASN A 244 -28.19 23.69 -6.16
C ASN A 244 -28.47 24.50 -4.90
N GLN A 245 -27.49 25.27 -4.46
CA GLN A 245 -27.64 26.08 -3.25
C GLN A 245 -28.92 26.91 -3.20
N GLU A 246 -29.12 27.78 -4.18
CA GLU A 246 -30.31 28.62 -4.23
C GLU A 246 -31.58 27.81 -4.40
N GLN A 247 -31.57 26.89 -5.35
CA GLN A 247 -32.73 26.04 -5.59
C GLN A 247 -33.01 25.27 -4.30
N ALA A 248 -32.11 25.42 -3.34
CA ALA A 248 -32.25 24.77 -2.05
C ALA A 248 -32.75 25.85 -1.11
N ARG A 249 -32.23 27.05 -1.29
CA ARG A 249 -32.61 28.18 -0.46
C ARG A 249 -34.09 28.48 -0.65
N GLU A 250 -34.65 28.06 -1.78
CA GLU A 250 -36.07 28.28 -2.03
C GLU A 250 -36.85 27.34 -1.14
N LEU A 251 -36.40 26.09 -1.10
CA LEU A 251 -37.02 25.07 -0.27
C LEU A 251 -37.07 25.59 1.16
N ALA A 252 -36.14 26.49 1.50
CA ALA A 252 -36.08 27.08 2.82
C ALA A 252 -37.15 28.14 3.00
N LYS A 253 -37.20 29.12 2.11
CA LYS A 253 -38.20 30.17 2.22
C LYS A 253 -39.57 29.54 2.12
N THR A 254 -39.61 28.36 1.51
CA THR A 254 -40.86 27.66 1.32
C THR A 254 -41.40 27.00 2.59
N LEU A 255 -40.59 26.16 3.22
CA LEU A 255 -41.03 25.49 4.44
C LEU A 255 -41.36 26.55 5.48
N VAL A 256 -40.60 27.64 5.47
CA VAL A 256 -40.87 28.74 6.37
C VAL A 256 -42.16 29.36 5.83
N GLY A 257 -42.27 29.36 4.50
CA GLY A 257 -43.45 29.91 3.87
C GLY A 257 -44.71 29.23 4.36
N VAL A 258 -45.06 28.10 3.74
CA VAL A 258 -46.24 27.35 4.12
C VAL A 258 -46.32 27.18 5.65
N GLY A 259 -45.21 26.77 6.26
CA GLY A 259 -45.18 26.59 7.70
C GLY A 259 -45.79 27.76 8.45
N ALA A 260 -45.53 28.96 7.95
CA ALA A 260 -46.07 30.17 8.56
C ALA A 260 -47.58 30.03 8.56
N SER A 261 -48.15 30.04 7.35
CA SER A 261 -49.60 29.92 7.18
C SER A 261 -50.23 28.83 8.03
N LEU A 262 -49.66 27.63 8.01
CA LEU A 262 -50.23 26.55 8.80
C LEU A 262 -50.33 26.97 10.27
N GLY A 263 -49.61 28.01 10.64
CA GLY A 263 -49.64 28.50 12.01
C GLY A 263 -48.44 28.05 12.83
N LEU A 264 -47.33 27.77 12.17
CA LEU A 264 -46.11 27.31 12.83
C LEU A 264 -44.95 28.29 12.74
N ARG A 265 -44.25 28.48 13.86
CA ARG A 265 -43.09 29.38 13.87
C ARG A 265 -41.98 28.52 13.31
N VAL A 266 -41.47 28.92 12.15
CA VAL A 266 -40.44 28.14 11.49
C VAL A 266 -39.17 28.90 11.07
N ALA A 267 -38.03 28.38 11.50
CA ALA A 267 -36.75 28.97 11.14
C ALA A 267 -36.02 27.90 10.32
N ALA A 268 -35.56 28.28 9.13
CA ALA A 268 -34.84 27.35 8.26
C ALA A 268 -33.40 27.81 8.01
N ALA A 269 -32.46 26.89 8.18
CA ALA A 269 -31.05 27.20 7.96
C ALA A 269 -30.45 26.33 6.88
N LEU A 270 -29.66 26.95 6.01
CA LEU A 270 -28.98 26.21 4.95
C LEU A 270 -27.61 25.79 5.50
N THR A 271 -27.36 24.50 5.44
CA THR A 271 -26.12 23.95 5.93
C THR A 271 -25.58 23.13 4.75
N ALA A 272 -24.26 23.14 4.58
CA ALA A 272 -23.63 22.41 3.48
C ALA A 272 -23.67 20.91 3.71
N MET A 273 -23.74 20.16 2.61
CA MET A 273 -23.76 18.71 2.63
C MET A 273 -22.86 18.11 1.56
N ASP A 274 -21.76 18.78 1.24
CA ASP A 274 -20.83 18.27 0.23
C ASP A 274 -19.99 17.15 0.78
N LYS A 275 -19.75 17.19 2.08
CA LYS A 275 -19.00 16.15 2.74
C LYS A 275 -19.86 15.68 3.90
N PRO A 276 -19.68 14.43 4.34
CA PRO A 276 -20.42 13.84 5.46
C PRO A 276 -20.31 14.69 6.70
N LEU A 277 -21.39 14.77 7.47
CA LEU A 277 -21.32 15.53 8.69
C LEU A 277 -20.57 14.58 9.62
N GLY A 278 -19.59 15.09 10.37
CA GLY A 278 -18.84 14.20 11.25
C GLY A 278 -17.86 13.32 10.50
N ARG A 279 -17.58 12.14 11.05
CA ARG A 279 -16.64 11.21 10.44
C ARG A 279 -17.20 9.79 10.21
N CYS A 280 -18.44 9.56 10.64
CA CYS A 280 -19.05 8.25 10.47
C CYS A 280 -20.31 8.33 9.64
N VAL A 281 -20.38 7.52 8.61
CA VAL A 281 -21.55 7.49 7.76
C VAL A 281 -22.08 6.07 7.89
N GLY A 282 -23.34 5.93 8.29
CA GLY A 282 -23.91 4.60 8.43
C GLY A 282 -25.10 4.55 9.35
N HIS A 283 -24.99 3.74 10.40
CA HIS A 283 -26.06 3.56 11.38
C HIS A 283 -25.50 3.39 12.77
N ALA A 284 -24.91 2.22 13.03
CA ALA A 284 -24.34 1.97 14.33
C ALA A 284 -23.16 2.90 14.49
N LEU A 285 -22.36 3.00 13.45
CA LEU A 285 -21.18 3.85 13.47
C LEU A 285 -21.60 5.25 13.86
N GLU A 286 -22.70 5.70 13.29
CA GLU A 286 -23.21 7.04 13.59
C GLU A 286 -23.73 7.21 15.02
N VAL A 287 -24.25 6.14 15.61
CA VAL A 287 -24.74 6.23 16.96
C VAL A 287 -23.56 6.42 17.88
N GLU A 288 -22.40 5.93 17.45
CA GLU A 288 -21.18 6.06 18.24
C GLU A 288 -20.66 7.51 18.17
N GLU A 289 -20.56 8.05 16.96
CA GLU A 289 -20.06 9.41 16.81
C GLU A 289 -21.00 10.42 17.44
N ALA A 290 -22.16 9.95 17.88
CA ALA A 290 -23.10 10.84 18.53
C ALA A 290 -22.75 10.83 20.03
N LEU A 291 -22.55 9.63 20.56
CA LEU A 291 -22.20 9.45 21.96
C LEU A 291 -20.89 10.17 22.25
N LEU A 292 -19.99 10.13 21.26
CA LEU A 292 -18.72 10.82 21.36
C LEU A 292 -18.93 12.31 21.51
N CYS A 293 -20.05 12.82 20.98
CA CYS A 293 -20.34 14.24 21.10
C CYS A 293 -20.72 14.62 22.54
N MET A 294 -21.78 13.94 23.03
CA MET A 294 -22.28 14.11 24.39
C MET A 294 -21.16 13.84 25.34
N ASP A 295 -20.39 12.82 25.02
CA ASP A 295 -19.27 12.60 25.89
C ASP A 295 -18.68 13.97 26.27
N GLY A 296 -17.68 14.31 25.48
CA GLY A 296 -16.94 15.57 25.52
C GLY A 296 -17.09 16.24 24.15
N ALA A 297 -16.32 15.84 23.14
CA ALA A 297 -16.53 16.33 21.78
C ALA A 297 -15.83 15.46 20.75
N GLY A 298 -16.52 15.18 19.65
CA GLY A 298 -15.95 14.41 18.55
C GLY A 298 -15.56 15.30 17.40
N PRO A 299 -16.34 15.27 16.33
CA PRO A 299 -16.09 16.13 15.16
C PRO A 299 -16.55 17.58 15.39
N PRO A 300 -15.78 18.55 14.85
CA PRO A 300 -16.10 19.98 14.99
C PRO A 300 -17.37 20.39 14.26
N ASP A 301 -17.55 19.87 13.06
CA ASP A 301 -18.74 20.20 12.27
C ASP A 301 -20.00 19.66 12.94
N LEU A 302 -19.93 18.45 13.48
CA LEU A 302 -21.05 17.84 14.17
C LEU A 302 -21.47 18.75 15.32
N ARG A 303 -20.50 19.13 16.13
CA ARG A 303 -20.76 19.99 17.28
C ARG A 303 -21.30 21.35 16.81
N ASP A 304 -20.62 21.93 15.82
CA ASP A 304 -20.99 23.22 15.26
C ASP A 304 -22.51 23.32 15.06
N LEU A 305 -23.08 22.39 14.29
CA LEU A 305 -24.51 22.40 14.01
C LEU A 305 -25.40 22.14 15.21
N VAL A 306 -25.02 21.19 16.06
CA VAL A 306 -25.81 20.86 17.24
C VAL A 306 -25.98 22.07 18.12
N THR A 307 -24.90 22.83 18.27
CA THR A 307 -24.92 24.03 19.07
C THR A 307 -25.60 25.13 18.27
N THR A 308 -25.14 25.35 17.03
CA THR A 308 -25.74 26.38 16.20
C THR A 308 -27.26 26.21 16.13
N LEU A 309 -27.72 25.15 15.46
CA LEU A 309 -29.15 24.87 15.34
C LEU A 309 -29.84 24.87 16.71
N GLY A 310 -29.17 24.29 17.71
CA GLY A 310 -29.73 24.23 19.05
C GLY A 310 -29.96 25.61 19.63
N GLY A 311 -28.98 26.49 19.42
CA GLY A 311 -29.08 27.86 19.90
C GLY A 311 -30.15 28.64 19.19
N ALA A 312 -30.44 28.25 17.94
CA ALA A 312 -31.48 28.91 17.19
C ALA A 312 -32.82 28.60 17.83
N LEU A 313 -33.06 27.32 18.09
CA LEU A 313 -34.31 26.92 18.70
C LEU A 313 -34.58 27.65 20.01
N LEU A 314 -33.55 27.83 20.83
CA LEU A 314 -33.75 28.55 22.09
C LEU A 314 -34.09 30.01 21.82
N TRP A 315 -33.34 30.66 20.94
CA TRP A 315 -33.59 32.05 20.60
C TRP A 315 -35.02 32.17 20.01
N LEU A 316 -35.28 31.38 18.97
CA LEU A 316 -36.57 31.33 18.28
C LEU A 316 -37.72 31.04 19.24
N SER A 317 -37.59 29.99 20.05
CA SER A 317 -38.63 29.68 21.00
C SER A 317 -38.58 30.74 22.11
N GLY A 318 -37.80 31.79 21.89
CA GLY A 318 -37.68 32.86 22.87
C GLY A 318 -37.23 32.41 24.25
N HIS A 319 -36.42 31.36 24.29
CA HIS A 319 -35.90 30.77 25.53
C HIS A 319 -34.44 31.17 25.81
N ALA A 320 -33.88 32.03 24.97
CA ALA A 320 -32.50 32.48 25.13
C ALA A 320 -32.33 33.87 24.49
N GLY A 321 -31.61 34.75 25.19
CA GLY A 321 -31.39 36.10 24.69
C GLY A 321 -31.16 36.13 23.21
N THR A 322 -29.99 35.64 22.80
CA THR A 322 -29.60 35.57 21.41
C THR A 322 -29.25 34.12 21.10
N GLN A 323 -28.88 33.85 19.85
CA GLN A 323 -28.48 32.52 19.43
C GLN A 323 -27.18 32.13 20.15
N ALA A 324 -26.28 33.10 20.29
CA ALA A 324 -25.00 32.87 20.94
C ALA A 324 -25.25 32.30 22.32
N GLN A 325 -26.11 32.98 23.06
CA GLN A 325 -26.43 32.52 24.41
C GLN A 325 -27.05 31.15 24.28
N GLY A 326 -28.05 31.04 23.43
CA GLY A 326 -28.72 29.77 23.21
C GLY A 326 -27.67 28.70 22.99
N ALA A 327 -26.99 28.82 21.85
CA ALA A 327 -25.93 27.91 21.45
C ALA A 327 -24.95 27.63 22.61
N ALA A 328 -24.62 28.66 23.37
CA ALA A 328 -23.69 28.50 24.49
C ALA A 328 -24.18 27.51 25.54
N ARG A 329 -25.48 27.51 25.84
CA ARG A 329 -26.03 26.59 26.83
C ARG A 329 -26.05 25.15 26.32
N VAL A 330 -26.33 24.97 25.04
CA VAL A 330 -26.35 23.63 24.47
C VAL A 330 -24.94 23.05 24.54
N ALA A 331 -23.96 23.81 24.07
CA ALA A 331 -22.57 23.36 24.11
C ALA A 331 -22.33 22.89 25.53
N ALA A 332 -22.80 23.69 26.48
CA ALA A 332 -22.66 23.40 27.90
C ALA A 332 -23.16 21.99 28.18
N ALA A 333 -24.37 21.69 27.73
CA ALA A 333 -24.98 20.37 27.93
C ALA A 333 -24.03 19.30 27.39
N LEU A 334 -23.51 19.56 26.21
CA LEU A 334 -22.57 18.66 25.57
C LEU A 334 -21.41 18.32 26.48
N ASP A 335 -20.80 19.36 27.06
CA ASP A 335 -19.64 19.20 27.92
C ASP A 335 -19.79 18.64 29.32
N ASP A 336 -20.95 18.80 29.95
CA ASP A 336 -21.12 18.31 31.32
C ASP A 336 -21.98 17.08 31.56
N GLY A 337 -22.05 16.19 30.58
CA GLY A 337 -22.83 14.97 30.76
C GLY A 337 -24.34 15.08 30.81
N SER A 338 -24.89 16.28 30.73
CA SER A 338 -26.34 16.43 30.74
C SER A 338 -26.97 15.57 29.63
N ALA A 339 -26.73 15.97 28.39
CA ALA A 339 -27.23 15.28 27.20
C ALA A 339 -27.02 13.76 27.29
N LEU A 340 -25.88 13.34 27.83
CA LEU A 340 -25.61 11.92 28.00
C LEU A 340 -26.66 11.31 28.94
N GLY A 341 -27.09 12.09 29.92
CA GLY A 341 -28.07 11.64 30.89
C GLY A 341 -29.47 11.56 30.32
N ARG A 342 -29.91 12.68 29.78
CA ARG A 342 -31.21 12.75 29.15
C ARG A 342 -31.27 11.59 28.14
N PHE A 343 -30.27 11.52 27.26
CA PHE A 343 -30.22 10.46 26.26
C PHE A 343 -30.39 9.09 26.86
N GLU A 344 -29.78 8.84 28.01
CA GLU A 344 -29.88 7.53 28.63
C GLU A 344 -31.30 7.21 29.07
N ARG A 345 -31.94 8.18 29.69
CA ARG A 345 -33.31 7.97 30.14
C ARG A 345 -34.14 7.61 28.91
N MET A 346 -33.88 8.33 27.82
CA MET A 346 -34.57 8.16 26.56
C MET A 346 -34.54 6.75 25.98
N LEU A 347 -33.34 6.18 25.85
CA LEU A 347 -33.23 4.85 25.31
C LEU A 347 -34.05 3.90 26.16
N ALA A 348 -33.77 3.92 27.45
CA ALA A 348 -34.47 3.06 28.39
C ALA A 348 -35.96 3.31 28.25
N ALA A 349 -36.33 4.57 28.42
CA ALA A 349 -37.72 4.98 28.33
C ALA A 349 -38.37 4.46 27.04
N GLN A 350 -37.58 4.14 26.03
CA GLN A 350 -38.13 3.64 24.78
C GLN A 350 -37.80 2.19 24.46
N GLY A 351 -37.86 1.34 25.47
CA GLY A 351 -37.61 -0.08 25.24
C GLY A 351 -36.22 -0.65 25.43
N VAL A 352 -35.20 0.20 25.60
CA VAL A 352 -33.86 -0.34 25.76
C VAL A 352 -33.58 -0.81 27.19
N ASP A 353 -33.08 -2.03 27.28
CA ASP A 353 -32.73 -2.63 28.56
C ASP A 353 -31.90 -1.63 29.35
N PRO A 354 -32.46 -1.10 30.45
CA PRO A 354 -31.79 -0.11 31.31
C PRO A 354 -30.29 -0.35 31.42
N GLY A 355 -29.92 -1.59 31.70
CA GLY A 355 -28.51 -1.94 31.83
C GLY A 355 -27.71 -1.54 30.62
N LEU A 356 -28.13 -2.02 29.44
CA LEU A 356 -27.46 -1.72 28.18
C LEU A 356 -27.27 -0.19 28.05
N ALA A 357 -28.33 0.55 28.34
CA ALA A 357 -28.31 2.02 28.25
C ALA A 357 -27.28 2.73 29.13
N ARG A 358 -27.01 2.20 30.32
CA ARG A 358 -26.03 2.83 31.20
C ARG A 358 -24.67 2.43 30.69
N ALA A 359 -24.64 1.28 30.06
CA ALA A 359 -23.41 0.74 29.49
C ALA A 359 -23.05 1.52 28.24
N LEU A 360 -24.07 1.81 27.43
CA LEU A 360 -23.84 2.55 26.19
C LEU A 360 -23.37 3.98 26.41
N CYS A 361 -23.98 4.66 27.37
CA CYS A 361 -23.61 6.03 27.64
C CYS A 361 -22.33 6.17 28.47
N SER A 362 -22.25 5.46 29.59
CA SER A 362 -21.06 5.54 30.44
C SER A 362 -19.95 4.71 29.88
N GLY A 363 -20.21 4.05 28.77
CA GLY A 363 -19.21 3.21 28.15
C GLY A 363 -18.15 3.94 27.35
N SER A 364 -16.98 3.32 27.27
CA SER A 364 -15.89 3.89 26.53
C SER A 364 -16.22 3.69 25.04
N PRO A 365 -15.44 4.30 24.14
CA PRO A 365 -15.79 4.06 22.75
C PRO A 365 -15.60 2.56 22.42
N ALA A 366 -14.54 1.97 22.95
CA ALA A 366 -14.27 0.56 22.70
C ALA A 366 -15.45 -0.29 23.15
N GLU A 367 -16.06 0.06 24.28
CA GLU A 367 -17.22 -0.67 24.78
C GLU A 367 -18.39 -0.57 23.81
N ARG A 368 -18.75 0.66 23.47
CA ARG A 368 -19.86 0.95 22.58
C ARG A 368 -19.77 0.24 21.24
N ARG A 369 -18.54 -0.10 20.84
CA ARG A 369 -18.31 -0.79 19.57
C ARG A 369 -18.74 -2.25 19.68
N GLN A 370 -18.38 -2.85 20.81
CA GLN A 370 -18.67 -4.24 21.11
C GLN A 370 -20.10 -4.45 21.58
N LEU A 371 -20.82 -3.36 21.80
CA LEU A 371 -22.20 -3.43 22.22
C LEU A 371 -23.19 -3.19 21.06
N LEU A 372 -22.71 -2.57 19.98
CA LEU A 372 -23.56 -2.27 18.83
C LEU A 372 -23.25 -3.18 17.65
N PRO A 373 -24.16 -3.28 16.65
CA PRO A 373 -24.01 -4.10 15.44
C PRO A 373 -22.74 -3.86 14.63
N ARG A 374 -21.82 -4.83 14.58
CA ARG A 374 -20.62 -4.65 13.76
C ARG A 374 -20.62 -5.52 12.52
N ALA A 375 -20.10 -4.96 11.44
CA ALA A 375 -20.05 -5.66 10.17
C ALA A 375 -19.04 -6.78 10.21
N ARG A 376 -19.19 -7.69 9.25
CA ARG A 376 -18.31 -8.83 9.08
C ARG A 376 -16.87 -8.32 9.01
N GLU A 377 -16.33 -8.13 7.82
CA GLU A 377 -14.96 -7.65 7.71
C GLU A 377 -14.98 -6.14 7.54
N GLN A 378 -13.79 -5.56 7.36
CA GLN A 378 -13.71 -4.12 7.16
C GLN A 378 -12.34 -3.72 6.64
N GLU A 379 -12.27 -3.29 5.38
CA GLU A 379 -11.02 -2.88 4.78
C GLU A 379 -10.80 -1.37 4.80
N GLU A 380 -9.60 -0.95 4.44
CA GLU A 380 -9.25 0.46 4.44
C GLU A 380 -8.57 0.95 3.16
N LEU A 381 -9.08 2.05 2.63
CA LEU A 381 -8.55 2.68 1.42
C LEU A 381 -7.36 3.55 1.79
N LEU A 382 -6.24 3.36 1.10
CA LEU A 382 -5.04 4.16 1.36
C LEU A 382 -4.92 5.36 0.41
N ALA A 383 -4.21 6.39 0.87
CA ALA A 383 -4.04 7.62 0.08
C ALA A 383 -3.15 7.40 -1.14
N PRO A 384 -3.64 7.77 -2.33
CA PRO A 384 -2.78 7.57 -3.50
C PRO A 384 -1.60 8.53 -3.59
N ALA A 385 -1.88 9.82 -3.43
CA ALA A 385 -0.84 10.84 -3.53
C ALA A 385 -0.65 11.63 -2.25
N ASP A 386 0.51 12.23 -2.11
CA ASP A 386 0.74 13.13 -1.01
C ASP A 386 -0.14 14.30 -1.30
N GLY A 387 -0.72 14.95 -0.29
CA GLY A 387 -1.58 16.08 -0.60
C GLY A 387 -2.41 16.56 0.56
N THR A 388 -3.20 17.59 0.30
CA THR A 388 -4.03 18.16 1.34
C THR A 388 -5.50 17.87 1.12
N VAL A 389 -6.04 17.02 1.97
CA VAL A 389 -7.44 16.67 1.88
C VAL A 389 -8.21 17.97 1.69
N GLU A 390 -8.88 18.10 0.55
CA GLU A 390 -9.69 19.27 0.28
C GLU A 390 -11.07 18.95 0.80
N LEU A 391 -11.60 17.80 0.37
CA LEU A 391 -12.90 17.34 0.84
C LEU A 391 -13.12 15.87 0.46
N VAL A 392 -14.10 15.25 1.11
CA VAL A 392 -14.44 13.88 0.81
C VAL A 392 -15.81 13.97 0.17
N ARG A 393 -15.96 13.39 -1.01
CA ARG A 393 -17.24 13.46 -1.68
C ARG A 393 -18.30 12.60 -0.99
N ALA A 394 -19.30 13.27 -0.43
CA ALA A 394 -20.38 12.61 0.28
C ALA A 394 -21.25 11.70 -0.58
N LEU A 395 -21.63 12.16 -1.76
CA LEU A 395 -22.48 11.37 -2.64
C LEU A 395 -21.93 9.98 -2.99
N PRO A 396 -20.71 9.90 -3.53
CA PRO A 396 -20.17 8.59 -3.87
C PRO A 396 -20.21 7.66 -2.67
N LEU A 397 -19.94 8.19 -1.49
CA LEU A 397 -19.97 7.41 -0.26
C LEU A 397 -21.36 6.85 -0.01
N ALA A 398 -22.28 7.74 0.27
CA ALA A 398 -23.65 7.35 0.55
C ALA A 398 -24.17 6.38 -0.50
N LEU A 399 -23.84 6.61 -1.76
CA LEU A 399 -24.29 5.73 -2.84
C LEU A 399 -23.71 4.31 -2.79
N VAL A 400 -22.43 4.20 -2.46
CA VAL A 400 -21.80 2.88 -2.37
C VAL A 400 -22.32 2.16 -1.13
N LEU A 401 -22.23 2.83 0.01
CA LEU A 401 -22.72 2.27 1.26
C LEU A 401 -24.17 1.80 1.10
N HIS A 402 -24.96 2.52 0.31
CA HIS A 402 -26.37 2.17 0.05
C HIS A 402 -26.38 0.79 -0.56
N GLU A 403 -25.58 0.60 -1.61
CA GLU A 403 -25.47 -0.68 -2.26
C GLU A 403 -25.00 -1.73 -1.25
N LEU A 404 -24.26 -1.31 -0.23
CA LEU A 404 -23.76 -2.26 0.75
C LEU A 404 -24.77 -2.64 1.83
N GLY A 405 -26.02 -2.20 1.71
CA GLY A 405 -27.01 -2.56 2.71
C GLY A 405 -27.32 -1.52 3.79
N ALA A 406 -26.75 -0.33 3.64
CA ALA A 406 -26.94 0.78 4.57
C ALA A 406 -28.09 1.63 4.07
N GLY A 407 -28.70 1.20 2.96
CA GLY A 407 -29.80 1.91 2.37
C GLY A 407 -30.89 0.91 2.02
N ARG A 408 -32.10 1.41 1.78
CA ARG A 408 -33.22 0.54 1.45
C ARG A 408 -33.40 0.44 -0.06
N SER A 409 -33.71 -0.77 -0.52
CA SER A 409 -33.93 -1.06 -1.95
C SER A 409 -35.38 -1.26 -2.20
N ARG A 410 -36.10 -1.72 -1.20
CA ARG A 410 -37.49 -1.99 -1.40
C ARG A 410 -38.11 -2.13 -0.04
N ALA A 411 -38.88 -1.09 0.21
CA ALA A 411 -39.59 -0.90 1.41
C ALA A 411 -39.91 -2.17 2.13
N GLY A 412 -39.84 -1.96 3.43
CA GLY A 412 -40.10 -2.96 4.41
C GLY A 412 -38.95 -3.91 4.57
N GLU A 413 -37.75 -3.54 4.14
CA GLU A 413 -36.67 -4.51 4.28
C GLU A 413 -35.68 -4.18 5.38
N PRO A 414 -35.10 -5.20 6.00
CA PRO A 414 -34.12 -5.01 7.04
C PRO A 414 -32.98 -4.14 6.52
N LEU A 415 -32.02 -3.82 7.37
CA LEU A 415 -30.90 -3.00 6.95
C LEU A 415 -29.66 -3.58 7.60
N ARG A 416 -28.53 -3.48 6.92
CA ARG A 416 -27.27 -3.98 7.47
C ARG A 416 -26.76 -2.86 8.38
N LEU A 417 -27.18 -2.88 9.66
CA LEU A 417 -26.79 -1.84 10.59
C LEU A 417 -25.33 -1.73 10.99
N GLY A 418 -24.56 -2.79 10.78
CA GLY A 418 -23.15 -2.73 11.12
C GLY A 418 -22.41 -1.96 10.04
N VAL A 419 -22.75 -2.26 8.78
CA VAL A 419 -22.17 -1.61 7.62
C VAL A 419 -22.16 -0.08 7.70
N GLY A 420 -21.13 0.53 7.13
CA GLY A 420 -20.99 1.98 7.15
C GLY A 420 -19.57 2.38 6.79
N ALA A 421 -19.16 3.59 7.16
CA ALA A 421 -17.81 4.05 6.84
C ALA A 421 -17.22 5.05 7.84
N GLU A 422 -15.90 4.99 8.01
CA GLU A 422 -15.19 5.89 8.92
C GLU A 422 -14.19 6.77 8.16
N LEU A 423 -14.30 8.09 8.36
CA LEU A 423 -13.38 9.03 7.74
C LEU A 423 -12.16 9.08 8.65
N LEU A 424 -11.02 8.67 8.11
CA LEU A 424 -9.80 8.66 8.90
C LEU A 424 -8.93 9.90 8.77
N VAL A 425 -9.31 10.83 7.90
CA VAL A 425 -8.59 12.09 7.73
C VAL A 425 -9.63 13.19 7.86
N ASP A 426 -9.19 14.38 8.23
CA ASP A 426 -10.15 15.47 8.37
C ASP A 426 -9.88 16.51 7.30
N VAL A 427 -10.94 16.98 6.65
CA VAL A 427 -10.81 17.97 5.59
C VAL A 427 -9.93 19.13 6.03
N GLY A 428 -9.18 19.65 5.07
CA GLY A 428 -8.32 20.78 5.35
C GLY A 428 -6.94 20.37 5.83
N GLN A 429 -6.76 19.10 6.19
CA GLN A 429 -5.48 18.65 6.70
C GLN A 429 -4.63 18.03 5.62
N ARG A 430 -3.36 17.80 5.95
CA ARG A 430 -2.42 17.20 5.02
C ARG A 430 -2.13 15.77 5.40
N LEU A 431 -2.25 14.86 4.44
CA LEU A 431 -1.98 13.46 4.72
C LEU A 431 -0.82 13.00 3.82
N ARG A 432 -0.32 11.80 4.06
CA ARG A 432 0.80 11.26 3.29
C ARG A 432 0.40 10.10 2.40
N ARG A 433 1.05 10.01 1.24
CA ARG A 433 0.80 8.94 0.30
C ARG A 433 0.89 7.61 1.04
N GLY A 434 -0.13 6.78 0.88
CA GLY A 434 -0.12 5.48 1.54
C GLY A 434 -0.88 5.40 2.85
N THR A 435 -1.11 6.54 3.48
CA THR A 435 -1.83 6.53 4.74
C THR A 435 -3.29 6.12 4.53
N PRO A 436 -3.91 5.56 5.58
CA PRO A 436 -5.31 5.17 5.43
C PRO A 436 -6.10 6.45 5.65
N TRP A 437 -7.16 6.66 4.88
CA TRP A 437 -7.96 7.86 5.04
C TRP A 437 -9.42 7.51 5.26
N LEU A 438 -9.80 6.28 4.90
CA LEU A 438 -11.17 5.84 5.08
C LEU A 438 -11.28 4.33 5.28
N ARG A 439 -12.11 3.92 6.24
CA ARG A 439 -12.28 2.51 6.51
C ARG A 439 -13.69 2.10 6.20
N VAL A 440 -13.80 0.98 5.49
CA VAL A 440 -15.10 0.45 5.08
C VAL A 440 -15.48 -0.82 5.82
N HIS A 441 -16.63 -0.79 6.47
CA HIS A 441 -17.15 -1.93 7.20
C HIS A 441 -18.19 -2.62 6.28
N ARG A 442 -17.87 -3.79 5.74
CA ARG A 442 -18.81 -4.47 4.86
C ARG A 442 -19.16 -5.85 5.33
N ASP A 443 -20.38 -6.28 5.00
CA ASP A 443 -20.89 -7.60 5.38
C ASP A 443 -20.73 -8.65 4.30
N GLY A 444 -20.16 -8.25 3.17
CA GLY A 444 -19.95 -9.18 2.08
C GLY A 444 -18.48 -9.50 2.02
N PRO A 445 -18.05 -10.46 1.18
CA PRO A 445 -16.62 -10.79 1.12
C PRO A 445 -15.68 -9.78 0.43
N ALA A 446 -16.20 -8.62 0.02
CA ALA A 446 -15.36 -7.62 -0.64
C ALA A 446 -16.14 -6.54 -1.40
N LEU A 447 -15.44 -5.48 -1.81
CA LEU A 447 -16.05 -4.41 -2.57
C LEU A 447 -15.82 -4.77 -4.02
N SER A 448 -16.73 -4.41 -4.91
CA SER A 448 -16.54 -4.72 -6.32
C SER A 448 -15.64 -3.65 -6.91
N GLY A 449 -15.19 -3.87 -8.14
CA GLY A 449 -14.32 -2.89 -8.78
C GLY A 449 -14.97 -1.51 -8.83
N PRO A 450 -16.18 -1.42 -9.39
CA PRO A 450 -16.92 -0.17 -9.50
C PRO A 450 -17.10 0.51 -8.14
N GLN A 451 -17.48 -0.27 -7.13
CA GLN A 451 -17.66 0.25 -5.78
C GLN A 451 -16.34 0.75 -5.21
N SER A 452 -15.28 0.03 -5.49
CA SER A 452 -13.98 0.43 -4.99
C SER A 452 -13.57 1.76 -5.62
N ARG A 453 -13.47 1.79 -6.94
CA ARG A 453 -13.08 3.01 -7.63
C ARG A 453 -13.95 4.18 -7.17
N ALA A 454 -15.23 3.89 -6.98
CA ALA A 454 -16.20 4.89 -6.52
C ALA A 454 -15.66 5.57 -5.28
N LEU A 455 -15.46 4.78 -4.25
CA LEU A 455 -14.92 5.25 -2.98
C LEU A 455 -13.64 6.05 -3.13
N GLN A 456 -12.62 5.37 -3.64
CA GLN A 456 -11.32 5.97 -3.83
C GLN A 456 -11.34 7.32 -4.50
N GLU A 457 -12.24 7.55 -5.44
CA GLU A 457 -12.25 8.85 -6.08
C GLU A 457 -13.10 9.91 -5.38
N ALA A 458 -13.76 9.52 -4.31
CA ALA A 458 -14.57 10.46 -3.55
C ALA A 458 -13.61 11.35 -2.75
N LEU A 459 -12.33 11.01 -2.83
CA LEU A 459 -11.27 11.73 -2.12
C LEU A 459 -10.63 12.78 -3.03
N VAL A 460 -10.66 14.03 -2.62
CA VAL A 460 -10.09 15.08 -3.45
C VAL A 460 -8.93 15.74 -2.70
N LEU A 461 -7.77 15.74 -3.35
CA LEU A 461 -6.54 16.29 -2.80
C LEU A 461 -6.01 17.48 -3.57
N SER A 462 -5.43 18.41 -2.85
CA SER A 462 -4.83 19.58 -3.45
C SER A 462 -3.45 19.68 -2.84
N ASP A 463 -2.68 20.62 -3.34
CA ASP A 463 -1.33 20.87 -2.86
C ASP A 463 -1.40 22.02 -1.85
N ARG A 464 -2.58 22.62 -1.75
CA ARG A 464 -2.81 23.73 -0.84
C ARG A 464 -2.36 23.42 0.58
N ALA A 465 -1.98 24.45 1.32
CA ALA A 465 -1.50 24.29 2.70
C ALA A 465 -2.63 23.88 3.59
N PRO A 466 -2.35 23.01 4.56
CA PRO A 466 -3.42 22.59 5.45
C PRO A 466 -4.17 23.79 6.03
N PHE A 467 -5.40 23.57 6.45
CA PHE A 467 -6.22 24.62 6.99
C PHE A 467 -7.30 24.07 7.90
N ALA A 468 -7.92 24.96 8.66
CA ALA A 468 -9.00 24.60 9.57
C ALA A 468 -10.28 24.44 8.77
N ALA A 469 -11.07 23.44 9.12
CA ALA A 469 -12.33 23.18 8.44
C ALA A 469 -13.34 24.30 8.71
N PRO A 470 -14.11 24.70 7.69
CA PRO A 470 -15.10 25.76 7.87
C PRO A 470 -16.38 25.16 8.44
N SER A 471 -17.30 26.01 8.85
CA SER A 471 -18.53 25.53 9.43
C SER A 471 -19.43 25.17 8.25
N PRO A 472 -20.19 24.08 8.36
CA PRO A 472 -21.07 23.71 7.25
C PRO A 472 -22.34 24.56 7.29
N PHE A 473 -22.42 25.45 8.28
CA PHE A 473 -23.56 26.33 8.46
C PHE A 473 -23.45 27.59 7.59
N ALA A 474 -24.47 27.81 6.77
CA ALA A 474 -24.48 28.97 5.88
C ALA A 474 -25.32 30.12 6.40
N GLU A 475 -26.55 30.24 5.91
CA GLU A 475 -27.44 31.31 6.37
C GLU A 475 -28.57 30.76 7.26
N LEU A 476 -29.44 31.65 7.70
CA LEU A 476 -30.57 31.25 8.53
C LEU A 476 -31.79 32.02 8.06
N VAL A 477 -32.59 31.38 7.21
CA VAL A 477 -33.79 32.00 6.71
C VAL A 477 -34.78 32.17 7.87
N LEU A 478 -35.27 33.38 8.08
CA LEU A 478 -36.20 33.62 9.19
C LEU A 478 -37.63 33.88 8.73
N PRO A 479 -38.61 33.76 9.64
CA PRO A 479 -40.04 33.96 9.38
C PRO A 479 -40.53 35.42 9.41
N PRO A 480 -41.68 35.67 8.97
N GLU B 32 -44.03 9.65 -47.44
CA GLU B 32 -43.77 8.94 -48.73
C GLU B 32 -42.30 9.06 -49.14
N PRO B 33 -41.43 8.20 -48.56
CA PRO B 33 -40.01 8.22 -48.89
C PRO B 33 -39.57 7.27 -50.00
N LYS B 34 -38.49 7.65 -50.67
CA LYS B 34 -37.91 6.87 -51.75
C LYS B 34 -37.19 5.68 -51.16
N GLN B 35 -36.62 4.85 -52.03
CA GLN B 35 -35.89 3.68 -51.60
C GLN B 35 -34.41 3.95 -51.91
N LEU B 36 -33.51 3.35 -51.14
CA LEU B 36 -32.09 3.60 -51.35
C LEU B 36 -31.67 3.61 -52.80
N PRO B 37 -32.08 2.60 -53.58
CA PRO B 37 -31.68 2.59 -54.98
C PRO B 37 -31.86 3.96 -55.64
N GLU B 38 -32.91 4.66 -55.25
CA GLU B 38 -33.22 5.99 -55.79
C GLU B 38 -32.23 7.04 -55.30
N LEU B 39 -32.11 7.12 -53.97
CA LEU B 39 -31.20 8.06 -53.35
C LEU B 39 -29.79 7.89 -53.90
N ILE B 40 -29.36 6.63 -54.05
CA ILE B 40 -28.03 6.33 -54.59
C ILE B 40 -27.89 6.94 -55.97
N ARG B 41 -28.84 6.60 -56.85
CA ARG B 41 -28.83 7.11 -58.22
C ARG B 41 -28.82 8.64 -58.23
N MET B 42 -29.64 9.22 -57.36
CA MET B 42 -29.73 10.68 -57.24
C MET B 42 -28.34 11.26 -57.08
N LYS B 43 -27.64 10.82 -56.04
CA LYS B 43 -26.29 11.30 -55.76
C LYS B 43 -25.36 10.93 -56.88
N ARG B 44 -25.54 9.75 -57.44
CA ARG B 44 -24.70 9.28 -58.53
C ARG B 44 -24.78 10.22 -59.71
N ASP B 45 -25.98 10.66 -60.05
CA ASP B 45 -26.13 11.60 -61.18
C ASP B 45 -25.55 12.96 -60.82
N GLY B 46 -25.47 13.22 -59.52
CA GLY B 46 -24.92 14.48 -59.03
C GLY B 46 -25.93 15.29 -58.27
N GLY B 47 -27.12 14.74 -58.06
CA GLY B 47 -28.15 15.47 -57.36
C GLY B 47 -27.91 15.66 -55.87
N ARG B 48 -28.59 16.65 -55.31
CA ARG B 48 -28.49 16.93 -53.88
C ARG B 48 -29.50 16.03 -53.21
N LEU B 49 -29.35 15.81 -51.91
CA LEU B 49 -30.32 14.98 -51.24
C LEU B 49 -31.03 15.86 -50.22
N SER B 50 -32.35 15.73 -50.16
CA SER B 50 -33.15 16.52 -49.24
C SER B 50 -32.89 16.14 -47.79
N GLU B 51 -33.15 17.09 -46.91
CA GLU B 51 -32.98 16.87 -45.49
C GLU B 51 -33.88 15.67 -45.16
N ALA B 52 -34.76 15.34 -46.10
CA ALA B 52 -35.67 14.23 -45.96
C ALA B 52 -35.04 12.95 -46.48
N ASP B 53 -34.15 13.10 -47.45
CA ASP B 53 -33.47 11.96 -48.05
C ASP B 53 -32.26 11.50 -47.23
N ILE B 54 -31.39 12.45 -46.90
CA ILE B 54 -30.20 12.14 -46.09
C ILE B 54 -30.67 11.42 -44.85
N ARG B 55 -31.58 12.09 -44.15
CA ARG B 55 -32.17 11.58 -42.92
C ARG B 55 -32.74 10.22 -43.19
N GLY B 56 -33.23 10.02 -44.41
CA GLY B 56 -33.78 8.74 -44.77
C GLY B 56 -32.68 7.70 -44.67
N PHE B 57 -31.69 7.85 -45.55
CA PHE B 57 -30.54 6.96 -45.61
C PHE B 57 -30.04 6.57 -44.22
N VAL B 58 -29.53 7.54 -43.48
CA VAL B 58 -29.03 7.31 -42.14
C VAL B 58 -29.98 6.38 -41.38
N ALA B 59 -31.27 6.74 -41.43
CA ALA B 59 -32.32 5.98 -40.78
C ALA B 59 -32.22 4.51 -41.17
N ALA B 60 -31.99 4.28 -42.47
CA ALA B 60 -31.88 2.93 -43.02
C ALA B 60 -30.58 2.25 -42.64
N VAL B 61 -29.51 3.02 -42.47
CA VAL B 61 -28.22 2.46 -42.09
C VAL B 61 -28.32 1.87 -40.71
N VAL B 62 -28.93 2.63 -39.80
CA VAL B 62 -29.09 2.20 -38.42
C VAL B 62 -30.05 1.03 -38.17
N ASN B 63 -31.25 1.07 -38.76
CA ASN B 63 -32.23 0.00 -38.55
C ASN B 63 -31.98 -1.27 -39.37
N GLY B 64 -30.79 -1.36 -39.98
CA GLY B 64 -30.45 -2.53 -40.76
C GLY B 64 -31.03 -2.65 -42.16
N SER B 65 -32.07 -1.89 -42.44
CA SER B 65 -32.69 -1.97 -43.76
C SER B 65 -31.70 -1.69 -44.89
N ALA B 66 -30.74 -0.81 -44.65
CA ALA B 66 -29.74 -0.49 -45.67
C ALA B 66 -28.70 -1.61 -45.66
N GLN B 67 -28.41 -2.18 -46.84
CA GLN B 67 -27.41 -3.26 -46.91
C GLN B 67 -26.02 -2.77 -47.30
N GLY B 68 -25.01 -3.51 -46.86
CA GLY B 68 -23.61 -3.19 -47.13
C GLY B 68 -23.28 -2.57 -48.47
N ALA B 69 -23.42 -3.35 -49.54
CA ALA B 69 -23.14 -2.86 -50.90
C ALA B 69 -23.77 -1.50 -51.13
N GLN B 70 -25.02 -1.35 -50.73
CA GLN B 70 -25.71 -0.07 -50.88
C GLN B 70 -24.90 1.02 -50.14
N ILE B 71 -24.64 0.80 -48.85
CA ILE B 71 -23.84 1.72 -48.03
C ILE B 71 -22.48 2.00 -48.68
N GLY B 72 -21.92 0.99 -49.34
CA GLY B 72 -20.63 1.14 -49.99
C GLY B 72 -20.76 1.90 -51.31
N ALA B 73 -21.85 1.64 -52.03
CA ALA B 73 -22.09 2.31 -53.28
C ALA B 73 -22.43 3.79 -53.03
N MET B 74 -23.34 4.04 -52.09
CA MET B 74 -23.71 5.41 -51.77
C MET B 74 -22.44 6.15 -51.39
N LEU B 75 -21.70 5.56 -50.47
CA LEU B 75 -20.48 6.19 -50.03
C LEU B 75 -19.61 6.53 -51.23
N MET B 76 -19.48 5.59 -52.15
CA MET B 76 -18.65 5.84 -53.32
C MET B 76 -19.27 6.96 -54.15
N ALA B 77 -20.60 6.96 -54.23
CA ALA B 77 -21.30 7.98 -54.98
C ALA B 77 -20.87 9.32 -54.44
N ILE B 78 -20.80 9.40 -53.12
CA ILE B 78 -20.38 10.63 -52.46
C ILE B 78 -18.93 10.97 -52.78
N ARG B 79 -18.13 9.97 -53.10
CA ARG B 79 -16.72 10.17 -53.42
C ARG B 79 -16.38 10.90 -54.72
N LEU B 80 -16.93 10.47 -55.84
CA LEU B 80 -16.63 11.11 -57.10
C LEU B 80 -17.55 12.29 -57.43
N ARG B 81 -18.61 12.45 -56.65
CA ARG B 81 -19.59 13.52 -56.88
C ARG B 81 -19.67 14.55 -55.74
N GLY B 82 -19.42 14.10 -54.51
CA GLY B 82 -19.46 15.00 -53.37
C GLY B 82 -20.82 15.59 -53.03
N MET B 83 -20.91 16.22 -51.87
CA MET B 83 -22.14 16.88 -51.40
C MET B 83 -21.83 18.35 -51.14
N ASP B 84 -22.85 19.19 -51.05
CA ASP B 84 -22.60 20.60 -50.76
C ASP B 84 -22.83 20.87 -49.27
N LEU B 85 -22.46 22.06 -48.83
CA LEU B 85 -22.58 22.42 -47.42
C LEU B 85 -23.96 22.20 -46.82
N GLU B 86 -25.00 22.45 -47.61
CA GLU B 86 -26.34 22.24 -47.11
C GLU B 86 -26.41 20.76 -46.71
N GLU B 87 -26.11 19.87 -47.65
CA GLU B 87 -26.13 18.41 -47.43
C GLU B 87 -25.18 18.00 -46.30
N THR B 88 -23.97 18.55 -46.34
CA THR B 88 -22.94 18.27 -45.32
C THR B 88 -23.54 18.47 -43.93
N SER B 89 -24.19 19.61 -43.71
CA SER B 89 -24.81 19.87 -42.44
C SER B 89 -25.93 18.88 -42.15
N VAL B 90 -26.77 18.60 -43.14
CA VAL B 90 -27.85 17.67 -42.90
C VAL B 90 -27.23 16.39 -42.36
N LEU B 91 -26.47 15.74 -43.22
CA LEU B 91 -25.81 14.49 -42.88
C LEU B 91 -25.18 14.53 -41.50
N THR B 92 -24.20 15.41 -41.37
CA THR B 92 -23.49 15.55 -40.11
C THR B 92 -24.42 15.56 -38.92
N GLN B 93 -25.59 16.15 -39.10
CA GLN B 93 -26.54 16.24 -38.01
C GLN B 93 -27.25 14.92 -37.76
N ALA B 94 -27.98 14.47 -38.75
CA ALA B 94 -28.73 13.21 -38.67
C ALA B 94 -27.95 12.08 -37.99
N LEU B 95 -26.68 11.92 -38.40
CA LEU B 95 -25.83 10.88 -37.82
C LEU B 95 -25.73 11.06 -36.31
N ALA B 96 -25.54 12.29 -35.87
CA ALA B 96 -25.44 12.61 -34.45
C ALA B 96 -26.71 12.19 -33.74
N GLN B 97 -27.82 12.20 -34.48
CA GLN B 97 -29.13 11.86 -33.93
C GLN B 97 -29.46 10.37 -34.04
N SER B 98 -28.60 9.63 -34.69
CA SER B 98 -28.81 8.18 -34.82
C SER B 98 -28.96 7.56 -33.45
N GLY B 99 -28.14 8.03 -32.54
CA GLY B 99 -28.18 7.44 -31.23
C GLY B 99 -28.60 8.47 -30.22
N GLN B 100 -27.98 8.38 -29.05
CA GLN B 100 -28.42 9.13 -27.89
C GLN B 100 -27.71 10.47 -27.71
N GLN B 101 -28.28 11.31 -26.84
CA GLN B 101 -27.71 12.61 -26.52
C GLN B 101 -27.13 12.60 -25.11
N LEU B 102 -25.97 13.22 -24.95
CA LEU B 102 -25.28 13.27 -23.67
C LEU B 102 -25.82 14.37 -22.77
N GLU B 103 -26.24 13.98 -21.57
CA GLU B 103 -26.74 14.92 -20.57
C GLU B 103 -25.82 14.89 -19.35
N TRP B 104 -25.08 15.97 -19.17
CA TRP B 104 -24.08 16.02 -18.13
C TRP B 104 -24.48 17.02 -17.06
N PRO B 105 -24.11 16.73 -15.80
CA PRO B 105 -24.38 17.54 -14.60
C PRO B 105 -24.11 19.06 -14.70
N TRP B 108 -20.02 21.58 -14.58
CA TRP B 108 -19.69 20.33 -15.25
C TRP B 108 -19.64 20.52 -16.76
N ARG B 109 -20.47 21.43 -17.27
CA ARG B 109 -20.52 21.70 -18.69
C ARG B 109 -19.41 22.67 -19.12
N GLN B 110 -18.98 23.51 -18.19
CA GLN B 110 -17.94 24.48 -18.46
C GLN B 110 -16.56 23.83 -18.47
N GLN B 111 -16.54 22.51 -18.37
CA GLN B 111 -15.29 21.76 -18.37
C GLN B 111 -15.20 20.83 -19.58
N LEU B 112 -16.32 20.22 -19.94
CA LEU B 112 -16.39 19.30 -21.06
C LEU B 112 -15.76 19.79 -22.37
N VAL B 113 -14.47 19.52 -22.54
CA VAL B 113 -13.73 19.91 -23.74
C VAL B 113 -13.21 18.65 -24.41
N ASP B 114 -12.62 18.78 -25.59
CA ASP B 114 -12.17 17.60 -26.30
C ASP B 114 -11.51 17.96 -27.62
N LYS B 115 -10.59 17.12 -28.09
CA LYS B 115 -9.91 17.35 -29.35
C LYS B 115 -10.08 16.11 -30.21
N HIS B 116 -10.06 16.31 -31.52
CA HIS B 116 -10.21 15.20 -32.44
C HIS B 116 -9.28 15.34 -33.62
N SER B 117 -8.45 14.33 -33.86
CA SER B 117 -7.51 14.36 -34.97
C SER B 117 -8.17 14.01 -36.32
N THR B 118 -7.48 14.28 -37.42
CA THR B 118 -8.02 13.95 -38.72
C THR B 118 -7.30 12.78 -39.38
N GLY B 119 -6.05 12.55 -39.04
CA GLY B 119 -5.35 11.45 -39.67
C GLY B 119 -4.03 11.09 -39.04
N GLY B 120 -2.95 11.43 -39.73
CA GLY B 120 -1.63 11.16 -39.20
C GLY B 120 -1.12 9.72 -39.08
N VAL B 121 0.20 9.63 -38.95
CA VAL B 121 0.93 8.38 -38.80
C VAL B 121 1.65 8.50 -37.46
N GLY B 122 1.26 7.67 -36.48
CA GLY B 122 1.87 7.72 -35.16
C GLY B 122 1.33 8.86 -34.32
N ASP B 123 0.09 9.22 -34.61
CA ASP B 123 -0.63 10.33 -33.98
C ASP B 123 -1.23 10.01 -32.61
N LYS B 124 -0.39 9.60 -31.66
CA LYS B 124 -0.88 9.27 -30.32
C LYS B 124 -1.08 10.46 -29.38
N VAL B 125 -1.39 11.62 -29.93
CA VAL B 125 -1.62 12.79 -29.12
C VAL B 125 -2.76 12.53 -28.13
N SER B 126 -3.83 11.93 -28.66
CA SER B 126 -5.01 11.61 -27.88
C SER B 126 -4.73 10.71 -26.69
N LEU B 127 -3.86 9.72 -26.85
CA LEU B 127 -3.58 8.83 -25.73
C LEU B 127 -3.08 9.61 -24.50
N VAL B 128 -2.38 10.72 -24.74
CA VAL B 128 -1.85 11.53 -23.66
C VAL B 128 -2.74 12.71 -23.29
N LEU B 129 -3.21 13.44 -24.32
CA LEU B 129 -4.04 14.62 -24.07
C LEU B 129 -5.27 14.39 -23.17
N ALA B 130 -5.96 13.28 -23.33
CA ALA B 130 -7.12 13.02 -22.48
C ALA B 130 -6.74 12.96 -21.00
N PRO B 131 -5.75 12.12 -20.63
CA PRO B 131 -5.36 12.03 -19.22
C PRO B 131 -4.84 13.33 -18.64
N ALA B 132 -4.17 14.13 -19.45
CA ALA B 132 -3.62 15.40 -19.00
C ALA B 132 -4.71 16.43 -18.70
N LEU B 133 -5.45 16.82 -19.73
CA LEU B 133 -6.53 17.78 -19.56
C LEU B 133 -7.42 17.42 -18.39
N ALA B 134 -7.80 16.15 -18.32
CA ALA B 134 -8.66 15.67 -17.23
C ALA B 134 -7.91 15.79 -15.92
N ALA B 135 -6.58 15.85 -16.01
CA ALA B 135 -5.73 16.00 -14.86
C ALA B 135 -5.77 17.48 -14.50
N CYS B 136 -5.78 18.31 -15.54
CA CYS B 136 -5.83 19.76 -15.39
C CYS B 136 -7.22 20.26 -15.01
N GLY B 137 -8.03 19.37 -14.42
CA GLY B 137 -9.37 19.74 -14.01
C GLY B 137 -10.36 19.92 -15.14
N CYS B 138 -10.17 19.16 -16.21
CA CYS B 138 -11.06 19.23 -17.36
C CYS B 138 -11.81 17.93 -17.52
N LYS B 139 -12.91 18.00 -18.27
CA LYS B 139 -13.77 16.84 -18.51
C LYS B 139 -13.69 16.38 -19.97
N VAL B 140 -13.10 15.20 -20.20
CA VAL B 140 -12.93 14.69 -21.56
C VAL B 140 -13.63 13.38 -21.87
N PRO B 141 -14.75 13.44 -22.60
CA PRO B 141 -15.56 12.29 -23.00
C PRO B 141 -15.26 11.91 -24.44
N MET B 142 -14.03 11.52 -24.73
CA MET B 142 -13.68 11.21 -26.11
C MET B 142 -14.42 10.06 -26.79
N ILE B 143 -14.79 10.30 -28.04
CA ILE B 143 -15.45 9.29 -28.86
C ILE B 143 -14.55 9.23 -30.07
N SER B 144 -13.53 8.38 -29.99
CA SER B 144 -12.56 8.23 -31.07
C SER B 144 -13.04 7.29 -32.14
N GLY B 145 -12.09 6.79 -32.93
CA GLY B 145 -12.45 5.87 -33.98
C GLY B 145 -11.27 4.96 -34.23
N ARG B 146 -11.50 3.89 -34.98
CA ARG B 146 -10.42 2.98 -35.31
C ARG B 146 -9.71 3.53 -36.55
N GLY B 147 -8.71 2.82 -37.04
CA GLY B 147 -8.01 3.32 -38.20
C GLY B 147 -8.94 3.62 -39.35
N LEU B 148 -8.64 4.71 -40.05
CA LEU B 148 -9.45 5.11 -41.20
C LEU B 148 -8.52 5.07 -42.42
N GLY B 149 -8.75 4.11 -43.31
CA GLY B 149 -7.90 4.00 -44.48
C GLY B 149 -6.51 3.54 -44.10
N HIS B 150 -5.54 4.46 -44.14
CA HIS B 150 -4.17 4.14 -43.79
C HIS B 150 -3.73 4.92 -42.56
N THR B 151 -4.65 5.68 -41.97
CA THR B 151 -4.32 6.46 -40.77
C THR B 151 -4.82 5.78 -39.49
N GLY B 152 -3.92 5.04 -38.84
CA GLY B 152 -4.25 4.34 -37.60
C GLY B 152 -5.30 4.94 -36.68
N GLY B 153 -6.01 4.09 -35.96
CA GLY B 153 -7.04 4.56 -35.06
C GLY B 153 -6.66 4.42 -33.60
N THR B 154 -6.70 5.54 -32.88
CA THR B 154 -6.35 5.55 -31.48
C THR B 154 -7.17 4.56 -30.65
N LEU B 155 -8.23 4.01 -31.24
CA LEU B 155 -9.05 3.04 -30.54
C LEU B 155 -8.43 1.64 -30.64
N ASP B 156 -7.94 1.30 -31.83
CA ASP B 156 -7.29 0.02 -32.01
C ASP B 156 -6.05 0.09 -31.13
N LYS B 157 -5.43 1.26 -31.09
CA LYS B 157 -4.22 1.47 -30.29
C LYS B 157 -4.46 1.12 -28.81
N LEU B 158 -5.62 1.49 -28.30
CA LEU B 158 -5.93 1.19 -26.93
C LEU B 158 -6.24 -0.28 -26.68
N GLU B 159 -6.76 -0.96 -27.71
CA GLU B 159 -7.10 -2.38 -27.58
C GLU B 159 -5.83 -3.22 -27.51
N SER B 160 -4.70 -2.55 -27.33
CA SER B 160 -3.40 -3.21 -27.19
C SER B 160 -3.31 -3.67 -25.77
N ILE B 161 -3.97 -2.92 -24.89
CA ILE B 161 -3.98 -3.26 -23.47
C ILE B 161 -5.07 -4.29 -23.26
N PRO B 162 -4.69 -5.49 -22.83
CA PRO B 162 -5.69 -6.53 -22.61
C PRO B 162 -6.68 -6.14 -21.54
N GLY B 163 -7.96 -6.31 -21.87
CA GLY B 163 -9.01 -5.97 -20.93
C GLY B 163 -9.67 -4.63 -21.17
N PHE B 164 -8.96 -3.70 -21.82
CA PHE B 164 -9.55 -2.39 -22.08
C PHE B 164 -10.80 -2.57 -22.93
N ASN B 165 -11.81 -1.73 -22.67
CA ASN B 165 -13.09 -1.81 -23.39
C ASN B 165 -13.45 -0.43 -23.98
N VAL B 166 -13.70 -0.38 -25.29
CA VAL B 166 -14.02 0.88 -25.96
C VAL B 166 -15.52 1.14 -26.15
N ILE B 167 -16.33 0.17 -25.73
CA ILE B 167 -17.78 0.31 -25.83
C ILE B 167 -18.31 0.58 -24.43
N GLN B 168 -18.71 1.83 -24.19
CA GLN B 168 -19.23 2.25 -22.90
C GLN B 168 -20.52 3.00 -23.17
N SER B 169 -21.55 2.70 -22.40
CA SER B 169 -22.81 3.41 -22.60
C SER B 169 -22.70 4.73 -21.86
N PRO B 170 -23.55 5.69 -22.22
CA PRO B 170 -23.58 7.02 -21.61
C PRO B 170 -23.49 6.93 -20.09
N GLU B 171 -24.10 5.89 -19.53
CA GLU B 171 -24.10 5.68 -18.09
C GLU B 171 -22.69 5.40 -17.63
N GLN B 172 -22.09 4.39 -18.25
CA GLN B 172 -20.74 4.05 -17.86
C GLN B 172 -19.87 5.29 -17.91
N MET B 173 -20.13 6.13 -18.91
CA MET B 173 -19.37 7.36 -19.11
C MET B 173 -19.45 8.43 -18.03
N GLN B 174 -20.57 8.50 -17.31
CA GLN B 174 -20.71 9.49 -16.25
C GLN B 174 -19.84 9.09 -15.04
N VAL B 175 -19.72 7.78 -14.81
CA VAL B 175 -18.90 7.32 -13.69
C VAL B 175 -17.47 7.70 -14.06
N LEU B 176 -17.13 7.48 -15.32
CA LEU B 176 -15.81 7.77 -15.86
C LEU B 176 -15.37 9.22 -15.69
N LEU B 177 -16.06 10.17 -16.34
CA LEU B 177 -15.65 11.56 -16.20
C LEU B 177 -15.64 11.99 -14.75
N ASP B 178 -16.47 11.35 -13.92
CA ASP B 178 -16.52 11.68 -12.51
C ASP B 178 -15.24 11.26 -11.81
N GLN B 179 -14.96 9.95 -11.84
CA GLN B 179 -13.79 9.34 -11.19
C GLN B 179 -12.42 9.59 -11.83
N ALA B 180 -12.32 9.41 -13.14
CA ALA B 180 -11.07 9.63 -13.85
C ALA B 180 -11.13 11.00 -14.54
N GLY B 181 -12.33 11.46 -14.84
CA GLY B 181 -12.44 12.75 -15.49
C GLY B 181 -12.20 12.61 -16.98
N CYS B 182 -12.04 11.36 -17.42
CA CYS B 182 -11.80 11.08 -18.83
C CYS B 182 -12.03 9.63 -19.25
N CYS B 183 -12.30 9.49 -20.53
CA CYS B 183 -12.52 8.19 -21.14
C CYS B 183 -12.33 8.35 -22.66
N ILE B 184 -12.27 7.23 -23.35
CA ILE B 184 -12.11 7.20 -24.79
C ILE B 184 -12.90 5.97 -25.20
N VAL B 185 -13.97 6.16 -25.95
CA VAL B 185 -14.77 5.03 -26.37
C VAL B 185 -15.29 5.26 -27.79
N GLY B 186 -15.58 4.16 -28.48
CA GLY B 186 -16.06 4.28 -29.85
C GLY B 186 -17.56 4.29 -30.12
N GLN B 187 -17.92 4.28 -31.41
CA GLN B 187 -19.30 4.28 -31.85
C GLN B 187 -19.99 3.07 -31.26
N SER B 188 -21.26 3.17 -30.93
CA SER B 188 -21.95 2.05 -30.36
C SER B 188 -23.44 2.10 -30.59
N GLU B 189 -24.11 1.07 -30.09
CA GLU B 189 -25.55 0.95 -30.19
C GLU B 189 -26.26 2.27 -29.91
N GLN B 190 -25.78 2.98 -28.91
CA GLN B 190 -26.37 4.24 -28.49
C GLN B 190 -25.65 5.50 -28.92
N LEU B 191 -24.34 5.41 -29.12
CA LEU B 191 -23.54 6.56 -29.53
C LEU B 191 -23.25 6.61 -31.04
N VAL B 192 -23.74 7.65 -31.70
CA VAL B 192 -23.56 7.82 -33.14
C VAL B 192 -23.48 6.48 -33.89
N PRO B 193 -24.55 5.65 -33.80
CA PRO B 193 -24.64 4.33 -34.45
C PRO B 193 -24.39 4.39 -35.95
N ALA B 194 -24.90 5.43 -36.58
CA ALA B 194 -24.75 5.60 -38.02
C ALA B 194 -23.30 5.88 -38.46
N ASP B 195 -22.58 6.71 -37.71
CA ASP B 195 -21.20 7.02 -38.07
C ASP B 195 -20.32 5.80 -37.96
N GLY B 196 -20.59 4.95 -36.98
CA GLY B 196 -19.77 3.75 -36.84
C GLY B 196 -19.87 2.84 -38.05
N ILE B 197 -21.02 2.85 -38.71
CA ILE B 197 -21.25 2.00 -39.86
C ILE B 197 -20.58 2.53 -41.12
N LEU B 198 -20.61 3.85 -41.27
CA LEU B 198 -20.01 4.50 -42.43
C LEU B 198 -18.50 4.56 -42.24
N TYR B 199 -18.10 5.06 -41.09
CA TYR B 199 -16.69 5.16 -40.72
C TYR B 199 -16.00 3.83 -41.09
N ALA B 200 -16.49 2.75 -40.48
CA ALA B 200 -15.95 1.42 -40.71
C ALA B 200 -15.87 1.11 -42.20
N ALA B 201 -16.88 1.56 -42.94
CA ALA B 201 -16.94 1.35 -44.38
C ALA B 201 -15.94 2.23 -45.14
N ARG B 202 -15.99 3.56 -44.93
CA ARG B 202 -15.08 4.48 -45.62
C ARG B 202 -13.69 3.87 -45.63
N ASP B 203 -13.30 3.38 -44.46
CA ASP B 203 -12.01 2.77 -44.20
C ASP B 203 -11.49 1.81 -45.31
N VAL B 204 -12.27 0.81 -45.68
CA VAL B 204 -11.82 -0.15 -46.70
C VAL B 204 -12.54 0.00 -48.03
N THR B 205 -12.96 1.22 -48.34
CA THR B 205 -13.68 1.49 -49.57
C THR B 205 -13.10 2.65 -50.37
N ALA B 206 -11.92 3.10 -49.99
CA ALA B 206 -11.28 4.21 -50.68
C ALA B 206 -12.17 5.45 -50.68
N THR B 207 -13.15 5.48 -49.78
CA THR B 207 -14.05 6.62 -49.67
C THR B 207 -13.73 7.42 -48.41
N VAL B 208 -12.49 7.34 -47.94
CA VAL B 208 -12.09 8.06 -46.72
C VAL B 208 -11.87 9.56 -46.88
N ASP B 209 -11.27 9.95 -47.99
CA ASP B 209 -10.97 11.35 -48.26
C ASP B 209 -12.07 12.18 -48.92
N SER B 210 -13.12 12.47 -48.17
CA SER B 210 -14.21 13.28 -48.69
C SER B 210 -14.39 14.39 -47.71
N LEU B 211 -14.18 15.62 -48.16
CA LEU B 211 -14.32 16.77 -47.28
C LEU B 211 -15.61 16.65 -46.47
N PRO B 212 -16.75 16.50 -47.17
CA PRO B 212 -17.99 16.39 -46.40
C PRO B 212 -18.00 15.22 -45.41
N LEU B 213 -17.77 14.00 -45.88
CA LEU B 213 -17.76 12.82 -45.00
C LEU B 213 -16.79 12.98 -43.82
N ILE B 214 -15.63 13.57 -44.09
CA ILE B 214 -14.63 13.79 -43.03
C ILE B 214 -15.23 14.76 -42.05
N THR B 215 -15.86 15.79 -42.59
CA THR B 215 -16.47 16.82 -41.78
C THR B 215 -17.59 16.22 -40.92
N ALA B 216 -18.49 15.47 -41.55
CA ALA B 216 -19.60 14.86 -40.85
C ALA B 216 -19.14 13.86 -39.79
N SER B 217 -18.30 12.92 -40.18
CA SER B 217 -17.79 11.92 -39.25
C SER B 217 -17.20 12.60 -38.02
N ILE B 218 -16.31 13.56 -38.26
CA ILE B 218 -15.67 14.28 -37.18
C ILE B 218 -16.63 15.00 -36.25
N LEU B 219 -17.44 15.88 -36.83
CA LEU B 219 -18.36 16.64 -36.01
C LEU B 219 -19.48 15.84 -35.38
N SER B 220 -20.13 14.95 -36.13
CA SER B 220 -21.22 14.16 -35.56
C SER B 220 -20.81 13.61 -34.20
N LYS B 221 -19.56 13.17 -34.10
CA LYS B 221 -19.10 12.62 -32.83
C LYS B 221 -19.04 13.68 -31.76
N LYS B 222 -18.29 14.76 -32.03
CA LYS B 222 -18.13 15.84 -31.07
C LYS B 222 -19.41 16.64 -30.85
N LEU B 223 -20.30 16.57 -31.82
CA LEU B 223 -21.54 17.31 -31.76
C LEU B 223 -22.53 16.66 -30.80
N VAL B 224 -22.12 15.63 -30.08
CA VAL B 224 -23.07 14.97 -29.23
C VAL B 224 -22.51 14.66 -27.85
N GLU B 225 -21.26 15.07 -27.66
CA GLU B 225 -20.60 14.89 -26.38
C GLU B 225 -20.95 16.06 -25.47
N GLY B 226 -21.41 17.15 -26.08
CA GLY B 226 -21.76 18.35 -25.34
C GLY B 226 -20.52 19.01 -24.79
N LEU B 227 -19.79 19.69 -25.66
CA LEU B 227 -18.55 20.31 -25.23
C LEU B 227 -18.57 21.83 -25.22
N SER B 228 -17.84 22.40 -24.25
CA SER B 228 -17.73 23.85 -24.12
C SER B 228 -16.84 24.38 -25.25
N ALA B 229 -15.69 23.71 -25.45
CA ALA B 229 -14.73 24.06 -26.47
C ALA B 229 -14.15 22.80 -27.10
N LEU B 230 -14.14 22.77 -28.43
CA LEU B 230 -13.62 21.66 -29.19
C LEU B 230 -12.49 22.13 -30.09
N VAL B 231 -11.38 21.38 -30.06
CA VAL B 231 -10.22 21.67 -30.89
C VAL B 231 -10.08 20.50 -31.84
N VAL B 232 -9.95 20.79 -33.12
CA VAL B 232 -9.79 19.75 -34.13
C VAL B 232 -8.40 19.87 -34.74
N ASP B 233 -7.63 18.78 -34.70
CA ASP B 233 -6.28 18.76 -35.23
C ASP B 233 -6.34 18.36 -36.69
N VAL B 234 -6.15 19.33 -37.57
CA VAL B 234 -6.18 19.08 -39.00
C VAL B 234 -4.77 18.84 -39.50
N LYS B 235 -4.56 17.71 -40.15
CA LYS B 235 -3.25 17.33 -40.65
C LYS B 235 -3.06 17.77 -42.11
N PHE B 236 -1.82 18.13 -42.43
CA PHE B 236 -1.43 18.52 -43.78
C PHE B 236 -0.03 17.95 -43.96
N GLY B 237 0.21 17.32 -45.10
CA GLY B 237 1.52 16.74 -45.34
C GLY B 237 1.40 15.46 -46.14
N GLY B 238 2.53 14.89 -46.54
CA GLY B 238 2.50 13.67 -47.32
C GLY B 238 1.63 12.57 -46.73
N ALA B 239 1.69 12.42 -45.41
CA ALA B 239 0.92 11.39 -44.71
C ALA B 239 -0.52 11.75 -44.41
N ALA B 240 -0.83 13.04 -44.38
CA ALA B 240 -2.18 13.48 -44.10
C ALA B 240 -3.14 13.04 -45.21
N VAL B 241 -4.43 13.03 -44.92
CA VAL B 241 -5.46 12.63 -45.88
C VAL B 241 -5.52 13.64 -47.03
N PHE B 242 -5.27 14.90 -46.70
CA PHE B 242 -5.26 15.99 -47.67
C PHE B 242 -3.87 16.61 -47.67
N PRO B 243 -2.95 16.00 -48.43
CA PRO B 243 -1.56 16.48 -48.53
C PRO B 243 -1.36 17.97 -48.73
N ASN B 244 -1.99 18.56 -49.75
CA ASN B 244 -1.85 19.99 -49.99
C ASN B 244 -2.14 20.78 -48.72
N GLN B 245 -1.49 21.95 -48.57
CA GLN B 245 -1.69 22.76 -47.37
C GLN B 245 -2.89 23.70 -47.38
N GLU B 246 -3.05 24.48 -48.45
CA GLU B 246 -4.20 25.39 -48.51
C GLU B 246 -5.47 24.55 -48.49
N GLN B 247 -5.40 23.40 -49.14
CA GLN B 247 -6.53 22.47 -49.22
C GLN B 247 -6.80 21.83 -47.84
N ALA B 248 -5.76 21.83 -47.00
CA ALA B 248 -5.88 21.27 -45.66
C ALA B 248 -6.53 22.35 -44.81
N ARG B 249 -6.14 23.60 -45.09
CA ARG B 249 -6.67 24.75 -44.39
C ARG B 249 -8.15 24.93 -44.74
N GLU B 250 -8.57 24.35 -45.88
CA GLU B 250 -9.97 24.45 -46.30
C GLU B 250 -10.84 23.51 -45.50
N LEU B 251 -10.34 22.30 -45.22
CA LEU B 251 -11.08 21.37 -44.40
C LEU B 251 -11.15 22.04 -43.04
N ALA B 252 -10.03 22.67 -42.66
CA ALA B 252 -9.90 23.38 -41.39
C ALA B 252 -11.04 24.40 -41.22
N LYS B 253 -11.29 25.20 -42.25
CA LYS B 253 -12.35 26.20 -42.21
C LYS B 253 -13.70 25.50 -42.15
N THR B 254 -13.92 24.55 -43.03
CA THR B 254 -15.19 23.82 -43.06
C THR B 254 -15.56 23.27 -41.67
N LEU B 255 -14.55 22.94 -40.88
CA LEU B 255 -14.80 22.40 -39.55
C LEU B 255 -15.13 23.48 -38.53
N VAL B 256 -14.58 24.67 -38.71
CA VAL B 256 -14.89 25.75 -37.79
C VAL B 256 -16.25 26.28 -38.22
N GLY B 257 -16.43 26.42 -39.53
CA GLY B 257 -17.68 26.90 -40.05
C GLY B 257 -18.83 25.99 -39.62
N VAL B 258 -19.01 24.88 -40.33
CA VAL B 258 -20.07 23.95 -40.00
C VAL B 258 -20.12 23.73 -38.48
N GLY B 259 -18.96 23.54 -37.88
CA GLY B 259 -18.95 23.34 -36.46
C GLY B 259 -19.78 24.38 -35.72
N ALA B 260 -19.52 25.65 -36.02
CA ALA B 260 -20.22 26.77 -35.40
C ALA B 260 -21.71 26.65 -35.63
N SER B 261 -22.06 26.61 -36.92
CA SER B 261 -23.44 26.49 -37.37
C SER B 261 -24.28 25.47 -36.59
N LEU B 262 -23.66 24.49 -35.96
CA LEU B 262 -24.39 23.48 -35.21
C LEU B 262 -24.35 23.73 -33.72
N GLY B 263 -23.77 24.85 -33.32
CA GLY B 263 -23.70 25.16 -31.90
C GLY B 263 -22.41 24.80 -31.19
N LEU B 264 -21.36 24.51 -31.96
CA LEU B 264 -20.09 24.15 -31.37
C LEU B 264 -19.01 25.23 -31.36
N ARG B 265 -18.06 25.09 -30.45
CA ARG B 265 -16.95 26.03 -30.29
C ARG B 265 -15.69 25.48 -30.95
N VAL B 266 -15.75 25.29 -32.27
CA VAL B 266 -14.63 24.74 -33.00
C VAL B 266 -13.43 25.67 -33.15
N ALA B 267 -12.25 25.11 -32.97
CA ALA B 267 -10.99 25.84 -33.16
C ALA B 267 -10.10 24.80 -33.84
N ALA B 268 -9.57 25.13 -35.00
CA ALA B 268 -8.72 24.18 -35.72
C ALA B 268 -7.25 24.57 -35.71
N ALA B 269 -6.40 23.55 -35.70
CA ALA B 269 -4.96 23.75 -35.70
C ALA B 269 -4.38 23.01 -36.91
N LEU B 270 -3.40 23.63 -37.53
CA LEU B 270 -2.75 23.02 -38.66
C LEU B 270 -1.45 22.45 -38.15
N THR B 271 -1.25 21.17 -38.35
CA THR B 271 -0.02 20.52 -37.91
C THR B 271 0.54 19.63 -39.02
N ALA B 272 1.87 19.56 -39.09
CA ALA B 272 2.58 18.80 -40.12
C ALA B 272 2.49 17.30 -39.97
N MET B 273 2.36 16.62 -41.10
CA MET B 273 2.27 15.17 -41.12
C MET B 273 3.05 14.58 -42.30
N ASP B 274 4.26 15.08 -42.53
CA ASP B 274 5.10 14.57 -43.62
C ASP B 274 5.91 13.44 -43.03
N LYS B 275 6.24 13.62 -41.75
CA LYS B 275 6.97 12.64 -40.98
C LYS B 275 6.12 12.32 -39.76
N PRO B 276 6.21 11.08 -39.25
CA PRO B 276 5.48 10.58 -38.08
C PRO B 276 5.62 11.44 -36.83
N LEU B 277 4.66 11.30 -35.92
CA LEU B 277 4.72 12.04 -34.68
C LEU B 277 5.48 11.15 -33.72
N GLY B 278 6.37 11.73 -32.94
CA GLY B 278 7.13 10.92 -32.02
C GLY B 278 7.96 9.97 -32.86
N ARG B 279 8.41 8.87 -32.28
CA ARG B 279 9.28 7.85 -32.91
C ARG B 279 8.56 6.56 -33.26
N CYS B 280 7.53 6.24 -32.50
CA CYS B 280 6.82 4.98 -32.73
C CYS B 280 5.63 5.15 -33.64
N VAL B 281 5.22 4.01 -34.17
CA VAL B 281 4.12 3.88 -35.08
C VAL B 281 3.66 2.43 -35.01
N GLY B 282 2.37 2.24 -34.75
CA GLY B 282 1.81 0.91 -34.65
C GLY B 282 0.58 0.86 -33.77
N HIS B 283 0.49 -0.18 -32.95
CA HIS B 283 -0.65 -0.35 -32.04
C HIS B 283 -0.17 -0.49 -30.60
N ALA B 284 0.62 -1.53 -30.34
CA ALA B 284 1.14 -1.77 -28.99
C ALA B 284 2.46 -1.05 -28.78
N LEU B 285 3.01 -0.49 -29.85
CA LEU B 285 4.27 0.23 -29.78
C LEU B 285 4.04 1.72 -29.51
N GLU B 286 2.85 2.20 -29.83
CA GLU B 286 2.50 3.60 -29.63
C GLU B 286 2.06 3.91 -28.22
N VAL B 287 1.35 2.97 -27.59
CA VAL B 287 0.88 3.16 -26.23
C VAL B 287 2.11 3.20 -25.34
N GLU B 288 3.21 2.68 -25.88
CA GLU B 288 4.45 2.66 -25.14
C GLU B 288 5.09 4.05 -25.13
N GLU B 289 5.01 4.75 -26.25
CA GLU B 289 5.59 6.07 -26.34
C GLU B 289 4.67 7.12 -25.70
N ALA B 290 3.39 6.78 -25.59
CA ALA B 290 2.41 7.66 -24.98
C ALA B 290 2.81 7.74 -23.51
N LEU B 291 3.22 6.59 -22.99
CA LEU B 291 3.63 6.48 -21.60
C LEU B 291 4.88 7.30 -21.29
N LEU B 292 5.94 7.12 -22.10
CA LEU B 292 7.17 7.89 -21.90
C LEU B 292 6.81 9.37 -21.80
N CYS B 293 5.85 9.79 -22.61
CA CYS B 293 5.45 11.18 -22.62
C CYS B 293 4.80 11.62 -21.31
N MET B 294 4.04 10.74 -20.66
CA MET B 294 3.40 11.08 -19.40
C MET B 294 4.36 10.64 -18.32
N ASP B 295 5.52 10.14 -18.77
CA ASP B 295 6.58 9.65 -17.91
C ASP B 295 7.62 10.73 -17.67
N GLY B 296 7.36 11.91 -18.22
CA GLY B 296 8.30 13.00 -18.02
C GLY B 296 8.69 13.56 -19.35
N ALA B 297 9.21 12.71 -20.23
CA ALA B 297 9.60 13.19 -21.53
C ALA B 297 9.80 12.05 -22.52
N GLY B 298 9.25 12.24 -23.71
CA GLY B 298 9.37 11.26 -24.78
C GLY B 298 9.83 12.04 -26.00
N PRO B 299 9.32 11.73 -27.20
CA PRO B 299 9.79 12.51 -28.36
C PRO B 299 9.39 13.97 -28.19
N PRO B 300 10.34 14.90 -28.40
CA PRO B 300 10.04 16.32 -28.25
C PRO B 300 8.75 16.78 -28.93
N ASP B 301 8.55 16.38 -30.19
CA ASP B 301 7.39 16.79 -30.94
C ASP B 301 6.06 16.22 -30.45
N LEU B 302 6.10 15.10 -29.76
CA LEU B 302 4.85 14.54 -29.25
C LEU B 302 4.39 15.52 -28.19
N ARG B 303 5.31 15.88 -27.31
CA ARG B 303 5.06 16.82 -26.22
C ARG B 303 4.68 18.16 -26.82
N ASP B 304 5.49 18.60 -27.77
CA ASP B 304 5.26 19.87 -28.45
C ASP B 304 3.79 19.96 -28.89
N LEU B 305 3.16 18.81 -29.13
CA LEU B 305 1.76 18.78 -29.55
C LEU B 305 0.73 18.47 -28.46
N VAL B 306 1.08 17.66 -27.47
CA VAL B 306 0.12 17.36 -26.41
C VAL B 306 -0.13 18.65 -25.64
N THR B 307 0.94 19.40 -25.38
CA THR B 307 0.88 20.65 -24.64
C THR B 307 0.34 21.84 -25.43
N THR B 308 0.71 21.96 -26.70
CA THR B 308 0.25 23.07 -27.54
C THR B 308 -1.24 22.98 -27.82
N LEU B 309 -1.71 21.80 -28.20
CA LEU B 309 -3.14 21.63 -28.43
C LEU B 309 -3.85 21.79 -27.10
N GLY B 310 -3.31 21.18 -26.05
CA GLY B 310 -3.91 21.30 -24.74
C GLY B 310 -3.95 22.73 -24.24
N GLY B 311 -2.95 23.51 -24.65
CA GLY B 311 -2.89 24.90 -24.26
C GLY B 311 -4.05 25.64 -24.89
N ALA B 312 -4.37 25.28 -26.13
CA ALA B 312 -5.48 25.88 -26.85
C ALA B 312 -6.84 25.45 -26.26
N LEU B 313 -6.97 24.18 -25.91
CA LEU B 313 -8.24 23.74 -25.34
C LEU B 313 -8.54 24.56 -24.09
N LEU B 314 -7.57 24.58 -23.16
CA LEU B 314 -7.73 25.32 -21.91
C LEU B 314 -7.96 26.79 -22.18
N TRP B 315 -7.40 27.30 -23.26
CA TRP B 315 -7.61 28.68 -23.61
C TRP B 315 -9.06 28.83 -24.05
N LEU B 316 -9.45 28.12 -25.10
CA LEU B 316 -10.81 28.18 -25.63
C LEU B 316 -11.84 27.95 -24.56
N SER B 317 -11.61 26.92 -23.75
CA SER B 317 -12.50 26.54 -22.67
C SER B 317 -12.62 27.64 -21.62
N GLY B 318 -11.83 28.69 -21.78
CA GLY B 318 -11.85 29.77 -20.82
C GLY B 318 -11.32 29.32 -19.46
N HIS B 319 -10.25 28.54 -19.47
CA HIS B 319 -9.63 28.03 -18.25
C HIS B 319 -8.19 28.52 -18.07
N ALA B 320 -7.78 29.43 -18.95
CA ALA B 320 -6.45 30.02 -18.92
C ALA B 320 -6.52 31.26 -19.78
N GLY B 321 -5.96 32.36 -19.28
CA GLY B 321 -5.99 33.61 -20.01
C GLY B 321 -5.28 33.53 -21.35
N THR B 322 -4.16 32.82 -21.37
CA THR B 322 -3.40 32.66 -22.59
C THR B 322 -3.31 31.18 -22.88
N GLN B 323 -2.91 30.87 -24.10
CA GLN B 323 -2.74 29.50 -24.49
C GLN B 323 -1.46 29.04 -23.81
N ALA B 324 -0.47 29.94 -23.75
CA ALA B 324 0.81 29.61 -23.12
C ALA B 324 0.50 29.24 -21.68
N GLN B 325 -0.22 30.11 -21.00
CA GLN B 325 -0.56 29.81 -19.62
C GLN B 325 -1.16 28.42 -19.68
N GLY B 326 -2.04 28.21 -20.65
CA GLY B 326 -2.67 26.91 -20.82
C GLY B 326 -1.69 25.80 -21.09
N ALA B 327 -0.77 26.02 -22.03
CA ALA B 327 0.24 25.03 -22.39
C ALA B 327 1.12 24.67 -21.19
N ALA B 328 1.32 25.63 -20.29
CA ALA B 328 2.11 25.40 -19.09
C ALA B 328 1.35 24.43 -18.16
N ARG B 329 0.04 24.59 -18.05
CA ARG B 329 -0.77 23.70 -17.22
C ARG B 329 -0.66 22.25 -17.73
N VAL B 330 -0.73 22.08 -19.06
CA VAL B 330 -0.67 20.76 -19.66
C VAL B 330 0.72 20.11 -19.52
N ALA B 331 1.75 20.95 -19.53
CA ALA B 331 3.12 20.45 -19.40
C ALA B 331 3.34 19.89 -18.01
N ALA B 332 2.75 20.56 -17.01
CA ALA B 332 2.88 20.16 -15.62
C ALA B 332 2.39 18.72 -15.42
N ALA B 333 1.19 18.44 -15.88
CA ALA B 333 0.63 17.11 -15.78
C ALA B 333 1.68 16.08 -16.23
N LEU B 334 2.43 16.46 -17.25
CA LEU B 334 3.45 15.60 -17.81
C LEU B 334 4.68 15.42 -16.96
N ASP B 335 4.90 16.30 -16.00
CA ASP B 335 6.10 16.16 -15.18
C ASP B 335 5.91 15.73 -13.72
N ASP B 336 4.73 15.94 -13.15
CA ASP B 336 4.50 15.54 -11.77
C ASP B 336 3.91 14.13 -11.71
N GLY B 337 3.24 13.72 -12.77
CA GLY B 337 2.68 12.39 -12.79
C GLY B 337 1.18 12.37 -12.63
N SER B 338 0.60 13.54 -12.41
CA SER B 338 -0.84 13.61 -12.25
C SER B 338 -1.52 13.00 -13.49
N ALA B 339 -0.95 13.24 -14.67
CA ALA B 339 -1.52 12.71 -15.91
C ALA B 339 -1.48 11.18 -15.91
N LEU B 340 -0.33 10.61 -15.59
CA LEU B 340 -0.19 9.18 -15.55
C LEU B 340 -1.25 8.57 -14.62
N GLY B 341 -1.50 9.25 -13.50
CA GLY B 341 -2.50 8.77 -12.56
C GLY B 341 -3.85 8.85 -13.22
N ARG B 342 -4.22 10.05 -13.64
CA ARG B 342 -5.47 10.27 -14.33
C ARG B 342 -5.61 9.15 -15.33
N PHE B 343 -4.53 8.89 -16.07
CA PHE B 343 -4.54 7.84 -17.08
C PHE B 343 -4.76 6.44 -16.54
N GLU B 344 -4.15 6.11 -15.40
CA GLU B 344 -4.28 4.77 -14.82
C GLU B 344 -5.69 4.51 -14.29
N ARG B 345 -6.37 5.59 -13.93
CA ARG B 345 -7.72 5.47 -13.45
C ARG B 345 -8.53 4.90 -14.59
N MET B 346 -8.48 5.60 -15.72
CA MET B 346 -9.19 5.24 -16.94
C MET B 346 -9.06 3.76 -17.38
N LEU B 347 -7.83 3.32 -17.61
CA LEU B 347 -7.59 1.94 -18.02
C LEU B 347 -8.33 0.98 -17.10
N ALA B 348 -8.08 1.13 -15.81
CA ALA B 348 -8.71 0.28 -14.79
C ALA B 348 -10.21 0.43 -14.83
N ALA B 349 -10.68 1.67 -14.88
CA ALA B 349 -12.10 1.95 -14.92
C ALA B 349 -12.73 1.40 -16.20
N GLN B 350 -12.01 1.50 -17.30
CA GLN B 350 -12.53 1.00 -18.57
C GLN B 350 -12.23 -0.45 -18.94
N GLY B 351 -11.91 -1.29 -17.97
CA GLY B 351 -11.66 -2.68 -18.31
C GLY B 351 -10.37 -3.34 -17.88
N VAL B 352 -9.25 -2.62 -17.98
CA VAL B 352 -7.97 -3.22 -17.61
C VAL B 352 -7.93 -3.61 -16.15
N ASP B 353 -7.43 -4.80 -15.87
CA ASP B 353 -7.33 -5.23 -14.49
C ASP B 353 -6.37 -4.24 -13.86
N PRO B 354 -6.76 -3.63 -12.72
CA PRO B 354 -5.92 -2.66 -12.02
C PRO B 354 -4.47 -3.12 -11.88
N GLY B 355 -4.30 -4.41 -11.62
CA GLY B 355 -2.97 -4.97 -11.47
C GLY B 355 -2.13 -4.65 -12.69
N LEU B 356 -2.73 -4.86 -13.86
CA LEU B 356 -2.07 -4.58 -15.12
C LEU B 356 -1.80 -3.08 -15.16
N ALA B 357 -2.88 -2.30 -15.16
CA ALA B 357 -2.81 -0.86 -15.20
C ALA B 357 -1.65 -0.31 -14.38
N ARG B 358 -1.63 -0.65 -13.10
CA ARG B 358 -0.58 -0.15 -12.24
C ARG B 358 0.78 -0.55 -12.78
N ALA B 359 0.93 -1.83 -13.08
CA ALA B 359 2.18 -2.35 -13.60
C ALA B 359 2.59 -1.62 -14.88
N LEU B 360 1.59 -1.31 -15.69
CA LEU B 360 1.79 -0.64 -16.97
C LEU B 360 2.27 0.80 -16.83
N CYS B 361 1.76 1.45 -15.79
CA CYS B 361 2.09 2.84 -15.51
C CYS B 361 3.34 2.93 -14.66
N SER B 362 3.36 2.18 -13.56
CA SER B 362 4.52 2.17 -12.67
C SER B 362 5.69 1.53 -13.39
N GLY B 363 5.39 0.81 -14.47
CA GLY B 363 6.41 0.11 -15.22
C GLY B 363 7.48 0.95 -15.86
N SER B 364 8.56 0.30 -16.23
CA SER B 364 9.67 0.96 -16.89
C SER B 364 9.58 0.61 -18.38
N PRO B 365 10.29 1.37 -19.23
CA PRO B 365 10.23 1.07 -20.65
C PRO B 365 10.54 -0.38 -21.03
N ALA B 366 10.97 -1.19 -20.07
CA ALA B 366 11.26 -2.58 -20.37
C ALA B 366 10.08 -3.44 -19.98
N GLU B 367 9.65 -3.27 -18.73
CA GLU B 367 8.54 -4.04 -18.21
C GLU B 367 7.27 -3.81 -19.04
N ARG B 368 7.10 -2.61 -19.57
CA ARG B 368 5.92 -2.33 -20.38
C ARG B 368 5.97 -3.12 -21.68
N ARG B 369 7.19 -3.25 -22.21
CA ARG B 369 7.41 -3.97 -23.45
C ARG B 369 6.96 -5.43 -23.29
N GLN B 370 7.15 -5.96 -22.08
CA GLN B 370 6.81 -7.33 -21.77
C GLN B 370 5.33 -7.52 -21.46
N LEU B 371 4.63 -6.44 -21.14
CA LEU B 371 3.21 -6.55 -20.82
C LEU B 371 2.27 -6.33 -22.00
N LEU B 372 2.83 -5.88 -23.12
CA LEU B 372 2.02 -5.62 -24.31
C LEU B 372 2.47 -6.52 -25.45
N PRO B 373 1.58 -6.73 -26.46
CA PRO B 373 1.84 -7.56 -27.63
C PRO B 373 3.19 -7.28 -28.31
N ARG B 374 3.91 -8.36 -28.58
CA ARG B 374 5.18 -8.31 -29.24
C ARG B 374 5.03 -9.00 -30.57
N ALA B 375 5.99 -8.78 -31.44
CA ALA B 375 5.98 -9.30 -32.77
C ALA B 375 7.04 -10.38 -32.88
N ARG B 376 6.81 -11.26 -33.83
CA ARG B 376 7.68 -12.40 -34.06
C ARG B 376 9.16 -12.04 -34.23
N GLU B 377 9.48 -11.30 -35.29
CA GLU B 377 10.89 -11.11 -35.61
C GLU B 377 10.96 -9.70 -36.11
N GLN B 378 12.08 -9.03 -35.88
CA GLN B 378 12.02 -7.61 -36.07
C GLN B 378 13.39 -7.29 -36.64
N GLU B 379 13.40 -6.59 -37.79
CA GLU B 379 14.64 -6.25 -38.45
C GLU B 379 14.99 -4.78 -38.22
N GLU B 380 16.16 -4.37 -38.70
CA GLU B 380 16.63 -3.00 -38.60
C GLU B 380 17.24 -2.60 -39.92
N LEU B 381 16.74 -1.49 -40.48
CA LEU B 381 17.21 -0.95 -41.75
C LEU B 381 18.40 -0.03 -41.53
N LEU B 382 19.49 -0.32 -42.23
CA LEU B 382 20.74 0.43 -42.13
C LEU B 382 20.79 1.69 -43.00
N ALA B 383 21.30 2.78 -42.44
CA ALA B 383 21.41 4.02 -43.19
C ALA B 383 22.30 3.71 -44.38
N PRO B 384 21.87 4.13 -45.58
CA PRO B 384 22.61 3.91 -46.83
C PRO B 384 23.74 4.89 -47.16
N ALA B 385 23.70 6.08 -46.58
CA ALA B 385 24.75 7.05 -46.88
C ALA B 385 24.89 8.07 -45.78
N ASP B 386 26.12 8.51 -45.55
CA ASP B 386 26.34 9.52 -44.52
C ASP B 386 25.46 10.67 -44.97
N GLY B 387 24.67 11.18 -44.05
CA GLY B 387 23.80 12.27 -44.39
C GLY B 387 23.20 12.83 -43.12
N THR B 388 22.42 13.88 -43.28
CA THR B 388 21.76 14.56 -42.17
C THR B 388 20.25 14.36 -42.32
N VAL B 389 19.70 13.50 -41.47
CA VAL B 389 18.26 13.21 -41.52
C VAL B 389 17.44 14.46 -41.80
N GLU B 390 16.96 14.61 -43.04
CA GLU B 390 16.14 15.77 -43.36
C GLU B 390 14.71 15.49 -42.91
N LEU B 391 14.31 14.23 -43.04
CA LEU B 391 12.99 13.77 -42.63
C LEU B 391 12.75 12.32 -43.06
N VAL B 392 11.85 11.63 -42.36
CA VAL B 392 11.51 10.27 -42.72
C VAL B 392 10.10 10.35 -43.28
N ARG B 393 9.96 9.99 -44.55
CA ARG B 393 8.68 10.03 -45.22
C ARG B 393 7.69 9.17 -44.44
N ALA B 394 6.66 9.82 -43.90
CA ALA B 394 5.66 9.11 -43.14
C ALA B 394 4.85 8.14 -44.01
N LEU B 395 4.23 8.67 -45.06
CA LEU B 395 3.41 7.88 -45.96
C LEU B 395 3.87 6.46 -46.29
N PRO B 396 5.04 6.30 -46.95
CA PRO B 396 5.54 4.96 -47.30
C PRO B 396 5.59 4.05 -46.09
N LEU B 397 6.01 4.62 -44.98
CA LEU B 397 6.11 3.92 -43.71
C LEU B 397 4.73 3.46 -43.23
N ALA B 398 3.77 4.38 -43.24
CA ALA B 398 2.40 4.08 -42.84
C ALA B 398 1.88 2.98 -43.75
N LEU B 399 2.02 3.17 -45.06
CA LEU B 399 1.55 2.19 -46.03
C LEU B 399 2.16 0.79 -45.88
N VAL B 400 3.46 0.68 -45.73
CA VAL B 400 4.08 -0.64 -45.56
C VAL B 400 3.60 -1.34 -44.28
N LEU B 401 3.63 -0.64 -43.15
CA LEU B 401 3.15 -1.21 -41.90
C LEU B 401 1.79 -1.84 -42.15
N HIS B 402 0.92 -1.07 -42.80
CA HIS B 402 -0.45 -1.49 -43.14
C HIS B 402 -0.47 -2.86 -43.83
N GLU B 403 0.46 -3.10 -44.74
CA GLU B 403 0.52 -4.39 -45.41
C GLU B 403 0.94 -5.49 -44.41
N LEU B 404 1.65 -5.11 -43.35
CA LEU B 404 2.11 -6.08 -42.37
C LEU B 404 1.08 -6.43 -41.30
N GLY B 405 -0.12 -5.87 -41.39
CA GLY B 405 -1.14 -6.21 -40.39
C GLY B 405 -1.52 -5.13 -39.42
N ALA B 406 -0.91 -3.95 -39.56
CA ALA B 406 -1.20 -2.80 -38.68
C ALA B 406 -2.39 -2.03 -39.23
N GLY B 407 -2.71 -2.24 -40.50
CA GLY B 407 -3.82 -1.56 -41.14
C GLY B 407 -4.83 -2.53 -41.74
N ARG B 408 -5.83 -2.89 -40.93
CA ARG B 408 -6.87 -3.81 -41.37
C ARG B 408 -7.71 -3.19 -42.48
N SER B 409 -7.18 -3.21 -43.70
CA SER B 409 -7.89 -2.64 -44.85
C SER B 409 -8.80 -3.67 -45.54
N ARG B 410 -8.78 -4.90 -45.04
CA ARG B 410 -9.50 -6.01 -45.69
C ARG B 410 -11.02 -6.15 -45.45
N ALA B 411 -11.42 -6.15 -44.19
CA ALA B 411 -12.81 -6.25 -43.70
C ALA B 411 -12.81 -5.63 -42.29
N GLY B 412 -13.77 -5.95 -41.39
CA GLY B 412 -13.82 -5.43 -40.00
C GLY B 412 -13.08 -6.37 -39.05
N GLU B 413 -11.96 -6.83 -39.58
CA GLU B 413 -11.02 -7.79 -38.99
C GLU B 413 -10.18 -7.24 -37.86
N PRO B 414 -9.53 -8.13 -37.10
CA PRO B 414 -8.67 -7.72 -36.00
C PRO B 414 -7.34 -7.25 -36.56
N LEU B 415 -6.54 -6.60 -35.73
CA LEU B 415 -5.25 -6.11 -36.16
C LEU B 415 -4.15 -6.92 -35.50
N ARG B 416 -2.92 -6.77 -35.98
CA ARG B 416 -1.76 -7.44 -35.39
C ARG B 416 -1.13 -6.31 -34.60
N LEU B 417 -1.61 -6.16 -33.38
CA LEU B 417 -1.18 -5.09 -32.50
C LEU B 417 0.28 -5.10 -32.11
N GLY B 418 1.03 -6.08 -32.62
CA GLY B 418 2.44 -6.18 -32.32
C GLY B 418 3.27 -5.48 -33.38
N VAL B 419 2.88 -5.69 -34.63
CA VAL B 419 3.55 -5.06 -35.75
C VAL B 419 3.63 -3.55 -35.51
N GLY B 420 4.70 -2.94 -36.01
CA GLY B 420 4.90 -1.51 -35.85
C GLY B 420 6.32 -1.13 -36.23
N ALA B 421 6.67 0.13 -36.04
CA ALA B 421 8.02 0.58 -36.37
C ALA B 421 8.55 1.58 -35.34
N GLU B 422 9.86 1.63 -35.17
CA GLU B 422 10.45 2.55 -34.23
C GLU B 422 11.53 3.33 -34.93
N LEU B 423 11.33 4.63 -35.04
CA LEU B 423 12.33 5.48 -35.68
C LEU B 423 13.49 5.54 -34.73
N LEU B 424 14.68 5.21 -35.23
CA LEU B 424 15.88 5.20 -34.43
C LEU B 424 16.71 6.44 -34.57
N VAL B 425 16.19 7.45 -35.27
CA VAL B 425 16.92 8.71 -35.44
C VAL B 425 15.99 9.92 -35.41
N ASP B 426 16.60 11.10 -35.51
CA ASP B 426 15.85 12.35 -35.46
C ASP B 426 16.23 13.34 -36.55
N VAL B 427 15.25 14.14 -36.97
CA VAL B 427 15.48 15.13 -37.98
C VAL B 427 16.49 16.12 -37.41
N GLY B 428 17.52 16.41 -38.20
CA GLY B 428 18.56 17.32 -37.79
C GLY B 428 19.72 16.49 -37.28
N GLN B 429 19.44 15.23 -36.98
CA GLN B 429 20.48 14.34 -36.49
C GLN B 429 21.35 14.04 -37.69
N ARG B 430 22.65 13.81 -37.44
CA ARG B 430 23.58 13.47 -38.50
C ARG B 430 23.71 11.95 -38.49
N LEU B 431 23.53 11.32 -39.64
CA LEU B 431 23.62 9.87 -39.72
C LEU B 431 24.89 9.43 -40.43
N ARG B 432 25.37 8.24 -40.08
CA ARG B 432 26.59 7.70 -40.69
C ARG B 432 26.38 6.40 -41.45
N ARG B 433 26.49 6.49 -42.77
CA ARG B 433 26.34 5.36 -43.68
C ARG B 433 26.57 4.03 -42.97
N GLY B 434 25.47 3.35 -42.59
CA GLY B 434 25.59 2.06 -41.93
C GLY B 434 24.81 1.93 -40.64
N THR B 435 24.59 3.07 -39.96
CA THR B 435 23.86 3.11 -38.70
C THR B 435 22.40 2.70 -38.85
N PRO B 436 21.90 1.90 -37.90
CA PRO B 436 20.49 1.50 -38.00
C PRO B 436 19.70 2.79 -37.80
N TRP B 437 18.72 3.05 -38.67
CA TRP B 437 17.92 4.26 -38.52
C TRP B 437 16.46 3.92 -38.28
N LEU B 438 16.10 2.64 -38.41
CA LEU B 438 14.73 2.22 -38.22
C LEU B 438 14.60 0.78 -37.76
N ARG B 439 13.67 0.52 -36.83
CA ARG B 439 13.45 -0.84 -36.36
C ARG B 439 12.01 -1.28 -36.63
N VAL B 440 11.89 -2.25 -37.52
CA VAL B 440 10.62 -2.82 -37.94
C VAL B 440 10.24 -4.02 -37.08
N HIS B 441 8.97 -4.12 -36.74
CA HIS B 441 8.46 -5.24 -35.94
C HIS B 441 7.40 -5.96 -36.78
N ARG B 442 7.82 -7.01 -37.47
CA ARG B 442 6.91 -7.78 -38.33
C ARG B 442 6.58 -9.16 -37.77
N ASP B 443 5.44 -9.68 -38.20
CA ASP B 443 4.95 -11.00 -37.78
C ASP B 443 5.16 -12.06 -38.87
N GLY B 444 5.37 -11.62 -40.10
CA GLY B 444 5.59 -12.56 -41.18
C GLY B 444 7.02 -13.04 -41.04
N PRO B 445 7.56 -13.78 -42.03
CA PRO B 445 8.94 -14.23 -41.87
C PRO B 445 10.01 -13.27 -42.44
N ALA B 446 9.57 -12.23 -43.13
CA ALA B 446 10.49 -11.26 -43.72
C ALA B 446 9.75 -10.14 -44.43
N LEU B 447 10.49 -9.22 -45.05
CA LEU B 447 9.91 -8.11 -45.79
C LEU B 447 10.12 -8.32 -47.28
N SER B 448 9.09 -8.13 -48.09
CA SER B 448 9.23 -8.32 -49.54
C SER B 448 10.15 -7.23 -50.13
N GLY B 449 10.76 -7.54 -51.27
CA GLY B 449 11.65 -6.58 -51.90
C GLY B 449 10.96 -5.23 -52.00
N PRO B 450 9.72 -5.19 -52.51
CA PRO B 450 8.98 -3.93 -52.66
C PRO B 450 8.80 -3.15 -51.36
N GLN B 451 8.45 -3.85 -50.27
CA GLN B 451 8.27 -3.22 -48.94
C GLN B 451 9.60 -2.70 -48.38
N SER B 452 10.56 -3.60 -48.27
CA SER B 452 11.86 -3.23 -47.78
C SER B 452 12.34 -1.99 -48.52
N ARG B 453 12.37 -2.09 -49.84
CA ARG B 453 12.83 -1.01 -50.70
C ARG B 453 12.06 0.30 -50.49
N ALA B 454 10.77 0.17 -50.19
CA ALA B 454 9.92 1.33 -49.94
C ALA B 454 10.46 2.10 -48.73
N LEU B 455 10.61 1.37 -47.64
CA LEU B 455 11.11 1.94 -46.39
C LEU B 455 12.44 2.68 -46.54
N GLN B 456 13.40 2.09 -47.24
CA GLN B 456 14.69 2.76 -47.42
C GLN B 456 14.55 4.11 -48.12
N GLU B 457 13.66 4.18 -49.10
CA GLU B 457 13.47 5.42 -49.83
C GLU B 457 12.81 6.51 -48.98
N ALA B 458 12.11 6.10 -47.93
CA ALA B 458 11.43 7.04 -47.03
C ALA B 458 12.41 7.89 -46.21
N LEU B 459 13.69 7.52 -46.18
CA LEU B 459 14.66 8.28 -45.43
C LEU B 459 15.42 9.24 -46.35
N VAL B 460 15.17 10.53 -46.21
CA VAL B 460 15.81 11.54 -47.01
C VAL B 460 17.03 12.11 -46.30
N LEU B 461 18.16 12.19 -47.01
CA LEU B 461 19.38 12.73 -46.41
C LEU B 461 20.02 13.85 -47.21
N SER B 462 20.49 14.87 -46.48
CA SER B 462 21.15 16.03 -47.08
C SER B 462 22.54 16.24 -46.48
N ASP B 463 23.41 16.90 -47.23
CA ASP B 463 24.75 17.13 -46.71
C ASP B 463 24.83 18.49 -46.03
N ARG B 464 23.87 18.75 -45.14
CA ARG B 464 23.86 20.02 -44.41
C ARG B 464 24.01 19.83 -42.90
N ALA B 465 24.69 20.78 -42.28
CA ALA B 465 24.94 20.76 -40.85
C ALA B 465 23.72 20.30 -40.09
N PRO B 466 23.92 19.39 -39.12
CA PRO B 466 22.81 18.89 -38.32
C PRO B 466 22.08 20.06 -37.65
N PHE B 467 20.77 19.94 -37.52
CA PHE B 467 19.95 20.99 -36.93
C PHE B 467 18.98 20.45 -35.88
N ALA B 468 18.27 21.38 -35.24
CA ALA B 468 17.27 21.04 -34.23
C ALA B 468 15.93 20.92 -34.92
N ALA B 469 15.23 19.81 -34.67
CA ALA B 469 13.92 19.57 -35.29
C ALA B 469 12.97 20.73 -35.04
N PRO B 470 12.04 20.97 -35.97
CA PRO B 470 11.10 22.07 -35.76
C PRO B 470 9.79 21.56 -35.12
N SER B 471 8.85 22.47 -34.90
CA SER B 471 7.58 22.11 -34.31
C SER B 471 6.61 21.76 -35.42
N PRO B 472 5.82 20.69 -35.24
CA PRO B 472 4.85 20.30 -36.27
C PRO B 472 3.62 21.22 -36.28
N PHE B 473 3.44 21.98 -35.21
CA PHE B 473 2.32 22.92 -35.06
C PHE B 473 2.51 24.15 -35.94
N ALA B 474 1.54 24.41 -36.81
CA ALA B 474 1.59 25.53 -37.73
C ALA B 474 0.81 26.72 -37.20
N GLU B 475 -0.26 27.10 -37.89
CA GLU B 475 -1.08 28.22 -37.44
C GLU B 475 -2.27 27.68 -36.64
N LEU B 476 -3.25 28.53 -36.40
CA LEU B 476 -4.44 28.13 -35.64
C LEU B 476 -5.61 28.93 -36.18
N VAL B 477 -6.74 28.26 -36.33
CA VAL B 477 -7.94 28.90 -36.84
C VAL B 477 -8.99 28.99 -35.77
N LEU B 478 -9.06 30.12 -35.07
CA LEU B 478 -10.06 30.27 -34.04
C LEU B 478 -11.37 30.34 -34.79
N PRO B 479 -12.49 30.06 -34.12
CA PRO B 479 -13.80 30.11 -34.76
C PRO B 479 -14.14 31.51 -35.26
N PRO B 480 -13.90 31.77 -36.56
CA PRO B 480 -14.19 33.08 -37.14
C PRO B 480 -15.64 33.52 -36.99
N GLN B 481 -15.95 34.65 -37.42
N PRO C 33 -14.14 22.11 30.25
CA PRO C 33 -13.08 21.22 29.79
C PRO C 33 -11.69 21.81 30.06
N LYS C 34 -10.72 21.45 29.23
CA LYS C 34 -9.36 21.95 29.39
C LYS C 34 -8.40 21.23 28.44
N GLN C 35 -7.75 22.01 27.58
CA GLN C 35 -6.80 21.46 26.62
C GLN C 35 -5.78 20.57 27.30
N LEU C 36 -4.75 20.16 26.56
CA LEU C 36 -3.71 19.30 27.09
C LEU C 36 -2.53 20.12 27.60
N PRO C 37 -1.98 20.97 26.73
CA PRO C 37 -0.85 21.82 27.09
C PRO C 37 -1.01 22.38 28.48
N GLU C 38 -2.26 22.67 28.81
CA GLU C 38 -2.62 23.24 30.09
C GLU C 38 -2.66 22.22 31.20
N LEU C 39 -3.18 21.03 30.90
CA LEU C 39 -3.24 19.96 31.89
C LEU C 39 -1.80 19.62 32.31
N ILE C 40 -0.90 19.62 31.34
CA ILE C 40 0.49 19.32 31.64
C ILE C 40 1.04 20.47 32.50
N ARG C 41 0.69 21.70 32.12
CA ARG C 41 1.14 22.86 32.86
C ARG C 41 0.73 22.67 34.32
N MET C 42 -0.49 22.19 34.52
CA MET C 42 -1.03 21.96 35.86
C MET C 42 -0.20 20.99 36.69
N LYS C 43 0.12 19.84 36.10
CA LYS C 43 0.90 18.81 36.78
C LYS C 43 2.36 19.27 36.92
N ARG C 44 2.81 20.07 35.94
CA ARG C 44 4.16 20.61 35.92
C ARG C 44 4.43 21.41 37.19
N ASP C 45 3.47 22.26 37.54
CA ASP C 45 3.60 23.07 38.73
C ASP C 45 3.12 22.25 39.92
N GLY C 46 3.10 20.95 39.76
CA GLY C 46 2.69 20.09 40.84
C GLY C 46 1.25 20.23 41.25
N GLY C 47 0.40 20.60 40.31
CA GLY C 47 -1.01 20.75 40.63
C GLY C 47 -1.65 19.37 40.69
N ARG C 48 -2.76 19.26 41.43
CA ARG C 48 -3.46 18.01 41.54
C ARG C 48 -4.36 17.95 40.32
N LEU C 49 -4.80 16.75 39.95
CA LEU C 49 -5.66 16.61 38.77
C LEU C 49 -7.12 16.30 39.10
N SER C 50 -8.00 17.15 38.60
CA SER C 50 -9.43 16.97 38.83
C SER C 50 -9.78 15.63 38.23
N GLU C 51 -10.72 14.94 38.88
CA GLU C 51 -11.15 13.63 38.42
C GLU C 51 -11.47 13.72 36.93
N ALA C 52 -11.97 14.87 36.50
CA ALA C 52 -12.30 15.07 35.10
C ALA C 52 -11.06 15.22 34.21
N ASP C 53 -10.01 15.87 34.72
CA ASP C 53 -8.76 16.05 33.97
C ASP C 53 -8.16 14.71 33.57
N ILE C 54 -7.94 13.86 34.56
CA ILE C 54 -7.41 12.53 34.34
C ILE C 54 -8.25 11.86 33.26
N ARG C 55 -9.57 11.92 33.42
CA ARG C 55 -10.46 11.30 32.48
C ARG C 55 -10.28 11.80 31.04
N GLY C 56 -10.01 13.10 30.90
CA GLY C 56 -9.85 13.68 29.58
C GLY C 56 -8.52 13.32 28.94
N PHE C 57 -7.47 13.41 29.74
CA PHE C 57 -6.15 13.08 29.28
C PHE C 57 -6.15 11.69 28.68
N VAL C 58 -6.66 10.72 29.44
CA VAL C 58 -6.71 9.33 29.00
C VAL C 58 -7.42 9.17 27.66
N ALA C 59 -8.56 9.82 27.52
CA ALA C 59 -9.33 9.74 26.28
C ALA C 59 -8.46 10.24 25.13
N ALA C 60 -7.83 11.38 25.34
CA ALA C 60 -6.96 11.98 24.34
C ALA C 60 -5.93 10.96 23.89
N VAL C 61 -5.45 10.14 24.81
CA VAL C 61 -4.46 9.13 24.44
C VAL C 61 -5.12 8.12 23.52
N VAL C 62 -6.25 7.56 23.97
CA VAL C 62 -7.00 6.58 23.20
C VAL C 62 -7.33 7.05 21.79
N ASN C 63 -8.09 8.14 21.67
CA ASN C 63 -8.45 8.63 20.34
C ASN C 63 -7.30 9.31 19.57
N GLY C 64 -6.18 9.58 20.23
CA GLY C 64 -5.05 10.20 19.57
C GLY C 64 -5.08 11.73 19.50
N SER C 65 -5.80 12.36 20.41
CA SER C 65 -5.89 13.81 20.46
C SER C 65 -4.55 14.30 21.05
N ALA C 66 -3.90 13.40 21.78
CA ALA C 66 -2.62 13.71 22.40
C ALA C 66 -1.51 13.18 21.53
N GLN C 67 -0.39 13.90 21.52
CA GLN C 67 0.75 13.48 20.75
C GLN C 67 1.80 12.93 21.71
N GLY C 68 2.67 12.08 21.18
CA GLY C 68 3.72 11.50 21.97
C GLY C 68 4.44 12.53 22.82
N ALA C 69 4.90 13.61 22.21
CA ALA C 69 5.62 14.63 22.97
C ALA C 69 4.79 15.11 24.16
N GLN C 70 3.47 14.93 24.10
CA GLN C 70 2.62 15.36 25.22
C GLN C 70 2.50 14.25 26.25
N ILE C 71 2.28 13.05 25.74
CA ILE C 71 2.17 11.86 26.56
C ILE C 71 3.40 11.76 27.44
N GLY C 72 4.57 12.01 26.83
CA GLY C 72 5.83 11.94 27.55
C GLY C 72 6.09 13.13 28.46
N ALA C 73 5.67 14.31 28.02
CA ALA C 73 5.83 15.51 28.82
C ALA C 73 5.05 15.31 30.10
N MET C 74 3.96 14.56 30.00
CA MET C 74 3.11 14.30 31.14
C MET C 74 3.63 13.22 32.09
N LEU C 75 4.29 12.20 31.54
CA LEU C 75 4.82 11.17 32.42
C LEU C 75 5.97 11.79 33.23
N MET C 76 6.81 12.54 32.54
CA MET C 76 7.94 13.20 33.17
C MET C 76 7.41 14.14 34.24
N ALA C 77 6.21 14.66 34.03
CA ALA C 77 5.60 15.57 34.98
C ALA C 77 5.15 14.79 36.20
N ILE C 78 4.43 13.70 35.96
CA ILE C 78 3.94 12.87 37.07
C ILE C 78 5.15 12.28 37.82
N ARG C 79 6.22 12.04 37.07
CA ARG C 79 7.45 11.47 37.63
C ARG C 79 8.18 12.36 38.64
N LEU C 80 8.32 13.64 38.34
CA LEU C 80 9.03 14.54 39.24
C LEU C 80 8.09 15.32 40.14
N ARG C 81 6.81 15.32 39.79
CA ARG C 81 5.84 16.05 40.55
C ARG C 81 4.88 15.16 41.35
N GLY C 82 4.71 13.93 40.91
CA GLY C 82 3.84 12.98 41.58
C GLY C 82 2.48 13.57 41.87
N MET C 83 1.66 12.83 42.63
CA MET C 83 0.32 13.28 42.98
C MET C 83 -0.17 12.57 44.24
N ASP C 84 -1.50 12.59 44.43
CA ASP C 84 -2.10 11.94 45.59
C ASP C 84 -2.81 10.65 45.20
N LEU C 85 -3.53 10.06 46.15
CA LEU C 85 -4.26 8.83 45.91
C LEU C 85 -5.50 8.98 45.00
N GLU C 86 -6.28 10.04 45.18
CA GLU C 86 -7.48 10.26 44.35
C GLU C 86 -7.08 10.19 42.88
N GLU C 87 -6.00 10.90 42.57
CA GLU C 87 -5.44 10.97 41.25
C GLU C 87 -5.10 9.56 40.82
N THR C 88 -4.35 8.88 41.68
CA THR C 88 -3.93 7.50 41.46
C THR C 88 -5.14 6.58 41.28
N SER C 89 -6.04 6.59 42.25
CA SER C 89 -7.24 5.77 42.22
C SER C 89 -8.02 6.08 40.96
N VAL C 90 -8.10 7.36 40.64
CA VAL C 90 -8.84 7.81 39.45
C VAL C 90 -8.12 7.44 38.16
N LEU C 91 -6.81 7.58 38.17
CA LEU C 91 -6.04 7.25 37.00
C LEU C 91 -6.22 5.75 36.77
N THR C 92 -6.01 4.96 37.81
CA THR C 92 -6.16 3.52 37.65
C THR C 92 -7.54 3.22 37.07
N GLN C 93 -8.60 3.84 37.62
CA GLN C 93 -9.97 3.63 37.14
C GLN C 93 -10.07 4.01 35.68
N ALA C 94 -9.72 5.25 35.39
CA ALA C 94 -9.74 5.80 34.04
C ALA C 94 -9.17 4.81 33.04
N LEU C 95 -7.92 4.40 33.29
CA LEU C 95 -7.22 3.46 32.42
C LEU C 95 -8.00 2.19 32.13
N ALA C 96 -8.63 1.63 33.17
CA ALA C 96 -9.39 0.40 33.03
C ALA C 96 -10.56 0.55 32.07
N GLN C 97 -11.29 1.64 32.24
CA GLN C 97 -12.47 1.92 31.43
C GLN C 97 -12.17 2.51 30.05
N SER C 98 -10.96 2.34 29.56
CA SER C 98 -10.57 2.88 28.25
C SER C 98 -10.77 1.89 27.09
N GLY C 99 -11.04 0.64 27.42
CA GLY C 99 -11.27 -0.38 26.42
C GLY C 99 -12.57 -1.05 26.81
N GLN C 100 -12.59 -2.38 26.77
CA GLN C 100 -13.79 -3.09 27.17
C GLN C 100 -13.52 -3.68 28.53
N GLN C 101 -14.47 -4.48 29.00
CA GLN C 101 -14.35 -5.17 30.28
C GLN C 101 -14.78 -6.60 29.98
N LEU C 102 -13.99 -7.56 30.47
CA LEU C 102 -14.27 -8.96 30.21
C LEU C 102 -15.58 -9.52 30.77
N GLU C 103 -16.37 -10.09 29.87
CA GLU C 103 -17.66 -10.70 30.20
C GLU C 103 -17.42 -12.11 30.74
N TRP C 104 -17.80 -12.37 31.99
CA TRP C 104 -17.54 -13.68 32.59
C TRP C 104 -18.77 -14.45 33.06
N PRO C 105 -18.83 -15.76 32.75
CA PRO C 105 -19.95 -16.59 33.16
C PRO C 105 -20.03 -16.62 34.68
N GLU C 106 -21.10 -17.20 35.22
CA GLU C 106 -21.26 -17.33 36.67
C GLU C 106 -20.50 -18.59 37.01
N ALA C 107 -20.50 -19.51 36.06
CA ALA C 107 -19.83 -20.80 36.17
C ALA C 107 -18.32 -20.64 36.38
N TRP C 108 -17.81 -19.42 36.25
CA TRP C 108 -16.37 -19.19 36.44
C TRP C 108 -16.14 -18.20 37.56
N ARG C 109 -17.24 -17.69 38.11
CA ARG C 109 -17.19 -16.72 39.19
C ARG C 109 -16.10 -17.02 40.23
N GLN C 110 -16.42 -17.89 41.19
CA GLN C 110 -15.51 -18.26 42.27
C GLN C 110 -14.06 -18.55 41.82
N GLN C 111 -13.91 -18.94 40.57
CA GLN C 111 -12.61 -19.28 40.00
C GLN C 111 -12.02 -18.24 39.08
N LEU C 112 -11.55 -17.13 39.64
CA LEU C 112 -10.91 -16.07 38.86
C LEU C 112 -9.92 -15.32 39.73
N VAL C 113 -8.67 -15.59 39.45
CA VAL C 113 -7.56 -15.01 40.18
C VAL C 113 -6.50 -14.56 39.19
N ASP C 114 -5.36 -14.14 39.73
CA ASP C 114 -4.22 -13.69 38.94
C ASP C 114 -3.21 -13.07 39.87
N LYS C 115 -1.96 -13.05 39.43
CA LYS C 115 -0.85 -12.48 40.20
C LYS C 115 -0.17 -11.47 39.29
N HIS C 116 0.67 -10.61 39.85
CA HIS C 116 1.37 -9.62 39.03
C HIS C 116 2.63 -9.17 39.72
N SER C 117 3.77 -9.23 39.04
CA SER C 117 5.02 -8.79 39.64
C SER C 117 5.31 -7.35 39.19
N THR C 118 5.90 -6.58 40.09
CA THR C 118 6.24 -5.18 39.81
C THR C 118 7.38 -5.09 38.82
N GLY C 119 8.11 -6.19 38.64
CA GLY C 119 9.23 -6.20 37.71
C GLY C 119 10.49 -6.79 38.31
N GLY C 120 11.23 -7.55 37.50
CA GLY C 120 12.46 -8.15 37.98
C GLY C 120 13.35 -8.75 36.91
N VAL C 121 14.37 -9.49 37.35
CA VAL C 121 15.32 -10.15 36.45
C VAL C 121 15.02 -11.63 36.59
N GLY C 122 14.91 -12.33 35.46
CA GLY C 122 14.61 -13.75 35.51
C GLY C 122 13.32 -14.05 36.26
N ASP C 123 12.39 -13.09 36.26
CA ASP C 123 11.10 -13.22 36.96
C ASP C 123 10.03 -13.93 36.11
N LYS C 124 10.25 -15.21 35.78
CA LYS C 124 9.30 -15.95 34.95
C LYS C 124 8.23 -16.73 35.71
N VAL C 125 8.00 -16.34 36.96
CA VAL C 125 6.98 -16.95 37.81
C VAL C 125 5.64 -17.13 37.11
N SER C 126 5.19 -16.03 36.49
CA SER C 126 3.91 -16.01 35.79
C SER C 126 3.85 -16.96 34.62
N LEU C 127 4.99 -17.25 33.99
CA LEU C 127 5.01 -18.17 32.87
C LEU C 127 4.62 -19.56 33.37
N VAL C 128 5.04 -19.86 34.60
CA VAL C 128 4.76 -21.15 35.23
C VAL C 128 3.46 -21.14 36.03
N LEU C 129 3.28 -20.14 36.89
CA LEU C 129 2.08 -20.04 37.74
C LEU C 129 0.71 -20.07 37.07
N ALA C 130 0.52 -19.28 36.01
CA ALA C 130 -0.76 -19.28 35.33
C ALA C 130 -1.15 -20.70 34.95
N PRO C 131 -0.27 -21.43 34.22
CA PRO C 131 -0.64 -22.80 33.86
C PRO C 131 -0.99 -23.63 35.08
N ALA C 132 -0.21 -23.45 36.15
CA ALA C 132 -0.43 -24.20 37.38
C ALA C 132 -1.80 -23.95 37.97
N LEU C 133 -2.06 -22.70 38.37
CA LEU C 133 -3.37 -22.35 38.93
C LEU C 133 -4.51 -22.88 38.09
N ALA C 134 -4.39 -22.71 36.76
CA ALA C 134 -5.39 -23.16 35.79
C ALA C 134 -5.77 -24.60 36.09
N ALA C 135 -4.75 -25.47 36.17
CA ALA C 135 -4.97 -26.88 36.45
C ALA C 135 -4.99 -27.15 37.95
N CYS C 136 -5.57 -26.23 38.70
CA CYS C 136 -5.67 -26.37 40.15
C CYS C 136 -7.05 -25.94 40.65
N GLY C 137 -7.97 -25.72 39.71
CA GLY C 137 -9.31 -25.30 40.05
C GLY C 137 -9.47 -23.80 40.02
N CYS C 138 -8.76 -23.15 39.11
CA CYS C 138 -8.82 -21.69 38.98
C CYS C 138 -8.66 -21.23 37.53
N LYS C 139 -9.44 -20.21 37.16
CA LYS C 139 -9.39 -19.63 35.83
C LYS C 139 -8.59 -18.32 35.88
N VAL C 140 -7.44 -18.29 35.21
CA VAL C 140 -6.55 -17.11 35.21
C VAL C 140 -6.39 -16.38 33.85
N PRO C 141 -7.04 -15.21 33.73
CA PRO C 141 -7.02 -14.33 32.55
C PRO C 141 -5.96 -13.25 32.71
N MET C 142 -4.72 -13.58 32.41
CA MET C 142 -3.64 -12.62 32.59
C MET C 142 -3.30 -11.71 31.43
N ILE C 143 -3.33 -10.41 31.73
CA ILE C 143 -2.98 -9.37 30.78
C ILE C 143 -1.72 -8.77 31.40
N SER C 144 -0.57 -9.24 30.93
CA SER C 144 0.72 -8.76 31.41
C SER C 144 1.15 -7.72 30.43
N GLY C 145 2.36 -7.23 30.63
CA GLY C 145 2.87 -6.23 29.73
C GLY C 145 4.19 -6.64 29.10
N ARG C 146 4.82 -5.68 28.44
CA ARG C 146 6.08 -5.88 27.80
C ARG C 146 7.17 -5.39 28.75
N GLY C 147 8.41 -5.38 28.25
CA GLY C 147 9.53 -4.94 29.06
C GLY C 147 9.34 -3.53 29.57
N LEU C 148 9.71 -3.31 30.82
CA LEU C 148 9.58 -1.99 31.42
C LEU C 148 10.97 -1.60 31.95
N GLY C 149 11.69 -0.81 31.18
CA GLY C 149 13.02 -0.41 31.63
C GLY C 149 13.94 -1.61 31.63
N HIS C 150 14.63 -1.84 32.75
CA HIS C 150 15.56 -2.97 32.83
C HIS C 150 14.93 -4.28 33.28
N THR C 151 13.62 -4.28 33.56
CA THR C 151 12.95 -5.50 33.96
C THR C 151 12.36 -6.15 32.72
N GLY C 152 12.57 -7.45 32.60
CA GLY C 152 12.06 -8.16 31.44
C GLY C 152 10.55 -8.19 31.48
N GLY C 153 9.93 -8.14 30.30
CA GLY C 153 8.48 -8.16 30.22
C GLY C 153 7.99 -9.55 29.89
N THR C 154 7.23 -10.13 30.80
CA THR C 154 6.72 -11.49 30.61
C THR C 154 6.15 -11.77 29.22
N LEU C 155 5.65 -10.75 28.56
CA LEU C 155 5.07 -10.88 27.24
C LEU C 155 6.10 -11.12 26.15
N ASP C 156 7.21 -10.38 26.18
CA ASP C 156 8.29 -10.57 25.19
C ASP C 156 8.83 -11.99 25.35
N LYS C 157 8.85 -12.44 26.60
CA LYS C 157 9.34 -13.77 26.90
C LYS C 157 8.53 -14.79 26.13
N LEU C 158 7.21 -14.76 26.27
CA LEU C 158 6.36 -15.72 25.54
C LEU C 158 6.47 -15.49 24.03
N GLU C 159 6.78 -14.25 23.64
CA GLU C 159 6.93 -13.87 22.24
C GLU C 159 7.91 -14.77 21.49
N SER C 160 8.98 -15.15 22.18
CA SER C 160 10.02 -16.00 21.61
C SER C 160 9.48 -17.31 21.06
N ILE C 161 8.26 -17.67 21.43
CA ILE C 161 7.67 -18.92 20.95
C ILE C 161 6.97 -18.63 19.62
N PRO C 162 7.54 -19.10 18.51
CA PRO C 162 6.97 -18.89 17.19
C PRO C 162 5.47 -19.11 17.10
N GLY C 163 4.76 -18.06 16.69
CA GLY C 163 3.32 -18.15 16.54
C GLY C 163 2.49 -17.69 17.71
N PHE C 164 3.08 -17.61 18.90
CA PHE C 164 2.33 -17.19 20.08
C PHE C 164 1.82 -15.75 19.96
N ASN C 165 0.56 -15.63 19.55
CA ASN C 165 -0.07 -14.33 19.40
C ASN C 165 -0.53 -13.88 20.78
N VAL C 166 0.01 -12.75 21.27
CA VAL C 166 -0.34 -12.22 22.59
C VAL C 166 -1.47 -11.18 22.57
N ILE C 167 -2.08 -10.99 21.40
CA ILE C 167 -3.17 -10.05 21.24
C ILE C 167 -4.43 -10.87 20.93
N GLN C 168 -5.23 -11.13 21.94
CA GLN C 168 -6.43 -11.93 21.75
C GLN C 168 -7.72 -11.22 22.16
N SER C 169 -8.62 -11.04 21.19
CA SER C 169 -9.91 -10.39 21.43
C SER C 169 -10.56 -10.87 22.73
N PRO C 170 -11.42 -10.04 23.33
CA PRO C 170 -12.11 -10.39 24.57
C PRO C 170 -12.97 -11.63 24.41
N GLU C 171 -13.30 -11.94 23.15
CA GLU C 171 -14.08 -13.13 22.83
C GLU C 171 -13.12 -14.31 22.85
N GLN C 172 -12.07 -14.23 22.04
CA GLN C 172 -11.06 -15.27 21.98
C GLN C 172 -10.67 -15.71 23.40
N MET C 173 -10.57 -14.75 24.31
CA MET C 173 -10.21 -15.05 25.70
C MET C 173 -11.18 -15.97 26.43
N GLN C 174 -12.46 -15.90 26.11
CA GLN C 174 -13.44 -16.75 26.76
C GLN C 174 -13.22 -18.21 26.35
N VAL C 175 -12.68 -18.40 25.14
CA VAL C 175 -12.37 -19.73 24.63
C VAL C 175 -11.20 -20.25 25.46
N LEU C 176 -10.12 -19.47 25.45
CA LEU C 176 -8.91 -19.81 26.20
C LEU C 176 -9.24 -20.35 27.59
N LEU C 177 -9.71 -19.48 28.48
CA LEU C 177 -10.06 -19.92 29.82
C LEU C 177 -10.92 -21.18 29.78
N ASP C 178 -11.71 -21.32 28.71
CA ASP C 178 -12.60 -22.47 28.55
C ASP C 178 -11.88 -23.72 28.01
N GLN C 179 -10.88 -23.53 27.14
CA GLN C 179 -10.17 -24.65 26.57
C GLN C 179 -8.88 -25.03 27.31
N ALA C 180 -8.27 -24.06 27.98
CA ALA C 180 -7.03 -24.30 28.71
C ALA C 180 -7.08 -23.80 30.15
N GLY C 181 -8.04 -22.93 30.46
CA GLY C 181 -8.15 -22.41 31.81
C GLY C 181 -7.24 -21.25 32.17
N CYS C 182 -6.47 -20.76 31.21
CA CYS C 182 -5.55 -19.65 31.46
C CYS C 182 -5.06 -18.99 30.18
N CYS C 183 -4.68 -17.72 30.27
CA CYS C 183 -4.15 -17.00 29.12
C CYS C 183 -3.35 -15.77 29.52
N ILE C 184 -2.25 -15.52 28.81
CA ILE C 184 -1.43 -14.37 29.08
C ILE C 184 -1.50 -13.49 27.84
N VAL C 185 -2.13 -12.33 27.98
CA VAL C 185 -2.30 -11.40 26.87
C VAL C 185 -1.78 -10.00 27.16
N GLY C 186 -1.75 -9.17 26.13
CA GLY C 186 -1.27 -7.81 26.27
C GLY C 186 -2.35 -6.76 26.02
N GLN C 187 -1.99 -5.49 26.14
CA GLN C 187 -2.96 -4.42 25.93
C GLN C 187 -3.35 -4.37 24.46
N SER C 188 -4.65 -4.30 24.20
CA SER C 188 -5.14 -4.23 22.84
C SER C 188 -5.91 -2.95 22.63
N GLU C 189 -6.29 -2.70 21.39
CA GLU C 189 -7.04 -1.52 21.04
C GLU C 189 -8.43 -1.66 21.66
N GLN C 190 -8.63 -2.77 22.37
CA GLN C 190 -9.90 -3.10 23.01
C GLN C 190 -9.77 -3.40 24.51
N LEU C 191 -8.56 -3.76 24.93
CA LEU C 191 -8.31 -4.09 26.34
C LEU C 191 -7.29 -3.13 26.94
N VAL C 192 -7.79 -2.13 27.66
CA VAL C 192 -6.93 -1.15 28.31
C VAL C 192 -5.86 -0.62 27.35
N PRO C 193 -6.31 0.01 26.27
CA PRO C 193 -5.39 0.57 25.28
C PRO C 193 -4.52 1.66 25.87
N ALA C 194 -5.17 2.58 26.58
CA ALA C 194 -4.50 3.71 27.22
C ALA C 194 -3.31 3.29 28.07
N ASP C 195 -3.39 2.14 28.72
CA ASP C 195 -2.29 1.67 29.55
C ASP C 195 -1.19 1.22 28.63
N GLY C 196 -1.60 0.63 27.51
CA GLY C 196 -0.63 0.16 26.53
C GLY C 196 0.25 1.30 26.05
N ILE C 197 -0.37 2.40 25.65
CA ILE C 197 0.35 3.56 25.18
C ILE C 197 1.32 4.12 26.23
N LEU C 198 0.83 4.24 27.46
CA LEU C 198 1.63 4.78 28.53
C LEU C 198 2.68 3.83 29.07
N TYR C 199 2.47 2.53 28.87
CA TYR C 199 3.40 1.51 29.33
C TYR C 199 4.63 1.48 28.41
N ALA C 200 4.39 1.68 27.11
CA ALA C 200 5.48 1.69 26.15
C ALA C 200 6.22 3.02 26.25
N ALA C 201 5.56 4.02 26.82
CA ALA C 201 6.15 5.34 26.97
C ALA C 201 7.04 5.39 28.21
N ARG C 202 6.52 4.91 29.34
CA ARG C 202 7.30 4.90 30.57
C ARG C 202 8.62 4.20 30.30
N ASP C 203 8.50 3.03 29.67
CA ASP C 203 9.63 2.17 29.31
C ASP C 203 10.84 2.94 28.80
N VAL C 204 10.68 3.65 27.69
CA VAL C 204 11.76 4.40 27.08
C VAL C 204 11.84 5.85 27.53
N THR C 205 11.07 6.21 28.54
CA THR C 205 11.09 7.59 28.98
C THR C 205 11.74 7.91 30.34
N ALA C 206 12.12 6.87 31.09
CA ALA C 206 12.72 7.04 32.41
C ALA C 206 11.66 7.37 33.42
N THR C 207 10.40 7.20 33.02
CA THR C 207 9.27 7.45 33.89
C THR C 207 8.65 6.13 34.35
N VAL C 208 9.45 5.08 34.37
CA VAL C 208 9.01 3.75 34.81
C VAL C 208 8.67 3.70 36.31
N ASP C 209 9.55 4.25 37.13
CA ASP C 209 9.33 4.22 38.58
C ASP C 209 8.52 5.35 39.18
N SER C 210 7.21 5.15 39.28
CA SER C 210 6.33 6.13 39.88
C SER C 210 5.32 5.33 40.65
N LEU C 211 5.24 5.58 41.96
CA LEU C 211 4.32 4.85 42.81
C LEU C 211 2.94 4.83 42.17
N PRO C 212 2.43 5.99 41.71
CA PRO C 212 1.11 6.08 41.06
C PRO C 212 1.02 5.51 39.65
N LEU C 213 2.10 5.61 38.89
CA LEU C 213 2.11 5.09 37.53
C LEU C 213 2.11 3.59 37.51
N ILE C 214 2.76 2.98 38.49
CA ILE C 214 2.78 1.54 38.52
C ILE C 214 1.50 0.99 39.12
N THR C 215 1.03 1.60 40.21
CA THR C 215 -0.23 1.13 40.80
C THR C 215 -1.26 1.12 39.67
N ALA C 216 -1.36 2.25 38.97
CA ALA C 216 -2.27 2.41 37.85
C ALA C 216 -2.05 1.35 36.78
N SER C 217 -0.85 1.28 36.22
CA SER C 217 -0.57 0.30 35.18
C SER C 217 -1.02 -1.10 35.58
N ILE C 218 -0.78 -1.44 36.83
CA ILE C 218 -1.11 -2.76 37.35
C ILE C 218 -2.57 -2.94 37.70
N LEU C 219 -3.03 -2.27 38.74
CA LEU C 219 -4.43 -2.36 39.16
C LEU C 219 -5.39 -2.16 37.98
N SER C 220 -4.96 -1.41 36.97
CA SER C 220 -5.84 -1.19 35.82
C SER C 220 -6.00 -2.51 35.08
N LYS C 221 -4.90 -3.08 34.58
CA LYS C 221 -4.99 -4.34 33.86
C LYS C 221 -5.67 -5.42 34.68
N LYS C 222 -5.71 -5.23 35.99
CA LYS C 222 -6.33 -6.23 36.84
C LYS C 222 -7.80 -5.94 37.06
N LEU C 223 -8.15 -4.66 37.07
CA LEU C 223 -9.54 -4.27 37.26
C LEU C 223 -10.42 -4.80 36.12
N VAL C 224 -9.91 -4.76 34.89
CA VAL C 224 -10.67 -5.25 33.75
C VAL C 224 -10.92 -6.74 33.81
N GLU C 225 -9.96 -7.47 34.37
CA GLU C 225 -10.05 -8.92 34.48
C GLU C 225 -11.17 -9.48 35.37
N GLY C 226 -11.86 -8.63 36.12
CA GLY C 226 -12.93 -9.08 37.00
C GLY C 226 -12.53 -10.36 37.74
N LEU C 227 -11.80 -10.20 38.84
CA LEU C 227 -11.30 -11.35 39.59
C LEU C 227 -11.84 -11.52 41.00
N SER C 228 -12.06 -12.77 41.34
CA SER C 228 -12.52 -13.14 42.66
C SER C 228 -11.40 -12.77 43.64
N ALA C 229 -10.15 -12.90 43.19
CA ALA C 229 -8.98 -12.59 44.03
C ALA C 229 -7.70 -12.28 43.22
N LEU C 230 -6.77 -11.55 43.84
CA LEU C 230 -5.52 -11.16 43.18
C LEU C 230 -4.34 -11.02 44.15
N VAL C 231 -3.16 -11.45 43.70
CA VAL C 231 -1.97 -11.33 44.51
C VAL C 231 -0.92 -10.58 43.71
N VAL C 232 -0.29 -9.60 44.34
CA VAL C 232 0.73 -8.82 43.66
C VAL C 232 2.13 -9.02 44.23
N ASP C 233 3.04 -9.46 43.35
CA ASP C 233 4.44 -9.68 43.71
C ASP C 233 5.13 -8.31 43.68
N VAL C 234 5.48 -7.79 44.84
CA VAL C 234 6.18 -6.51 44.92
C VAL C 234 7.65 -6.80 45.19
N LYS C 235 8.49 -6.66 44.16
CA LYS C 235 9.93 -6.94 44.28
C LYS C 235 10.72 -5.85 45.01
N PHE C 236 11.67 -6.27 45.84
CA PHE C 236 12.52 -5.32 46.55
C PHE C 236 13.97 -5.77 46.52
N GLY C 237 14.87 -4.86 46.19
CA GLY C 237 16.27 -5.21 46.12
C GLY C 237 17.00 -4.51 44.98
N GLY C 238 18.32 -4.50 45.06
CA GLY C 238 19.13 -3.86 44.05
C GLY C 238 18.59 -3.86 42.64
N ALA C 239 17.90 -4.92 42.23
CA ALA C 239 17.35 -5.03 40.88
C ALA C 239 15.88 -4.63 40.78
N ALA C 240 15.23 -4.50 41.93
CA ALA C 240 13.84 -4.11 41.97
C ALA C 240 13.73 -2.65 41.55
N VAL C 241 12.57 -2.31 40.98
CA VAL C 241 12.28 -0.95 40.53
C VAL C 241 12.46 -0.02 41.74
N PHE C 242 12.34 -0.59 42.93
CA PHE C 242 12.52 0.15 44.17
C PHE C 242 13.57 -0.60 45.00
N PRO C 243 14.85 -0.44 44.62
CA PRO C 243 15.98 -1.08 45.30
C PRO C 243 16.00 -0.79 46.78
N ASN C 244 14.98 -0.09 47.25
CA ASN C 244 14.88 0.29 48.66
C ASN C 244 13.90 -0.56 49.47
N GLN C 245 14.40 -1.17 50.54
CA GLN C 245 13.61 -2.04 51.40
C GLN C 245 12.28 -1.43 51.82
N GLU C 246 12.34 -0.46 52.73
CA GLU C 246 11.13 0.17 53.22
C GLU C 246 10.53 1.19 52.27
N GLN C 247 10.58 0.87 50.98
CA GLN C 247 10.04 1.72 49.95
C GLN C 247 9.19 0.82 49.06
N ALA C 248 9.69 -0.37 48.80
CA ALA C 248 8.94 -1.34 48.00
C ALA C 248 7.82 -1.83 48.91
N ARG C 249 7.75 -1.26 50.11
CA ARG C 249 6.72 -1.62 51.10
C ARG C 249 5.57 -0.62 51.03
N GLU C 250 5.89 0.63 50.76
CA GLU C 250 4.86 1.64 50.64
C GLU C 250 4.05 1.35 49.37
N LEU C 251 4.72 0.76 48.39
CA LEU C 251 4.08 0.40 47.13
C LEU C 251 3.17 -0.80 47.36
N ALA C 252 3.66 -1.75 48.16
CA ALA C 252 2.90 -2.94 48.48
C ALA C 252 1.64 -2.44 49.18
N LYS C 253 1.83 -1.51 50.11
CA LYS C 253 0.72 -0.92 50.86
C LYS C 253 -0.22 -0.19 49.91
N THR C 254 0.31 0.81 49.22
CA THR C 254 -0.45 1.62 48.27
C THR C 254 -1.23 0.73 47.32
N LEU C 255 -0.58 -0.34 46.86
CA LEU C 255 -1.19 -1.29 45.92
C LEU C 255 -2.37 -2.05 46.51
N VAL C 256 -2.16 -2.68 47.67
CA VAL C 256 -3.20 -3.45 48.34
C VAL C 256 -4.26 -2.50 48.89
N GLY C 257 -3.81 -1.31 49.31
CA GLY C 257 -4.72 -0.32 49.87
C GLY C 257 -5.66 0.36 48.88
N VAL C 258 -5.25 0.46 47.62
CA VAL C 258 -6.11 1.08 46.61
C VAL C 258 -6.88 -0.02 45.89
N GLY C 259 -6.18 -1.08 45.52
CA GLY C 259 -6.85 -2.17 44.83
C GLY C 259 -8.09 -2.62 45.58
N ALA C 260 -8.00 -2.61 46.91
CA ALA C 260 -9.13 -3.03 47.75
C ALA C 260 -10.31 -2.06 47.69
N SER C 261 -10.04 -0.76 47.80
CA SER C 261 -11.10 0.25 47.74
C SER C 261 -11.79 0.20 46.38
N LEU C 262 -11.12 -0.43 45.43
CA LEU C 262 -11.66 -0.57 44.09
C LEU C 262 -12.40 -1.90 43.95
N GLY C 263 -12.50 -2.63 45.06
CA GLY C 263 -13.21 -3.90 45.04
C GLY C 263 -12.39 -5.17 44.76
N LEU C 264 -11.09 -5.01 44.53
CA LEU C 264 -10.27 -6.17 44.26
C LEU C 264 -9.82 -6.76 45.59
N ARG C 265 -9.88 -8.08 45.68
CA ARG C 265 -9.45 -8.78 46.88
C ARG C 265 -7.96 -9.02 46.67
N VAL C 266 -7.17 -8.04 47.10
CA VAL C 266 -5.72 -8.09 46.93
C VAL C 266 -4.95 -8.33 48.23
N ALA C 267 -3.70 -8.74 48.08
CA ALA C 267 -2.85 -9.01 49.23
C ALA C 267 -1.44 -9.14 48.71
N ALA C 268 -0.68 -8.05 48.76
CA ALA C 268 0.70 -8.01 48.27
C ALA C 268 1.58 -9.09 48.88
N ALA C 269 2.68 -9.38 48.21
CA ALA C 269 3.63 -10.38 48.69
C ALA C 269 5.03 -9.91 48.35
N LEU C 270 5.71 -9.31 49.34
CA LEU C 270 7.05 -8.80 49.16
C LEU C 270 8.10 -9.86 49.01
N THR C 271 8.74 -9.91 47.85
CA THR C 271 9.81 -10.86 47.59
C THR C 271 11.04 -10.02 47.26
N ALA C 272 12.18 -10.64 46.97
CA ALA C 272 13.39 -9.86 46.67
C ALA C 272 14.01 -10.13 45.29
N MET C 273 14.82 -9.16 44.85
CA MET C 273 15.48 -9.24 43.57
C MET C 273 16.84 -8.57 43.60
N ASP C 274 17.75 -9.14 44.38
CA ASP C 274 19.12 -8.68 44.42
C ASP C 274 19.81 -9.50 43.36
N LYS C 275 19.69 -10.81 43.56
CA LYS C 275 20.21 -11.78 42.66
C LYS C 275 19.08 -12.09 41.69
N PRO C 276 19.39 -12.67 40.53
CA PRO C 276 18.30 -12.99 39.59
C PRO C 276 17.33 -13.96 40.26
N LEU C 277 16.46 -14.57 39.45
CA LEU C 277 15.50 -15.55 39.95
C LEU C 277 15.66 -16.71 38.98
N GLY C 278 16.07 -17.87 39.48
CA GLY C 278 16.29 -18.99 38.59
C GLY C 278 17.73 -18.81 38.12
N ARG C 279 18.03 -19.26 36.91
CA ARG C 279 19.41 -19.13 36.42
C ARG C 279 19.43 -18.63 34.99
N CYS C 280 18.26 -18.62 34.36
CA CYS C 280 18.17 -18.16 32.98
C CYS C 280 17.56 -16.79 32.99
N VAL C 281 18.22 -15.86 32.33
CA VAL C 281 17.74 -14.50 32.26
C VAL C 281 17.67 -14.11 30.80
N GLY C 282 16.48 -13.71 30.37
CA GLY C 282 16.30 -13.33 28.99
C GLY C 282 14.87 -13.48 28.52
N HIS C 283 14.71 -14.02 27.32
CA HIS C 283 13.39 -14.21 26.74
C HIS C 283 13.21 -15.65 26.25
N ALA C 284 14.02 -16.06 25.27
CA ALA C 284 13.92 -17.43 24.77
C ALA C 284 14.43 -18.41 25.82
N LEU C 285 15.44 -17.98 26.57
CA LEU C 285 16.04 -18.82 27.60
C LEU C 285 15.12 -19.07 28.77
N GLU C 286 14.65 -18.00 29.40
CA GLU C 286 13.76 -18.10 30.56
C GLU C 286 12.61 -19.06 30.33
N VAL C 287 12.00 -19.00 29.15
CA VAL C 287 10.90 -19.90 28.83
C VAL C 287 11.40 -21.34 28.98
N GLU C 288 12.57 -21.62 28.41
CA GLU C 288 13.15 -22.95 28.50
C GLU C 288 13.24 -23.34 29.97
N GLU C 289 13.70 -22.41 30.80
CA GLU C 289 13.83 -22.65 32.24
C GLU C 289 12.49 -22.78 32.92
N ALA C 290 11.49 -22.05 32.41
CA ALA C 290 10.17 -22.12 32.99
C ALA C 290 9.65 -23.54 32.80
N LEU C 291 10.02 -24.14 31.67
CA LEU C 291 9.59 -25.50 31.35
C LEU C 291 10.13 -26.51 32.36
N LEU C 292 11.39 -26.36 32.78
CA LEU C 292 11.99 -27.27 33.77
C LEU C 292 11.20 -27.25 35.08
N CYS C 293 10.55 -26.12 35.34
CA CYS C 293 9.74 -25.99 36.53
C CYS C 293 8.46 -26.81 36.26
N MET C 294 7.98 -26.74 35.02
CA MET C 294 6.80 -27.48 34.59
C MET C 294 7.20 -28.96 34.66
N ASP C 295 8.49 -29.22 34.37
CA ASP C 295 9.04 -30.56 34.44
C ASP C 295 8.98 -30.91 35.94
N GLY C 296 9.66 -31.98 36.35
CA GLY C 296 9.62 -32.32 37.76
C GLY C 296 9.79 -31.02 38.56
N ALA C 297 10.97 -30.42 38.36
CA ALA C 297 11.32 -29.17 39.02
C ALA C 297 12.64 -28.64 38.44
N GLY C 298 12.87 -27.34 38.54
CA GLY C 298 14.10 -26.75 38.03
C GLY C 298 14.82 -26.10 39.20
N PRO C 299 15.03 -24.77 39.19
CA PRO C 299 15.72 -24.14 40.32
C PRO C 299 14.80 -24.10 41.54
N PRO C 300 15.37 -24.30 42.74
CA PRO C 300 14.66 -24.29 44.02
C PRO C 300 13.95 -22.99 44.38
N ASP C 301 14.54 -21.86 44.01
CA ASP C 301 13.93 -20.57 44.28
C ASP C 301 12.78 -20.31 43.30
N LEU C 302 13.02 -20.59 42.01
CA LEU C 302 11.99 -20.41 41.00
C LEU C 302 10.77 -21.25 41.38
N ARG C 303 11.04 -22.46 41.89
CA ARG C 303 9.98 -23.35 42.33
C ARG C 303 9.47 -22.88 43.69
N ASP C 304 10.36 -22.37 44.51
CA ASP C 304 9.96 -21.91 45.83
C ASP C 304 8.97 -20.76 45.72
N LEU C 305 9.39 -19.67 45.08
CA LEU C 305 8.58 -18.46 44.91
C LEU C 305 7.26 -18.73 44.16
N VAL C 306 7.24 -19.75 43.31
CA VAL C 306 6.04 -20.09 42.57
C VAL C 306 5.00 -20.81 43.44
N THR C 307 5.37 -21.94 44.05
CA THR C 307 4.42 -22.67 44.89
C THR C 307 3.91 -21.77 46.00
N THR C 308 4.83 -21.09 46.68
CA THR C 308 4.50 -20.18 47.77
C THR C 308 3.49 -19.16 47.26
N LEU C 309 3.89 -18.42 46.22
CA LEU C 309 3.02 -17.41 45.60
C LEU C 309 1.67 -18.03 45.27
N GLY C 310 1.65 -18.99 44.36
CA GLY C 310 0.39 -19.63 44.00
C GLY C 310 -0.46 -19.98 45.21
N GLY C 311 0.16 -20.61 46.21
CA GLY C 311 -0.53 -21.01 47.42
C GLY C 311 -1.22 -19.91 48.19
N ALA C 312 -0.51 -18.82 48.46
CA ALA C 312 -1.09 -17.70 49.18
C ALA C 312 -2.35 -17.31 48.41
N LEU C 313 -2.22 -17.22 47.08
CA LEU C 313 -3.34 -16.86 46.24
C LEU C 313 -4.51 -17.84 46.39
N LEU C 314 -4.22 -19.13 46.54
CA LEU C 314 -5.29 -20.12 46.71
C LEU C 314 -5.97 -19.96 48.07
N TRP C 315 -5.22 -19.53 49.07
CA TRP C 315 -5.77 -19.29 50.39
C TRP C 315 -6.78 -18.17 50.20
N LEU C 316 -6.28 -17.03 49.76
CA LEU C 316 -7.07 -15.84 49.51
C LEU C 316 -8.35 -16.09 48.70
N SER C 317 -8.22 -16.69 47.51
CA SER C 317 -9.38 -16.95 46.65
C SER C 317 -10.43 -17.84 47.30
N GLY C 318 -9.98 -18.75 48.16
CA GLY C 318 -10.91 -19.64 48.84
C GLY C 318 -10.76 -21.11 48.54
N HIS C 319 -9.62 -21.51 47.95
CA HIS C 319 -9.41 -22.91 47.61
C HIS C 319 -8.44 -23.66 48.52
N ALA C 320 -7.61 -22.92 49.24
CA ALA C 320 -6.67 -23.53 50.16
C ALA C 320 -7.14 -23.17 51.57
N GLY C 321 -7.22 -24.17 52.45
CA GLY C 321 -7.64 -23.89 53.82
C GLY C 321 -6.57 -23.08 54.54
N THR C 322 -5.32 -23.45 54.31
CA THR C 322 -4.20 -22.79 54.94
C THR C 322 -3.18 -22.45 53.86
N GLN C 323 -2.53 -21.29 54.00
CA GLN C 323 -1.52 -20.85 53.04
C GLN C 323 -0.56 -22.00 52.70
N ALA C 324 -0.24 -22.80 53.72
CA ALA C 324 0.67 -23.92 53.54
C ALA C 324 -0.02 -25.08 52.81
N GLN C 325 -1.34 -25.13 52.87
CA GLN C 325 -2.07 -26.18 52.20
C GLN C 325 -2.10 -25.91 50.69
N GLY C 326 -2.49 -24.69 50.32
CA GLY C 326 -2.55 -24.31 48.93
C GLY C 326 -1.21 -24.41 48.24
N ALA C 327 -0.14 -24.19 48.99
CA ALA C 327 1.20 -24.28 48.42
C ALA C 327 1.60 -25.71 48.04
N ALA C 328 0.84 -26.69 48.52
CA ALA C 328 1.09 -28.10 48.24
C ALA C 328 0.39 -28.55 46.97
N ARG C 329 -0.83 -28.08 46.77
CA ARG C 329 -1.55 -28.47 45.57
C ARG C 329 -0.82 -27.84 44.38
N VAL C 330 -0.23 -26.66 44.57
CA VAL C 330 0.52 -25.99 43.50
C VAL C 330 1.79 -26.80 43.21
N ALA C 331 2.57 -27.06 44.26
CA ALA C 331 3.78 -27.84 44.13
C ALA C 331 3.37 -29.12 43.41
N ALA C 332 2.26 -29.69 43.87
CA ALA C 332 1.74 -30.90 43.28
C ALA C 332 1.67 -30.78 41.75
N ALA C 333 0.85 -29.84 41.26
CA ALA C 333 0.70 -29.63 39.83
C ALA C 333 2.02 -29.49 39.05
N LEU C 334 3.05 -29.00 39.73
CA LEU C 334 4.36 -28.83 39.10
C LEU C 334 5.03 -30.16 38.84
N ASP C 335 4.82 -31.11 39.74
CA ASP C 335 5.40 -32.42 39.57
C ASP C 335 4.60 -33.33 38.64
N ASP C 336 3.30 -33.50 38.89
CA ASP C 336 2.47 -34.40 38.08
C ASP C 336 2.20 -34.05 36.61
N GLY C 337 2.70 -32.91 36.14
CA GLY C 337 2.50 -32.55 34.75
C GLY C 337 1.18 -31.87 34.47
N SER C 338 0.43 -31.60 35.54
CA SER C 338 -0.88 -30.94 35.44
C SER C 338 -0.72 -29.52 34.92
N ALA C 339 0.40 -28.88 35.27
CA ALA C 339 0.68 -27.51 34.85
C ALA C 339 1.28 -27.46 33.46
N LEU C 340 2.35 -28.25 33.24
CA LEU C 340 3.01 -28.30 31.95
C LEU C 340 2.03 -28.69 30.85
N GLY C 341 1.03 -29.49 31.21
CA GLY C 341 0.05 -29.90 30.22
C GLY C 341 -0.89 -28.73 29.95
N ARG C 342 -1.36 -28.11 31.02
CA ARG C 342 -2.27 -26.97 30.91
C ARG C 342 -1.60 -25.83 30.16
N PHE C 343 -0.28 -25.92 30.05
CA PHE C 343 0.51 -24.91 29.36
C PHE C 343 0.42 -25.10 27.86
N GLU C 344 0.70 -26.32 27.41
CA GLU C 344 0.66 -26.73 26.00
C GLU C 344 -0.72 -26.47 25.45
N ARG C 345 -1.70 -26.43 26.36
CA ARG C 345 -3.10 -26.21 26.05
C ARG C 345 -3.35 -24.71 25.91
N MET C 346 -2.31 -23.90 26.14
CA MET C 346 -2.40 -22.46 26.04
C MET C 346 -1.50 -21.89 24.94
N LEU C 347 -0.56 -22.70 24.47
CA LEU C 347 0.37 -22.26 23.43
C LEU C 347 -0.22 -22.42 22.04
N ALA C 348 -0.71 -23.61 21.73
CA ALA C 348 -1.32 -23.87 20.44
C ALA C 348 -2.64 -23.12 20.44
N ALA C 349 -3.17 -22.93 21.64
CA ALA C 349 -4.43 -22.22 21.86
C ALA C 349 -4.29 -20.70 21.65
N GLN C 350 -3.06 -20.21 21.64
CA GLN C 350 -2.86 -18.79 21.41
C GLN C 350 -2.00 -18.51 20.18
N GLY C 351 -1.97 -19.47 19.25
CA GLY C 351 -1.23 -19.28 18.01
C GLY C 351 -0.12 -20.26 17.62
N VAL C 352 0.12 -21.27 18.43
CA VAL C 352 1.19 -22.22 18.14
C VAL C 352 0.74 -23.47 17.39
N ASP C 353 1.66 -24.10 16.68
CA ASP C 353 1.38 -25.33 15.93
C ASP C 353 1.47 -26.52 16.91
N PRO C 354 0.32 -27.04 17.36
CA PRO C 354 0.17 -28.16 18.32
C PRO C 354 1.31 -29.16 18.37
N GLY C 355 1.86 -29.50 17.21
CA GLY C 355 2.96 -30.43 17.20
C GLY C 355 4.13 -29.73 17.83
N LEU C 356 4.38 -28.51 17.35
CA LEU C 356 5.46 -27.68 17.85
C LEU C 356 5.19 -27.49 19.34
N ALA C 357 3.94 -27.22 19.68
CA ALA C 357 3.55 -27.03 21.07
C ALA C 357 3.82 -28.27 21.92
N ARG C 358 3.45 -29.45 21.42
CA ARG C 358 3.72 -30.66 22.18
C ARG C 358 5.22 -30.89 22.23
N ALA C 359 5.91 -30.48 21.17
CA ALA C 359 7.36 -30.63 21.09
C ALA C 359 8.02 -29.92 22.25
N LEU C 360 7.80 -28.61 22.34
CA LEU C 360 8.36 -27.79 23.41
C LEU C 360 8.17 -28.40 24.79
N CYS C 361 6.91 -28.72 25.10
CA CYS C 361 6.53 -29.26 26.41
C CYS C 361 6.96 -30.69 26.73
N SER C 362 7.54 -31.39 25.75
CA SER C 362 7.92 -32.76 26.01
C SER C 362 9.41 -33.11 25.91
N GLY C 363 10.08 -32.57 24.89
CA GLY C 363 11.50 -32.85 24.70
C GLY C 363 12.38 -32.35 25.82
N SER C 364 13.67 -32.67 25.72
CA SER C 364 14.65 -32.22 26.71
C SER C 364 15.00 -30.77 26.40
N PRO C 365 15.45 -30.00 27.42
CA PRO C 365 15.80 -28.60 27.18
C PRO C 365 16.77 -28.45 26.01
N ALA C 366 17.38 -29.57 25.61
CA ALA C 366 18.28 -29.58 24.46
C ALA C 366 17.35 -29.39 23.28
N GLU C 367 16.20 -30.08 23.36
CA GLU C 367 15.17 -30.01 22.33
C GLU C 367 14.59 -28.60 22.33
N ARG C 368 14.07 -28.20 23.49
CA ARG C 368 13.48 -26.88 23.69
C ARG C 368 14.43 -25.74 23.26
N ARG C 369 15.73 -25.99 23.39
CA ARG C 369 16.75 -25.01 23.05
C ARG C 369 16.89 -24.86 21.54
N GLN C 370 16.56 -25.91 20.82
CA GLN C 370 16.67 -25.93 19.36
C GLN C 370 15.41 -25.36 18.74
N LEU C 371 14.29 -25.44 19.47
CA LEU C 371 13.00 -24.97 19.00
C LEU C 371 12.66 -23.59 19.54
N LEU C 372 13.68 -22.77 19.79
CA LEU C 372 13.50 -21.41 20.30
C LEU C 372 14.63 -20.50 19.86
N PRO C 373 14.39 -19.18 19.84
CA PRO C 373 15.46 -18.25 19.43
C PRO C 373 16.77 -18.51 20.17
N ARG C 374 17.82 -18.75 19.41
CA ARG C 374 19.14 -19.00 19.98
C ARG C 374 20.02 -17.83 19.58
N ALA C 375 20.93 -17.42 20.47
CA ALA C 375 21.83 -16.31 20.19
C ALA C 375 22.94 -16.79 19.25
N ARG C 376 23.64 -15.85 18.61
CA ARG C 376 24.73 -16.21 17.70
C ARG C 376 25.89 -16.89 18.40
N GLU C 377 26.75 -16.10 19.03
CA GLU C 377 27.91 -16.63 19.76
C GLU C 377 27.65 -16.47 21.25
N GLN C 378 28.19 -17.38 22.05
CA GLN C 378 28.00 -17.31 23.50
C GLN C 378 29.29 -17.54 24.28
N GLU C 379 29.53 -16.69 25.29
CA GLU C 379 30.74 -16.82 26.11
C GLU C 379 30.54 -16.90 27.62
N GLU C 380 31.59 -17.32 28.30
CA GLU C 380 31.57 -17.49 29.75
C GLU C 380 32.65 -16.70 30.45
N LEU C 381 32.29 -16.04 31.55
CA LEU C 381 33.24 -15.25 32.32
C LEU C 381 33.86 -16.06 33.45
N LEU C 382 34.81 -16.93 33.09
CA LEU C 382 35.48 -17.78 34.07
C LEU C 382 35.57 -17.08 35.42
N ALA C 383 35.60 -17.87 36.49
CA ALA C 383 35.68 -17.34 37.84
C ALA C 383 37.03 -16.69 38.09
N PRO C 384 37.01 -15.50 38.71
CA PRO C 384 38.25 -14.77 39.01
C PRO C 384 39.10 -15.47 40.06
N ALA C 385 38.73 -15.29 41.33
CA ALA C 385 39.46 -15.92 42.42
C ALA C 385 38.57 -16.89 43.19
N ASP C 386 38.80 -18.19 42.97
CA ASP C 386 38.01 -19.22 43.65
C ASP C 386 37.48 -18.72 44.99
N GLY C 387 36.22 -19.04 45.27
CA GLY C 387 35.58 -18.63 46.50
C GLY C 387 34.14 -19.08 46.60
N THR C 388 33.50 -18.77 47.73
CA THR C 388 32.11 -19.16 47.94
C THR C 388 31.16 -18.19 47.23
N VAL C 389 30.19 -18.75 46.53
CA VAL C 389 29.21 -17.94 45.81
C VAL C 389 28.21 -17.37 46.78
N GLU C 390 28.44 -16.12 47.17
CA GLU C 390 27.57 -15.41 48.11
C GLU C 390 26.29 -14.87 47.46
N LEU C 391 26.45 -14.24 46.31
CA LEU C 391 25.34 -13.66 45.57
C LEU C 391 25.82 -13.14 44.22
N VAL C 392 24.89 -12.91 43.31
CA VAL C 392 25.23 -12.38 41.99
C VAL C 392 24.59 -11.01 41.82
N ARG C 393 25.38 -10.04 41.39
CA ARG C 393 24.85 -8.69 41.21
C ARG C 393 23.89 -8.76 40.01
N ALA C 394 22.61 -8.96 40.32
CA ALA C 394 21.56 -9.07 39.31
C ALA C 394 21.29 -7.77 38.53
N LEU C 395 21.35 -6.64 39.23
CA LEU C 395 21.10 -5.34 38.63
C LEU C 395 21.95 -5.12 37.38
N PRO C 396 23.26 -5.37 37.47
CA PRO C 396 24.19 -5.20 36.34
C PRO C 396 23.93 -6.23 35.25
N LEU C 397 23.50 -7.42 35.68
CA LEU C 397 23.21 -8.51 34.76
C LEU C 397 22.08 -8.03 33.87
N ALA C 398 21.26 -7.15 34.44
CA ALA C 398 20.12 -6.56 33.77
C ALA C 398 20.55 -5.38 32.90
N LEU C 399 21.38 -4.49 33.44
CA LEU C 399 21.84 -3.33 32.69
C LEU C 399 22.70 -3.69 31.48
N VAL C 400 23.48 -4.76 31.59
CA VAL C 400 24.33 -5.15 30.46
C VAL C 400 23.47 -5.80 29.39
N LEU C 401 22.85 -6.94 29.71
CA LEU C 401 21.99 -7.62 28.73
C LEU C 401 21.08 -6.61 28.02
N HIS C 402 20.80 -5.50 28.70
CA HIS C 402 19.96 -4.46 28.13
C HIS C 402 20.54 -4.01 26.78
N GLU C 403 21.74 -3.45 26.81
CA GLU C 403 22.38 -2.98 25.59
C GLU C 403 22.89 -4.14 24.75
N LEU C 404 22.26 -5.30 24.90
CA LEU C 404 22.67 -6.48 24.13
C LEU C 404 21.61 -6.94 23.14
N GLY C 405 20.39 -6.45 23.32
CA GLY C 405 19.31 -6.85 22.43
C GLY C 405 18.18 -7.49 23.20
N ALA C 406 18.20 -7.31 24.53
CA ALA C 406 17.18 -7.86 25.41
C ALA C 406 16.54 -6.74 26.21
N GLY C 407 16.72 -5.51 25.75
CA GLY C 407 16.15 -4.38 26.44
C GLY C 407 15.19 -3.66 25.52
N ARG C 408 15.30 -2.34 25.47
CA ARG C 408 14.44 -1.54 24.61
C ARG C 408 14.87 -0.08 24.76
N SER C 409 15.25 0.54 23.65
CA SER C 409 15.69 1.93 23.68
C SER C 409 14.65 2.81 23.01
N ARG C 410 13.70 2.16 22.35
CA ARG C 410 12.63 2.86 21.68
C ARG C 410 11.36 2.05 21.84
N ALA C 411 10.27 2.76 22.11
CA ALA C 411 8.95 2.18 22.33
C ALA C 411 8.62 0.89 21.60
N GLY C 412 8.86 0.84 20.30
CA GLY C 412 8.52 -0.36 19.58
C GLY C 412 9.61 -1.18 18.91
N GLU C 413 10.88 -0.87 19.17
CA GLU C 413 11.91 -1.65 18.50
C GLU C 413 11.88 -3.11 18.96
N PRO C 414 12.38 -4.03 18.11
CA PRO C 414 12.43 -5.47 18.36
C PRO C 414 13.42 -5.84 19.46
N LEU C 415 13.80 -7.12 19.53
CA LEU C 415 14.75 -7.57 20.54
C LEU C 415 15.20 -9.01 20.29
N ARG C 416 16.51 -9.26 20.37
CA ARG C 416 17.02 -10.61 20.17
C ARG C 416 16.61 -11.43 21.37
N LEU C 417 15.64 -12.33 21.16
CA LEU C 417 15.12 -13.17 22.24
C LEU C 417 16.12 -14.23 22.69
N GLY C 418 17.13 -14.46 21.84
CA GLY C 418 18.17 -15.43 22.13
C GLY C 418 19.19 -14.87 23.11
N VAL C 419 19.36 -13.56 23.10
CA VAL C 419 20.28 -12.92 24.02
C VAL C 419 19.81 -13.33 25.39
N GLY C 420 20.71 -13.30 26.38
CA GLY C 420 20.30 -13.67 27.72
C GLY C 420 21.43 -14.20 28.58
N ALA C 421 21.17 -14.32 29.88
CA ALA C 421 22.16 -14.81 30.84
C ALA C 421 21.89 -16.22 31.33
N GLU C 422 22.96 -16.94 31.63
CA GLU C 422 22.85 -18.32 32.10
C GLU C 422 23.84 -18.53 33.26
N LEU C 423 23.31 -18.65 34.48
CA LEU C 423 24.14 -18.86 35.67
C LEU C 423 24.65 -20.29 35.69
N LEU C 424 25.96 -20.46 35.88
CA LEU C 424 26.59 -21.76 35.90
C LEU C 424 26.91 -22.27 37.31
N VAL C 425 26.30 -21.62 38.31
CA VAL C 425 26.43 -21.96 39.73
C VAL C 425 25.30 -21.22 40.41
N ASP C 426 25.41 -21.00 41.72
CA ASP C 426 24.37 -20.28 42.44
C ASP C 426 24.69 -20.08 43.91
N VAL C 427 23.88 -19.24 44.55
CA VAL C 427 24.03 -18.89 45.96
C VAL C 427 24.15 -20.08 46.90
N GLY C 428 25.14 -20.03 47.78
CA GLY C 428 25.36 -21.10 48.72
C GLY C 428 26.60 -21.88 48.37
N GLN C 429 26.57 -22.54 47.21
CA GLN C 429 27.70 -23.33 46.76
C GLN C 429 28.91 -22.43 46.49
N ARG C 430 30.06 -23.05 46.23
CA ARG C 430 31.30 -22.32 45.98
C ARG C 430 32.12 -22.96 44.84
N LEU C 431 32.87 -22.14 44.12
CA LEU C 431 33.70 -22.59 42.99
C LEU C 431 35.16 -22.15 43.12
N ARG C 432 36.02 -22.65 42.24
CA ARG C 432 37.46 -22.32 42.26
C ARG C 432 37.83 -21.36 41.14
N ARG C 433 38.97 -20.69 41.28
CA ARG C 433 39.46 -19.77 40.25
C ARG C 433 39.58 -20.50 38.91
N GLY C 434 38.71 -20.14 37.97
CA GLY C 434 38.74 -20.77 36.66
C GLY C 434 37.39 -21.40 36.33
N THR C 435 36.64 -21.73 37.36
CA THR C 435 35.33 -22.35 37.21
C THR C 435 34.37 -21.42 36.45
N PRO C 436 33.86 -21.87 35.27
CA PRO C 436 32.93 -21.04 34.50
C PRO C 436 31.67 -20.82 35.33
N TRP C 437 31.49 -19.61 35.85
CA TRP C 437 30.34 -19.32 36.69
C TRP C 437 29.12 -18.82 35.90
N LEU C 438 29.39 -18.10 34.82
CA LEU C 438 28.33 -17.52 34.00
C LEU C 438 28.45 -17.88 32.52
N ARG C 439 27.39 -17.63 31.78
CA ARG C 439 27.34 -17.90 30.35
C ARG C 439 26.48 -16.86 29.65
N VAL C 440 27.15 -15.95 28.95
CA VAL C 440 26.47 -14.88 28.23
C VAL C 440 26.16 -15.32 26.81
N HIS C 441 25.02 -14.88 26.30
CA HIS C 441 24.60 -15.21 24.93
C HIS C 441 24.49 -13.94 24.09
N ARG C 442 25.62 -13.52 23.52
CA ARG C 442 25.68 -12.31 22.71
C ARG C 442 25.22 -12.59 21.26
N ASP C 443 24.79 -11.55 20.55
CA ASP C 443 24.36 -11.71 19.17
C ASP C 443 25.15 -10.82 18.20
N GLY C 444 26.03 -10.00 18.78
CA GLY C 444 26.88 -9.12 18.00
C GLY C 444 28.30 -9.60 18.30
N PRO C 445 29.25 -8.69 18.61
CA PRO C 445 30.63 -9.06 18.92
C PRO C 445 30.89 -9.58 20.34
N ALA C 446 32.12 -9.42 20.82
CA ALA C 446 32.49 -9.88 22.16
C ALA C 446 32.31 -8.75 23.16
N LEU C 447 31.82 -9.10 24.34
CA LEU C 447 31.58 -8.12 25.39
C LEU C 447 32.77 -7.18 25.60
N SER C 448 32.49 -5.90 25.83
CA SER C 448 33.51 -4.86 26.02
C SER C 448 33.97 -4.68 27.46
N GLY C 449 35.17 -4.12 27.60
CA GLY C 449 35.80 -3.88 28.88
C GLY C 449 34.95 -3.45 30.07
N PRO C 450 34.32 -2.26 30.01
CA PRO C 450 33.48 -1.77 31.11
C PRO C 450 32.46 -2.81 31.55
N GLN C 451 31.92 -3.56 30.59
CA GLN C 451 30.94 -4.61 30.85
C GLN C 451 31.60 -5.76 31.59
N SER C 452 32.38 -6.54 30.84
CA SER C 452 33.10 -7.70 31.36
C SER C 452 33.47 -7.48 32.82
N ARG C 453 34.07 -6.34 33.10
CA ARG C 453 34.46 -6.02 34.46
C ARG C 453 33.25 -5.75 35.34
N ALA C 454 32.54 -4.67 35.02
CA ALA C 454 31.35 -4.29 35.80
C ALA C 454 30.37 -5.45 35.91
N LEU C 455 30.52 -6.43 35.05
CA LEU C 455 29.67 -7.60 35.07
C LEU C 455 30.25 -8.59 36.07
N GLN C 456 31.57 -8.69 36.11
CA GLN C 456 32.22 -9.58 37.03
C GLN C 456 31.89 -9.13 38.45
N GLU C 457 31.54 -7.85 38.59
CA GLU C 457 31.19 -7.28 39.88
C GLU C 457 29.96 -7.97 40.41
N ALA C 458 29.36 -8.79 39.57
CA ALA C 458 28.17 -9.52 39.96
C ALA C 458 28.53 -10.79 40.70
N LEU C 459 29.73 -11.31 40.44
CA LEU C 459 30.19 -12.53 41.07
C LEU C 459 30.71 -12.33 42.50
N VAL C 460 29.87 -11.83 43.39
CA VAL C 460 30.27 -11.58 44.78
C VAL C 460 30.67 -12.84 45.56
N LEU C 461 31.97 -13.11 45.61
CA LEU C 461 32.53 -14.28 46.29
C LEU C 461 33.00 -14.02 47.71
N SER C 462 32.73 -14.97 48.60
CA SER C 462 33.18 -14.86 49.99
C SER C 462 34.13 -16.03 50.20
N ASP C 463 34.02 -16.65 51.37
CA ASP C 463 34.87 -17.80 51.69
C ASP C 463 34.19 -18.70 52.72
N ARG C 464 33.05 -18.26 53.24
CA ARG C 464 32.30 -19.02 54.22
C ARG C 464 31.85 -20.37 53.65
N ALA C 465 31.50 -21.29 54.54
CA ALA C 465 31.04 -22.61 54.12
C ALA C 465 29.85 -22.52 53.18
N ALA C 469 21.11 -20.45 49.85
CA ALA C 469 20.38 -19.22 50.06
C ALA C 469 18.95 -19.50 50.50
N PRO C 470 18.37 -18.57 51.26
CA PRO C 470 17.00 -18.72 51.75
C PRO C 470 15.96 -18.59 50.66
N SER C 471 14.70 -18.47 51.08
CA SER C 471 13.61 -18.32 50.14
C SER C 471 13.58 -16.87 49.67
N PRO C 472 13.06 -16.64 48.45
CA PRO C 472 12.99 -15.28 47.91
C PRO C 472 11.78 -14.52 48.45
N PHE C 473 10.87 -15.25 49.09
CA PHE C 473 9.66 -14.65 49.66
C PHE C 473 10.01 -14.01 51.00
N ALA C 474 9.69 -12.72 51.15
CA ALA C 474 9.97 -11.99 52.39
C ALA C 474 8.78 -11.96 53.35
N GLU C 475 7.77 -11.15 53.01
CA GLU C 475 6.58 -11.03 53.84
C GLU C 475 5.34 -10.92 52.94
N LEU C 476 4.17 -11.14 53.50
CA LEU C 476 2.93 -11.04 52.73
C LEU C 476 2.05 -9.92 53.27
N VAL C 477 1.96 -8.81 52.53
CA VAL C 477 1.15 -7.66 52.93
C VAL C 477 -0.34 -7.91 52.65
N LEU C 478 -1.17 -7.63 53.66
CA LEU C 478 -2.62 -7.79 53.52
C LEU C 478 -3.23 -6.41 53.76
N PRO C 479 -4.37 -6.10 53.11
CA PRO C 479 -5.07 -4.80 53.22
C PRO C 479 -5.77 -4.54 54.57
N PRO C 480 -6.20 -3.38 54.80
N LYS D 34 14.82 18.53 -14.14
CA LYS D 34 16.30 18.60 -13.97
C LYS D 34 17.06 17.85 -15.07
N GLN D 35 18.04 18.52 -15.69
CA GLN D 35 18.87 17.94 -16.75
C GLN D 35 20.00 17.12 -16.11
N LEU D 36 20.66 16.30 -16.92
CA LEU D 36 21.75 15.47 -16.40
C LEU D 36 22.91 16.25 -15.81
N PRO D 37 23.49 17.21 -16.56
CA PRO D 37 24.61 17.96 -16.01
C PRO D 37 24.33 18.49 -14.61
N GLU D 38 23.11 18.95 -14.39
CA GLU D 38 22.72 19.47 -13.08
C GLU D 38 22.65 18.35 -12.04
N LEU D 39 22.28 17.15 -12.47
CA LEU D 39 22.22 16.05 -11.52
C LEU D 39 23.67 15.77 -11.14
N ILE D 40 24.56 15.72 -12.13
CA ILE D 40 25.95 15.47 -11.82
C ILE D 40 26.48 16.49 -10.82
N ARG D 41 26.20 17.78 -11.07
CA ARG D 41 26.68 18.85 -10.19
C ARG D 41 26.26 18.61 -8.74
N MET D 42 24.98 18.33 -8.53
CA MET D 42 24.46 18.09 -7.18
C MET D 42 25.37 17.14 -6.40
N LYS D 43 25.59 15.96 -6.95
CA LYS D 43 26.44 14.96 -6.32
C LYS D 43 27.86 15.50 -6.13
N ARG D 44 28.35 16.23 -7.13
CA ARG D 44 29.69 16.80 -7.07
C ARG D 44 29.87 17.63 -5.80
N ASP D 45 28.81 18.28 -5.37
CA ASP D 45 28.85 19.11 -4.17
C ASP D 45 28.41 18.33 -2.96
N GLY D 46 28.73 17.04 -2.94
CA GLY D 46 28.35 16.21 -1.81
C GLY D 46 26.87 16.22 -1.50
N GLY D 47 26.05 16.59 -2.47
CA GLY D 47 24.62 16.59 -2.23
C GLY D 47 24.02 15.21 -2.43
N ARG D 48 22.78 15.03 -1.99
CA ARG D 48 22.11 13.76 -2.16
C ARG D 48 21.34 13.80 -3.47
N LEU D 49 20.65 12.72 -3.78
CA LEU D 49 19.83 12.63 -4.98
C LEU D 49 18.50 12.13 -4.48
N SER D 50 17.44 12.28 -5.27
CA SER D 50 16.15 11.83 -4.80
C SER D 50 15.56 10.68 -5.58
N GLU D 51 14.44 10.19 -5.09
CA GLU D 51 13.71 9.10 -5.73
C GLU D 51 13.66 9.37 -7.23
N ALA D 52 13.42 10.63 -7.59
CA ALA D 52 13.32 11.03 -8.99
C ALA D 52 14.67 11.29 -9.63
N ASP D 53 15.57 11.94 -8.90
CA ASP D 53 16.87 12.18 -9.48
C ASP D 53 17.46 10.83 -9.92
N ILE D 54 17.46 9.87 -9.01
CA ILE D 54 17.98 8.54 -9.25
C ILE D 54 17.26 7.89 -10.41
N ARG D 55 15.93 7.88 -10.34
CA ARG D 55 15.13 7.27 -11.40
C ARG D 55 15.22 8.06 -12.71
N GLY D 56 16.02 9.11 -12.72
CA GLY D 56 16.19 9.90 -13.94
C GLY D 56 17.52 9.58 -14.57
N PHE D 57 18.56 9.52 -13.75
CA PHE D 57 19.89 9.21 -14.22
C PHE D 57 19.88 7.81 -14.82
N VAL D 58 19.15 6.91 -14.17
CA VAL D 58 19.06 5.54 -14.65
C VAL D 58 18.38 5.54 -16.01
N ALA D 59 17.28 6.26 -16.11
CA ALA D 59 16.54 6.35 -17.36
C ALA D 59 17.48 6.68 -18.52
N ALA D 60 18.20 7.79 -18.36
CA ALA D 60 19.14 8.26 -19.36
C ALA D 60 20.21 7.20 -19.68
N VAL D 61 20.55 6.37 -18.70
CA VAL D 61 21.55 5.35 -18.94
C VAL D 61 20.97 4.29 -19.88
N VAL D 62 19.79 3.78 -19.55
CA VAL D 62 19.14 2.76 -20.37
C VAL D 62 18.92 3.15 -21.83
N ASN D 63 18.33 4.33 -22.06
CA ASN D 63 18.07 4.75 -23.43
C ASN D 63 19.22 5.51 -24.14
N GLY D 64 20.37 5.64 -23.50
CA GLY D 64 21.45 6.34 -24.17
C GLY D 64 21.33 7.85 -24.11
N SER D 65 20.34 8.34 -23.38
CA SER D 65 20.18 9.77 -23.22
C SER D 65 21.44 10.30 -22.52
N ALA D 66 21.88 9.59 -21.47
CA ALA D 66 23.07 9.98 -20.73
C ALA D 66 24.28 9.47 -21.49
N GLN D 67 25.20 10.38 -21.79
CA GLN D 67 26.40 10.03 -22.53
C GLN D 67 27.48 9.45 -21.62
N GLY D 68 28.34 8.61 -22.21
CA GLY D 68 29.41 7.99 -21.46
C GLY D 68 30.12 8.91 -20.49
N ALA D 69 30.80 9.94 -20.99
CA ALA D 69 31.52 10.86 -20.13
C ALA D 69 30.72 11.32 -18.92
N GLN D 70 29.40 11.36 -19.06
CA GLN D 70 28.52 11.79 -17.96
C GLN D 70 28.38 10.69 -16.93
N ILE D 71 28.45 9.45 -17.41
CA ILE D 71 28.34 8.27 -16.59
C ILE D 71 29.57 8.14 -15.72
N GLY D 72 30.74 8.36 -16.33
CA GLY D 72 31.99 8.27 -15.60
C GLY D 72 32.00 9.45 -14.65
N ALA D 73 31.65 10.61 -15.18
CA ALA D 73 31.60 11.82 -14.39
C ALA D 73 30.76 11.53 -13.14
N MET D 74 29.63 10.86 -13.34
CA MET D 74 28.74 10.53 -12.24
C MET D 74 29.34 9.44 -11.36
N LEU D 75 29.79 8.35 -11.98
CA LEU D 75 30.38 7.25 -11.23
C LEU D 75 31.59 7.64 -10.39
N MET D 76 32.22 8.76 -10.73
CA MET D 76 33.38 9.29 -10.00
C MET D 76 32.93 10.23 -8.88
N ALA D 77 31.83 10.94 -9.08
CA ALA D 77 31.31 11.85 -8.09
C ALA D 77 30.81 11.03 -6.92
N ILE D 78 30.23 9.87 -7.24
CA ILE D 78 29.71 8.94 -6.23
C ILE D 78 30.88 8.25 -5.53
N ARG D 79 31.92 7.98 -6.30
CA ARG D 79 33.07 7.31 -5.75
C ARG D 79 33.70 8.23 -4.74
N LEU D 80 33.87 9.49 -5.12
CA LEU D 80 34.49 10.47 -4.26
C LEU D 80 33.61 11.10 -3.21
N ARG D 81 32.31 10.98 -3.34
CA ARG D 81 31.45 11.60 -2.35
C ARG D 81 30.36 10.68 -1.84
N GLY D 82 30.39 9.44 -2.30
CA GLY D 82 29.43 8.43 -1.90
C GLY D 82 27.99 8.88 -1.77
N MET D 83 27.13 7.98 -1.28
CA MET D 83 25.72 8.27 -1.08
C MET D 83 25.22 7.51 0.14
N ASP D 84 24.07 7.90 0.68
CA ASP D 84 23.56 7.26 1.89
C ASP D 84 22.84 5.93 1.66
N LEU D 85 22.69 5.19 2.75
CA LEU D 85 22.04 3.88 2.73
C LEU D 85 20.67 3.92 2.07
N GLU D 86 20.17 5.13 1.81
CA GLU D 86 18.86 5.29 1.19
C GLU D 86 19.05 5.45 -0.32
N GLU D 87 19.83 6.46 -0.71
CA GLU D 87 20.12 6.71 -2.12
C GLU D 87 20.44 5.36 -2.74
N THR D 88 21.13 4.53 -1.95
CA THR D 88 21.55 3.21 -2.37
C THR D 88 20.36 2.30 -2.58
N SER D 89 19.54 2.14 -1.53
CA SER D 89 18.37 1.28 -1.61
C SER D 89 17.53 1.72 -2.79
N VAL D 90 17.51 3.03 -3.03
CA VAL D 90 16.77 3.59 -4.14
C VAL D 90 17.41 3.21 -5.47
N LEU D 91 18.73 3.27 -5.51
CA LEU D 91 19.48 2.97 -6.73
C LEU D 91 19.42 1.51 -7.16
N THR D 92 19.59 0.59 -6.22
CA THR D 92 19.58 -0.84 -6.54
C THR D 92 18.27 -1.26 -7.21
N GLN D 93 17.15 -0.79 -6.68
CA GLN D 93 15.83 -1.09 -7.24
C GLN D 93 15.76 -0.57 -8.65
N ALA D 94 16.08 0.71 -8.80
CA ALA D 94 16.08 1.38 -10.10
C ALA D 94 16.82 0.59 -11.17
N LEU D 95 17.93 -0.03 -10.80
CA LEU D 95 18.68 -0.83 -11.75
C LEU D 95 17.85 -2.08 -12.02
N ALA D 96 17.39 -2.71 -10.93
CA ALA D 96 16.59 -3.93 -10.98
C ALA D 96 15.40 -3.76 -11.92
N GLN D 97 14.64 -2.69 -11.68
CA GLN D 97 13.46 -2.36 -12.47
C GLN D 97 13.82 -1.49 -13.67
N SER D 98 14.28 -2.15 -14.73
CA SER D 98 14.67 -1.45 -15.97
C SER D 98 14.86 -2.53 -16.98
N GLY D 99 14.00 -3.49 -16.88
CA GLY D 99 14.06 -4.57 -17.78
C GLY D 99 13.13 -5.59 -17.21
N GLN D 100 12.90 -6.61 -18.01
CA GLN D 100 12.05 -7.70 -17.65
C GLN D 100 12.41 -8.30 -16.29
N GLN D 101 11.43 -8.37 -15.41
CA GLN D 101 11.63 -8.92 -14.07
C GLN D 101 11.15 -10.36 -13.98
N GLU D 103 10.15 -14.05 -14.17
CA GLU D 103 9.00 -14.84 -13.73
C GLU D 103 9.26 -16.33 -13.89
N TRP D 104 9.20 -17.07 -12.79
CA TRP D 104 9.43 -18.51 -12.82
C TRP D 104 8.19 -19.27 -12.39
N PRO D 105 8.09 -20.52 -12.84
CA PRO D 105 6.94 -21.36 -12.50
C PRO D 105 6.98 -21.71 -11.01
N GLU D 106 5.95 -21.26 -10.28
CA GLU D 106 5.82 -21.50 -8.84
C GLU D 106 6.70 -22.59 -8.25
N ALA D 107 6.57 -23.81 -8.77
CA ALA D 107 7.33 -24.95 -8.28
C ALA D 107 8.83 -24.71 -8.14
N TRP D 108 9.35 -23.65 -8.74
CA TRP D 108 10.77 -23.37 -8.66
C TRP D 108 11.07 -22.39 -7.53
N ARG D 109 10.02 -21.80 -6.96
CA ARG D 109 10.15 -20.81 -5.90
C ARG D 109 11.12 -21.10 -4.74
N GLN D 110 11.30 -22.36 -4.37
CA GLN D 110 12.20 -22.69 -3.26
C GLN D 110 13.56 -23.16 -3.75
N GLN D 111 13.57 -23.64 -4.98
CA GLN D 111 14.78 -24.15 -5.60
C GLN D 111 15.61 -23.05 -6.22
N LEU D 112 15.12 -21.82 -6.14
CA LEU D 112 15.85 -20.69 -6.71
C LEU D 112 16.80 -20.03 -5.74
N VAL D 113 18.07 -20.37 -5.88
CA VAL D 113 19.11 -19.81 -5.03
C VAL D 113 20.26 -19.36 -5.92
N ASP D 114 21.32 -18.85 -5.28
CA ASP D 114 22.49 -18.38 -6.01
C ASP D 114 23.44 -17.64 -5.08
N LYS D 115 24.71 -17.60 -5.47
CA LYS D 115 25.73 -16.90 -4.71
C LYS D 115 26.45 -15.93 -5.66
N HIS D 116 27.05 -14.89 -5.10
CA HIS D 116 27.74 -13.90 -5.90
C HIS D 116 29.01 -13.46 -5.18
N SER D 117 30.11 -13.39 -5.91
CA SER D 117 31.36 -12.97 -5.31
C SER D 117 31.63 -11.48 -5.49
N THR D 118 32.29 -10.88 -4.49
CA THR D 118 32.62 -9.46 -4.56
C THR D 118 33.83 -9.25 -5.45
N GLY D 119 34.44 -10.32 -5.93
CA GLY D 119 35.58 -10.16 -6.80
C GLY D 119 36.93 -10.54 -6.19
N GLY D 120 37.63 -11.49 -6.83
CA GLY D 120 38.91 -11.93 -6.35
C GLY D 120 39.85 -12.35 -7.48
N VAL D 121 40.86 -13.15 -7.15
CA VAL D 121 41.81 -13.62 -8.14
C VAL D 121 41.68 -15.14 -8.29
N GLY D 122 41.19 -15.59 -9.44
CA GLY D 122 41.03 -17.02 -9.68
C GLY D 122 39.85 -17.53 -8.89
N ASP D 123 38.80 -16.73 -8.82
CA ASP D 123 37.60 -17.06 -8.08
C ASP D 123 36.62 -17.98 -8.81
N LYS D 124 37.15 -19.05 -9.40
CA LYS D 124 36.38 -20.04 -10.16
C LYS D 124 35.20 -20.74 -9.46
N VAL D 125 34.86 -20.31 -8.25
CA VAL D 125 33.77 -20.94 -7.52
C VAL D 125 32.50 -21.11 -8.34
N SER D 126 31.97 -19.99 -8.83
CA SER D 126 30.75 -19.95 -9.63
C SER D 126 30.67 -21.09 -10.63
N LEU D 127 31.73 -21.27 -11.40
CA LEU D 127 31.79 -22.31 -12.41
C LEU D 127 31.47 -23.74 -11.90
N VAL D 128 31.61 -23.95 -10.60
CA VAL D 128 31.37 -25.26 -10.02
C VAL D 128 30.19 -25.26 -9.05
N LEU D 129 30.17 -24.27 -8.17
CA LEU D 129 29.12 -24.15 -7.19
C LEU D 129 27.76 -24.23 -7.90
N ALA D 130 27.68 -23.58 -9.06
CA ALA D 130 26.43 -23.57 -9.83
C ALA D 130 25.95 -24.97 -10.23
N PRO D 131 26.65 -25.64 -11.15
CA PRO D 131 26.24 -26.99 -11.58
C PRO D 131 26.07 -28.00 -10.45
N ALA D 132 26.96 -27.95 -9.46
CA ALA D 132 26.85 -28.88 -8.34
C ALA D 132 25.45 -28.70 -7.73
N LEU D 133 25.13 -27.48 -7.29
CA LEU D 133 23.83 -27.17 -6.69
C LEU D 133 22.60 -27.58 -7.52
N ALA D 134 22.78 -27.66 -8.84
CA ALA D 134 21.70 -28.05 -9.74
C ALA D 134 21.51 -29.56 -9.61
N ALA D 135 22.61 -30.24 -9.32
CA ALA D 135 22.61 -31.69 -9.15
C ALA D 135 22.04 -32.00 -7.76
N CYS D 136 21.94 -30.94 -6.94
CA CYS D 136 21.40 -31.05 -5.58
C CYS D 136 19.93 -30.66 -5.58
N GLY D 137 19.40 -30.42 -6.77
CA GLY D 137 18.00 -30.06 -6.88
C GLY D 137 17.66 -28.59 -6.86
N CYS D 138 18.66 -27.72 -6.83
CA CYS D 138 18.41 -26.28 -6.80
C CYS D 138 18.53 -25.64 -8.17
N LYS D 139 17.58 -24.78 -8.52
CA LYS D 139 17.58 -24.06 -9.79
C LYS D 139 18.40 -22.78 -9.66
N VAL D 140 19.48 -22.68 -10.45
CA VAL D 140 20.37 -21.52 -10.38
C VAL D 140 20.46 -20.64 -11.63
N PRO D 141 19.75 -19.51 -11.63
CA PRO D 141 19.73 -18.57 -12.75
C PRO D 141 20.76 -17.49 -12.47
N MET D 142 22.03 -17.84 -12.47
CA MET D 142 23.07 -16.85 -12.17
C MET D 142 23.33 -15.81 -13.25
N ILE D 143 23.06 -14.56 -12.87
CA ILE D 143 23.35 -13.42 -13.74
C ILE D 143 24.61 -12.82 -13.11
N SER D 144 25.72 -12.79 -13.84
CA SER D 144 26.93 -12.27 -13.25
C SER D 144 27.75 -11.43 -14.24
N GLY D 145 28.34 -10.37 -13.73
CA GLY D 145 29.12 -9.48 -14.60
C GLY D 145 30.41 -10.13 -15.12
N ARG D 146 31.25 -9.28 -15.71
CA ARG D 146 32.54 -9.66 -16.28
C ARG D 146 33.68 -9.15 -15.41
N GLY D 147 34.87 -9.08 -16.00
CA GLY D 147 36.00 -8.58 -15.26
C GLY D 147 35.60 -7.24 -14.68
N LEU D 148 35.89 -7.05 -13.39
CA LEU D 148 35.56 -5.79 -12.73
C LEU D 148 36.81 -5.23 -12.06
N GLY D 149 37.52 -4.36 -12.76
CA GLY D 149 38.72 -3.79 -12.19
C GLY D 149 39.94 -4.67 -12.40
N HIS D 150 40.31 -5.44 -11.39
CA HIS D 150 41.45 -6.34 -11.51
C HIS D 150 41.13 -7.72 -10.92
N THR D 151 39.84 -8.03 -10.87
CA THR D 151 39.37 -9.33 -10.40
C THR D 151 38.87 -9.95 -11.69
N GLY D 152 38.62 -11.25 -11.68
CA GLY D 152 38.15 -11.88 -12.90
C GLY D 152 36.63 -11.79 -13.03
N GLY D 153 36.13 -12.12 -14.21
CA GLY D 153 34.69 -12.09 -14.43
C GLY D 153 34.19 -13.46 -14.84
N THR D 154 33.27 -14.02 -14.06
CA THR D 154 32.74 -15.35 -14.37
C THR D 154 32.32 -15.44 -15.85
N LEU D 155 31.91 -14.33 -16.44
CA LEU D 155 31.49 -14.34 -17.83
C LEU D 155 32.62 -14.56 -18.81
N ASP D 156 33.71 -13.83 -18.64
CA ASP D 156 34.86 -13.98 -19.52
C ASP D 156 35.43 -15.39 -19.39
N LYS D 157 35.22 -15.99 -18.23
CA LYS D 157 35.71 -17.33 -18.01
C LYS D 157 34.98 -18.25 -18.98
N LEU D 158 33.66 -18.21 -18.93
CA LEU D 158 32.84 -19.03 -19.81
C LEU D 158 33.10 -18.80 -21.29
N GLU D 159 33.42 -17.58 -21.67
CA GLU D 159 33.68 -17.26 -23.09
C GLU D 159 34.85 -18.10 -23.60
N SER D 160 35.52 -18.80 -22.69
CA SER D 160 36.63 -19.68 -23.05
C SER D 160 36.00 -20.87 -23.80
N ILE D 161 35.08 -21.54 -23.13
CA ILE D 161 34.37 -22.65 -23.73
C ILE D 161 33.81 -22.09 -25.02
N PRO D 162 34.38 -22.48 -26.17
CA PRO D 162 33.89 -21.99 -27.46
C PRO D 162 32.46 -22.43 -27.72
N GLY D 163 31.61 -21.46 -27.99
CA GLY D 163 30.20 -21.74 -28.24
C GLY D 163 29.30 -21.11 -27.19
N PHE D 164 29.75 -21.18 -25.95
CA PHE D 164 28.98 -20.63 -24.84
C PHE D 164 28.51 -19.20 -25.17
N ASN D 165 27.28 -18.93 -24.78
CA ASN D 165 26.63 -17.64 -25.01
C ASN D 165 26.08 -17.11 -23.69
N VAL D 166 26.62 -15.98 -23.23
CA VAL D 166 26.18 -15.37 -21.96
C VAL D 166 24.91 -14.52 -22.05
N ILE D 167 24.45 -14.24 -23.24
CA ILE D 167 23.24 -13.45 -23.38
C ILE D 167 22.08 -14.41 -23.65
N GLN D 168 21.19 -14.52 -22.66
CA GLN D 168 20.03 -15.38 -22.80
C GLN D 168 18.84 -14.54 -22.37
N SER D 169 17.69 -14.82 -22.97
CA SER D 169 16.45 -14.09 -22.69
C SER D 169 15.61 -14.76 -21.60
N PRO D 170 14.83 -13.97 -20.86
CA PRO D 170 13.95 -14.38 -19.76
C PRO D 170 13.13 -15.63 -20.07
N GLU D 171 13.09 -15.99 -21.35
CA GLU D 171 12.37 -17.17 -21.77
C GLU D 171 13.39 -18.28 -21.85
N GLN D 172 14.37 -18.10 -22.73
CA GLN D 172 15.43 -19.08 -22.92
C GLN D 172 16.04 -19.48 -21.59
N MET D 173 15.89 -18.62 -20.58
CA MET D 173 16.43 -18.94 -19.28
C MET D 173 15.48 -19.85 -18.53
N GLN D 174 14.25 -19.96 -19.04
CA GLN D 174 13.30 -20.84 -18.39
C GLN D 174 13.55 -22.28 -18.81
N VAL D 175 13.91 -22.45 -20.08
CA VAL D 175 14.24 -23.75 -20.65
C VAL D 175 15.51 -24.30 -20.01
N LEU D 176 16.49 -23.41 -19.78
CA LEU D 176 17.73 -23.80 -19.16
C LEU D 176 17.48 -24.48 -17.83
N LEU D 177 16.59 -23.92 -17.04
CA LEU D 177 16.29 -24.48 -15.74
C LEU D 177 15.43 -25.75 -15.78
N ASP D 178 14.91 -26.10 -16.95
CA ASP D 178 14.08 -27.29 -17.07
C ASP D 178 14.89 -28.29 -17.87
N GLN D 179 16.16 -27.97 -18.07
CA GLN D 179 17.05 -28.83 -18.85
C GLN D 179 18.42 -28.99 -18.22
N ALA D 180 18.85 -27.98 -17.47
CA ALA D 180 20.15 -28.01 -16.79
C ALA D 180 20.03 -27.70 -15.30
N GLY D 181 19.03 -26.90 -14.94
CA GLY D 181 18.84 -26.54 -13.54
C GLY D 181 19.65 -25.32 -13.16
N CYS D 182 20.56 -24.90 -14.04
CA CYS D 182 21.39 -23.74 -13.78
C CYS D 182 21.78 -23.03 -15.06
N CYS D 183 22.13 -21.76 -14.92
CA CYS D 183 22.53 -20.93 -16.04
C CYS D 183 23.41 -19.79 -15.55
N ILE D 184 24.32 -19.37 -16.41
CA ILE D 184 25.20 -18.27 -16.09
C ILE D 184 25.07 -17.30 -17.27
N VAL D 185 24.36 -16.21 -17.01
CA VAL D 185 24.12 -15.21 -18.03
C VAL D 185 24.63 -13.85 -17.61
N GLY D 186 24.52 -12.88 -18.51
CA GLY D 186 24.94 -11.52 -18.22
C GLY D 186 23.84 -10.50 -18.47
N GLN D 187 24.01 -9.31 -17.93
CA GLN D 187 23.01 -8.25 -18.11
C GLN D 187 22.80 -8.05 -19.60
N SER D 188 21.56 -8.14 -20.05
CA SER D 188 21.25 -7.96 -21.46
C SER D 188 20.48 -6.66 -21.68
N GLU D 189 19.96 -6.53 -22.88
CA GLU D 189 19.17 -5.36 -23.22
C GLU D 189 17.86 -5.60 -22.49
N GLN D 190 17.66 -6.85 -22.09
CA GLN D 190 16.47 -7.28 -21.37
C GLN D 190 16.72 -7.30 -19.85
N LEU D 191 17.83 -7.90 -19.44
CA LEU D 191 18.14 -8.03 -18.03
C LEU D 191 18.95 -6.87 -17.46
N VAL D 192 18.31 -6.11 -16.55
CA VAL D 192 18.94 -4.97 -15.87
C VAL D 192 19.95 -4.17 -16.73
N PRO D 193 19.58 -3.83 -17.99
CA PRO D 193 20.43 -3.09 -18.92
C PRO D 193 21.34 -2.08 -18.26
N ALA D 194 20.73 -1.31 -17.34
CA ALA D 194 21.43 -0.28 -16.59
C ALA D 194 22.71 -0.82 -15.96
N ASP D 195 22.57 -1.63 -14.92
CA ASP D 195 23.72 -2.18 -14.22
C ASP D 195 24.82 -2.64 -15.18
N GLY D 196 24.43 -3.41 -16.19
CA GLY D 196 25.40 -3.89 -17.15
C GLY D 196 26.24 -2.75 -17.68
N ILE D 197 25.60 -1.64 -18.03
CA ILE D 197 26.28 -0.46 -18.56
C ILE D 197 27.12 0.24 -17.49
N LEU D 198 26.57 0.35 -16.29
CA LEU D 198 27.28 1.00 -15.21
C LEU D 198 28.49 0.14 -14.80
N TYR D 199 28.31 -1.17 -14.84
CA TYR D 199 29.34 -2.13 -14.50
C TYR D 199 30.56 -2.07 -15.46
N ALA D 200 30.30 -1.95 -16.75
CA ALA D 200 31.36 -1.86 -17.75
C ALA D 200 32.17 -0.58 -17.59
N ALA D 201 31.60 0.41 -16.91
CA ALA D 201 32.27 1.68 -16.68
C ALA D 201 33.14 1.62 -15.42
N ARG D 202 32.49 1.40 -14.27
CA ARG D 202 33.20 1.30 -13.01
C ARG D 202 34.48 0.51 -13.24
N ASP D 203 34.37 -0.55 -14.03
CA ASP D 203 35.51 -1.40 -14.36
C ASP D 203 36.71 -0.54 -14.77
N VAL D 204 36.67 -0.03 -16.00
CA VAL D 204 37.75 0.79 -16.55
C VAL D 204 37.65 2.26 -16.11
N THR D 205 37.26 2.50 -14.88
CA THR D 205 37.13 3.86 -14.43
C THR D 205 37.77 4.14 -13.09
N ALA D 206 37.93 3.09 -12.27
CA ALA D 206 38.52 3.25 -10.95
C ALA D 206 37.39 3.71 -10.01
N THR D 207 36.18 3.30 -10.34
CA THR D 207 35.00 3.61 -9.53
C THR D 207 34.34 2.28 -9.27
N VAL D 208 35.17 1.30 -8.94
CA VAL D 208 34.74 -0.05 -8.65
C VAL D 208 34.60 -0.22 -7.12
N ASP D 209 35.45 0.47 -6.37
CA ASP D 209 35.43 0.36 -4.92
C ASP D 209 34.55 1.31 -4.15
N SER D 210 33.32 1.47 -4.57
CA SER D 210 32.39 2.34 -3.84
C SER D 210 31.34 1.43 -3.26
N LEU D 211 31.22 1.43 -1.94
CA LEU D 211 30.25 0.59 -1.25
C LEU D 211 28.90 0.56 -1.95
N PRO D 212 28.19 1.70 -1.98
CA PRO D 212 26.88 1.75 -2.62
C PRO D 212 26.91 1.20 -4.05
N LEU D 213 27.85 1.69 -4.84
CA LEU D 213 27.96 1.22 -6.20
C LEU D 213 28.17 -0.29 -6.28
N ILE D 214 28.61 -0.89 -5.19
CA ILE D 214 28.83 -2.34 -5.16
C ILE D 214 27.61 -3.03 -4.62
N THR D 215 27.04 -2.44 -3.58
CA THR D 215 25.84 -3.01 -2.99
C THR D 215 24.79 -3.10 -4.07
N ALA D 216 24.71 -2.05 -4.87
CA ALA D 216 23.74 -1.97 -5.96
C ALA D 216 24.08 -2.87 -7.15
N SER D 217 25.35 -2.99 -7.50
CA SER D 217 25.68 -3.83 -8.63
C SER D 217 25.20 -5.26 -8.37
N ILE D 218 25.29 -5.69 -7.10
CA ILE D 218 24.90 -7.05 -6.71
C ILE D 218 23.39 -7.20 -6.43
N LEU D 219 22.94 -6.79 -5.23
CA LEU D 219 21.52 -6.90 -4.86
C LEU D 219 20.52 -6.74 -6.03
N SER D 220 20.79 -5.78 -6.91
CA SER D 220 19.93 -5.54 -8.06
C SER D 220 19.87 -6.76 -8.97
N LYS D 221 20.99 -7.14 -9.58
CA LYS D 221 20.99 -8.30 -10.47
C LYS D 221 20.41 -9.51 -9.77
N LYS D 222 20.57 -9.54 -8.45
CA LYS D 222 20.08 -10.65 -7.64
C LYS D 222 18.61 -10.49 -7.24
N LEU D 223 18.10 -9.27 -7.35
CA LEU D 223 16.71 -9.02 -7.02
C LEU D 223 15.84 -9.32 -8.24
N VAL D 224 16.46 -9.29 -9.41
CA VAL D 224 15.74 -9.57 -10.63
C VAL D 224 15.62 -11.09 -10.76
N GLU D 225 16.40 -11.80 -9.97
CA GLU D 225 16.37 -13.26 -10.00
C GLU D 225 15.24 -13.88 -9.17
N GLY D 226 14.67 -13.11 -8.24
CA GLY D 226 13.60 -13.62 -7.41
C GLY D 226 14.00 -14.86 -6.62
N LEU D 227 15.22 -14.85 -6.07
CA LEU D 227 15.74 -15.99 -5.32
C LEU D 227 15.21 -16.06 -3.90
N SER D 228 15.16 -17.28 -3.37
CA SER D 228 14.69 -17.48 -2.01
C SER D 228 15.90 -17.61 -1.07
N ALA D 229 17.09 -17.57 -1.66
CA ALA D 229 18.33 -17.67 -0.88
C ALA D 229 19.53 -17.11 -1.60
N LEU D 230 20.16 -16.12 -0.99
CA LEU D 230 21.33 -15.50 -1.58
C LEU D 230 22.48 -15.56 -0.57
N VAL D 231 23.69 -15.59 -1.09
CA VAL D 231 24.88 -15.64 -0.26
C VAL D 231 25.92 -14.86 -1.02
N VAL D 232 26.48 -13.83 -0.42
CA VAL D 232 27.48 -13.06 -1.14
C VAL D 232 28.88 -13.41 -0.60
N ASP D 233 29.76 -13.79 -1.52
CA ASP D 233 31.14 -14.12 -1.16
C ASP D 233 31.93 -12.81 -1.11
N VAL D 234 32.03 -12.24 0.10
CA VAL D 234 32.75 -10.96 0.34
C VAL D 234 34.26 -11.14 0.59
N LYS D 235 35.05 -10.82 -0.42
CA LYS D 235 36.50 -10.97 -0.34
C LYS D 235 37.22 -9.88 0.45
N PHE D 236 38.26 -10.29 1.18
CA PHE D 236 39.07 -9.37 1.94
C PHE D 236 40.53 -9.84 1.84
N GLY D 237 41.43 -8.89 1.60
CA GLY D 237 42.83 -9.23 1.47
C GLY D 237 43.58 -8.46 0.38
N GLY D 238 44.78 -8.94 0.06
CA GLY D 238 45.59 -8.30 -0.96
C GLY D 238 44.86 -8.00 -2.25
N ALA D 239 44.23 -9.02 -2.83
CA ALA D 239 43.53 -8.87 -4.10
C ALA D 239 42.07 -8.46 -3.96
N ALA D 240 41.49 -8.66 -2.78
CA ALA D 240 40.10 -8.32 -2.57
C ALA D 240 39.91 -6.81 -2.71
N VAL D 241 38.86 -6.43 -3.42
CA VAL D 241 38.54 -5.02 -3.64
C VAL D 241 38.70 -4.24 -2.36
N PHE D 242 38.43 -4.89 -1.23
CA PHE D 242 38.55 -4.28 0.07
C PHE D 242 39.51 -5.10 0.90
N PRO D 243 40.80 -4.77 0.83
CA PRO D 243 41.79 -5.51 1.61
C PRO D 243 41.58 -5.30 3.10
N ASN D 244 41.13 -4.10 3.46
CA ASN D 244 40.88 -3.76 4.85
C ASN D 244 39.92 -4.75 5.51
N GLN D 245 40.42 -5.37 6.57
CA GLN D 245 39.71 -6.36 7.38
C GLN D 245 38.26 -6.07 7.76
N GLU D 246 38.01 -4.87 8.28
CA GLU D 246 36.66 -4.49 8.70
C GLU D 246 35.91 -3.91 7.52
N GLN D 247 36.62 -3.18 6.67
CA GLN D 247 36.03 -2.55 5.50
C GLN D 247 35.26 -3.55 4.65
N ALA D 248 35.59 -4.84 4.78
CA ALA D 248 34.92 -5.88 4.05
C ALA D 248 33.74 -6.37 4.90
N ARG D 249 33.96 -6.41 6.21
CA ARG D 249 32.92 -6.85 7.14
C ARG D 249 31.73 -5.91 7.02
N GLU D 250 31.97 -4.62 7.27
CA GLU D 250 30.93 -3.60 7.22
C GLU D 250 30.15 -3.61 5.90
N LEU D 251 30.87 -3.77 4.79
CA LEU D 251 30.23 -3.81 3.48
C LEU D 251 29.30 -5.01 3.42
N ALA D 252 29.61 -6.04 4.20
CA ALA D 252 28.81 -7.25 4.26
C ALA D 252 27.47 -6.94 4.95
N LYS D 253 27.56 -6.25 6.09
CA LYS D 253 26.38 -5.89 6.85
C LYS D 253 25.42 -5.03 6.03
N THR D 254 25.97 -4.37 5.01
CA THR D 254 25.18 -3.51 4.14
C THR D 254 24.40 -4.34 3.12
N LEU D 255 25.08 -5.33 2.53
CA LEU D 255 24.48 -6.23 1.55
C LEU D 255 23.39 -7.11 2.15
N VAL D 256 23.48 -7.32 3.45
CA VAL D 256 22.52 -8.16 4.17
C VAL D 256 21.34 -7.33 4.69
N GLY D 257 21.63 -6.21 5.37
CA GLY D 257 20.56 -5.38 5.86
C GLY D 257 19.71 -4.90 4.70
N VAL D 258 20.25 -3.97 3.92
CA VAL D 258 19.58 -3.43 2.75
C VAL D 258 18.89 -4.52 1.94
N GLY D 259 19.57 -5.66 1.77
CA GLY D 259 19.03 -6.75 0.99
C GLY D 259 17.71 -7.27 1.52
N ALA D 260 17.67 -7.46 2.83
CA ALA D 260 16.47 -7.95 3.51
C ALA D 260 15.39 -6.86 3.42
N SER D 261 15.80 -5.60 3.51
CA SER D 261 14.85 -4.51 3.41
C SER D 261 14.26 -4.52 2.01
N LEU D 262 14.98 -5.14 1.07
CA LEU D 262 14.49 -5.25 -0.31
C LEU D 262 13.78 -6.58 -0.45
N GLY D 263 13.65 -7.28 0.67
CA GLY D 263 12.98 -8.56 0.67
C GLY D 263 13.87 -9.79 0.51
N LEU D 264 15.15 -9.56 0.27
CA LEU D 264 16.05 -10.68 0.08
C LEU D 264 16.58 -11.31 1.36
N ARG D 265 16.58 -12.64 1.39
CA ARG D 265 17.13 -13.37 2.52
C ARG D 265 18.60 -13.58 2.17
N VAL D 266 19.36 -12.50 2.35
CA VAL D 266 20.77 -12.46 2.05
C VAL D 266 21.62 -12.94 3.21
N ALA D 267 22.78 -13.49 2.88
CA ALA D 267 23.76 -13.96 3.86
C ALA D 267 25.12 -13.59 3.29
N ALA D 268 26.00 -13.06 4.13
CA ALA D 268 27.32 -12.65 3.69
C ALA D 268 28.44 -13.40 4.41
N ALA D 269 29.36 -13.97 3.62
CA ALA D 269 30.50 -14.72 4.17
C ALA D 269 31.81 -14.12 3.65
N LEU D 270 32.78 -13.94 4.55
CA LEU D 270 34.07 -13.37 4.18
C LEU D 270 35.00 -14.49 3.75
N THR D 271 36.01 -14.15 2.95
CA THR D 271 36.95 -15.16 2.45
C THR D 271 38.27 -14.54 1.95
N ALA D 272 39.40 -15.04 2.47
CA ALA D 272 40.75 -14.54 2.14
C ALA D 272 41.24 -14.58 0.69
N MET D 273 41.44 -13.40 0.12
CA MET D 273 41.93 -13.28 -1.25
C MET D 273 43.33 -12.66 -1.21
N ASP D 274 44.16 -13.15 -0.29
CA ASP D 274 45.53 -12.69 -0.16
C ASP D 274 46.32 -13.39 -1.26
N LYS D 275 46.07 -14.68 -1.40
CA LYS D 275 46.70 -15.50 -2.43
C LYS D 275 45.55 -15.93 -3.33
N PRO D 276 45.86 -16.30 -4.57
CA PRO D 276 44.81 -16.72 -5.50
C PRO D 276 44.06 -17.95 -4.99
N LEU D 277 42.83 -18.13 -5.49
CA LEU D 277 41.97 -19.24 -5.08
C LEU D 277 42.17 -20.46 -5.99
N GLY D 278 43.10 -21.32 -5.62
CA GLY D 278 43.39 -22.49 -6.41
C GLY D 278 44.82 -22.36 -6.88
N ARG D 279 45.08 -22.73 -8.12
CA ARG D 279 46.43 -22.62 -8.65
C ARG D 279 46.45 -22.00 -10.02
N CYS D 280 45.29 -22.05 -10.70
CA CYS D 280 45.13 -21.49 -12.06
C CYS D 280 44.34 -20.18 -12.11
N VAL D 281 44.98 -19.15 -12.64
CA VAL D 281 44.35 -17.85 -12.78
C VAL D 281 44.47 -17.46 -14.24
N GLY D 282 43.32 -17.29 -14.88
CA GLY D 282 43.29 -16.91 -16.27
C GLY D 282 41.87 -17.01 -16.75
N HIS D 283 41.67 -17.70 -17.86
CA HIS D 283 40.34 -17.86 -18.42
C HIS D 283 40.15 -19.29 -18.85
N ALA D 284 40.83 -19.72 -19.90
CA ALA D 284 40.70 -21.12 -20.30
C ALA D 284 41.16 -21.94 -19.09
N LEU D 285 42.26 -21.50 -18.48
CA LEU D 285 42.83 -22.16 -17.31
C LEU D 285 41.85 -22.26 -16.14
N GLU D 286 41.18 -21.16 -15.83
CA GLU D 286 40.21 -21.15 -14.73
C GLU D 286 39.22 -22.29 -14.90
N VAL D 287 38.73 -22.46 -16.12
CA VAL D 287 37.77 -23.50 -16.47
C VAL D 287 38.30 -24.87 -16.17
N GLU D 288 39.42 -25.17 -16.81
CA GLU D 288 40.08 -26.45 -16.66
C GLU D 288 40.10 -26.86 -15.18
N GLU D 289 40.65 -25.98 -14.34
CA GLU D 289 40.74 -26.24 -12.91
C GLU D 289 39.35 -26.37 -12.30
N ALA D 290 38.38 -25.70 -12.90
CA ALA D 290 37.02 -25.79 -12.39
C ALA D 290 36.51 -27.18 -12.73
N LEU D 291 36.83 -27.63 -13.94
CA LEU D 291 36.42 -28.94 -14.40
C LEU D 291 37.03 -30.00 -13.50
N LEU D 292 38.33 -29.87 -13.22
CA LEU D 292 39.02 -30.84 -12.38
C LEU D 292 38.35 -30.98 -11.02
N CYS D 293 37.78 -29.88 -10.51
CA CYS D 293 37.09 -29.89 -9.23
C CYS D 293 35.90 -30.81 -9.41
N MET D 294 35.02 -30.45 -10.36
CA MET D 294 33.82 -31.23 -10.65
C MET D 294 34.24 -32.62 -11.03
N ASP D 295 35.47 -32.70 -11.55
CA ASP D 295 36.05 -33.95 -12.00
C ASP D 295 36.60 -34.72 -10.81
N GLY D 296 35.81 -34.86 -9.77
CA GLY D 296 36.26 -35.60 -8.60
C GLY D 296 37.03 -34.81 -7.56
N ALA D 297 38.02 -34.03 -7.98
CA ALA D 297 38.78 -33.27 -7.02
C ALA D 297 39.85 -32.38 -7.64
N GLY D 298 40.14 -31.27 -6.99
CA GLY D 298 41.16 -30.35 -7.44
C GLY D 298 41.81 -29.80 -6.20
N PRO D 299 42.20 -28.51 -6.18
CA PRO D 299 42.83 -27.87 -5.03
C PRO D 299 41.91 -27.84 -3.79
N PRO D 300 42.46 -28.07 -2.58
CA PRO D 300 41.58 -28.03 -1.42
C PRO D 300 40.90 -26.68 -1.37
N ASP D 301 41.55 -25.68 -1.97
CA ASP D 301 41.02 -24.33 -2.02
C ASP D 301 39.62 -24.31 -2.59
N LEU D 302 39.49 -24.60 -3.89
CA LEU D 302 38.20 -24.63 -4.56
C LEU D 302 37.15 -25.35 -3.72
N ARG D 303 37.36 -26.65 -3.49
CA ARG D 303 36.39 -27.43 -2.74
C ARG D 303 36.05 -26.84 -1.39
N ASP D 304 37.06 -26.52 -0.60
CA ASP D 304 36.85 -25.96 0.71
C ASP D 304 35.98 -24.70 0.62
N LEU D 305 35.86 -24.14 -0.59
CA LEU D 305 35.04 -22.95 -0.79
C LEU D 305 33.74 -23.27 -1.50
N VAL D 306 33.76 -24.25 -2.39
CA VAL D 306 32.55 -24.68 -3.10
C VAL D 306 31.62 -25.36 -2.10
N THR D 307 32.01 -26.54 -1.59
CA THR D 307 31.21 -27.27 -0.61
C THR D 307 30.77 -26.40 0.58
N THR D 308 31.68 -25.68 1.22
CA THR D 308 31.28 -24.86 2.37
C THR D 308 30.13 -23.92 2.05
N LEU D 309 30.36 -23.03 1.08
CA LEU D 309 29.35 -22.08 0.66
C LEU D 309 28.11 -22.82 0.18
N GLY D 310 28.30 -23.73 -0.78
CA GLY D 310 27.20 -24.50 -1.32
C GLY D 310 26.38 -25.20 -0.26
N GLY D 311 27.03 -25.68 0.80
CA GLY D 311 26.31 -26.33 1.85
C GLY D 311 25.50 -25.25 2.55
N ALA D 312 26.17 -24.16 2.87
CA ALA D 312 25.54 -23.02 3.54
C ALA D 312 24.33 -22.54 2.73
N LEU D 313 24.41 -22.66 1.41
CA LEU D 313 23.30 -22.24 0.55
C LEU D 313 22.17 -23.26 0.64
N LEU D 314 22.54 -24.55 0.69
CA LEU D 314 21.55 -25.61 0.79
C LEU D 314 20.88 -25.55 2.13
N TRP D 315 21.65 -25.16 3.14
CA TRP D 315 21.17 -25.04 4.51
C TRP D 315 20.23 -23.86 4.62
N LEU D 316 20.64 -22.74 4.02
CA LEU D 316 19.88 -21.50 4.05
C LEU D 316 18.63 -21.53 3.15
N SER D 317 18.69 -22.26 2.04
CA SER D 317 17.53 -22.35 1.15
C SER D 317 16.47 -23.19 1.85
N GLY D 318 16.89 -23.84 2.94
CA GLY D 318 15.99 -24.67 3.73
C GLY D 318 16.00 -26.13 3.34
N HIS D 319 17.09 -26.59 2.72
CA HIS D 319 17.18 -27.96 2.25
C HIS D 319 18.15 -28.84 3.03
N ALA D 320 18.58 -28.34 4.18
CA ALA D 320 19.51 -29.06 5.03
C ALA D 320 19.27 -28.58 6.45
N GLY D 321 19.56 -29.44 7.42
CA GLY D 321 19.39 -29.09 8.82
C GLY D 321 20.67 -28.46 9.32
N THR D 322 21.78 -29.11 9.00
CA THR D 322 23.09 -28.62 9.38
C THR D 322 23.75 -28.13 8.10
N GLN D 323 24.63 -27.15 8.22
CA GLN D 323 25.31 -26.63 7.05
C GLN D 323 26.06 -27.81 6.45
N ALA D 324 26.65 -28.61 7.34
CA ALA D 324 27.42 -29.78 6.96
C ALA D 324 26.67 -30.73 6.02
N GLN D 325 25.37 -30.92 6.27
CA GLN D 325 24.57 -31.81 5.44
C GLN D 325 24.60 -31.34 3.98
N GLY D 326 24.48 -30.03 3.78
CA GLY D 326 24.51 -29.51 2.43
C GLY D 326 25.86 -29.74 1.80
N ALA D 327 26.91 -29.29 2.49
CA ALA D 327 28.28 -29.44 2.02
C ALA D 327 28.54 -30.89 1.65
N ALA D 328 27.89 -31.79 2.39
CA ALA D 328 28.02 -33.23 2.16
C ALA D 328 27.48 -33.57 0.77
N ARG D 329 26.27 -33.11 0.49
CA ARG D 329 25.66 -33.37 -0.80
C ARG D 329 26.37 -32.62 -1.92
N VAL D 330 27.12 -31.58 -1.56
CA VAL D 330 27.85 -30.79 -2.54
C VAL D 330 29.10 -31.54 -2.92
N ALA D 331 29.50 -32.48 -2.06
CA ALA D 331 30.70 -33.27 -2.31
C ALA D 331 30.37 -34.44 -3.23
N ALA D 332 29.20 -35.05 -2.99
CA ALA D 332 28.73 -36.17 -3.79
C ALA D 332 28.74 -35.82 -5.26
N ALA D 333 28.05 -34.74 -5.61
CA ALA D 333 28.00 -34.27 -6.99
C ALA D 333 29.40 -33.94 -7.49
N LEU D 334 30.35 -33.77 -6.57
CA LEU D 334 31.72 -33.44 -6.93
C LEU D 334 32.57 -34.68 -7.23
N ASP D 335 32.14 -35.83 -6.70
CA ASP D 335 32.86 -37.08 -6.88
C ASP D 335 32.20 -38.00 -7.91
N ASP D 336 30.88 -38.19 -7.80
CA ASP D 336 30.14 -39.06 -8.70
C ASP D 336 29.93 -38.47 -10.09
N GLY D 337 30.45 -37.27 -10.31
CA GLY D 337 30.33 -36.62 -11.61
C GLY D 337 28.98 -36.01 -11.92
N SER D 338 28.17 -35.76 -10.89
CA SER D 338 26.85 -35.16 -11.07
C SER D 338 26.96 -33.67 -11.37
N ALA D 339 27.73 -32.99 -10.53
CA ALA D 339 27.97 -31.57 -10.72
C ALA D 339 28.54 -31.46 -12.13
N LEU D 340 29.59 -32.24 -12.38
CA LEU D 340 30.26 -32.27 -13.67
C LEU D 340 29.29 -32.54 -14.80
N GLY D 341 28.17 -33.20 -14.47
CA GLY D 341 27.16 -33.53 -15.48
C GLY D 341 26.18 -32.42 -15.79
N ARG D 342 25.62 -31.80 -14.76
CA ARG D 342 24.68 -30.71 -14.98
C ARG D 342 25.40 -29.64 -15.79
N PHE D 343 26.71 -29.56 -15.59
CA PHE D 343 27.56 -28.59 -16.28
C PHE D 343 27.48 -28.78 -17.80
N GLU D 344 27.66 -30.00 -18.28
CA GLU D 344 27.59 -30.22 -19.72
C GLU D 344 26.23 -29.86 -20.26
N ARG D 345 25.20 -30.11 -19.46
CA ARG D 345 23.84 -29.82 -19.85
C ARG D 345 23.64 -28.31 -20.00
N MET D 346 24.47 -27.53 -19.32
CA MET D 346 24.40 -26.07 -19.38
C MET D 346 25.23 -25.56 -20.54
N LEU D 347 26.42 -26.13 -20.70
CA LEU D 347 27.31 -25.73 -21.79
C LEU D 347 26.64 -25.80 -23.16
N ALA D 348 25.88 -26.87 -23.40
CA ALA D 348 25.20 -27.05 -24.68
C ALA D 348 23.85 -26.37 -24.68
N ALA D 349 23.34 -26.06 -23.50
CA ALA D 349 22.04 -25.40 -23.36
C ALA D 349 22.10 -23.98 -23.90
N GLN D 350 23.22 -23.31 -23.68
CA GLN D 350 23.43 -21.95 -24.12
C GLN D 350 24.53 -21.86 -25.20
N GLY D 351 24.34 -22.71 -26.23
CA GLY D 351 25.11 -22.80 -27.51
C GLY D 351 26.62 -23.10 -27.51
N VAL D 352 27.00 -24.38 -27.45
CA VAL D 352 28.40 -24.87 -27.52
C VAL D 352 28.30 -26.24 -28.19
N ASP D 353 28.87 -26.53 -29.36
CA ASP D 353 28.65 -27.87 -29.96
C ASP D 353 28.43 -28.96 -28.92
N PRO D 354 27.49 -29.86 -29.19
CA PRO D 354 27.18 -30.96 -28.28
C PRO D 354 28.38 -31.87 -28.05
N GLY D 355 29.20 -32.04 -29.09
CA GLY D 355 30.37 -32.89 -29.00
C GLY D 355 31.49 -32.24 -28.20
N LEU D 356 31.74 -30.97 -28.46
CA LEU D 356 32.79 -30.24 -27.76
C LEU D 356 32.54 -30.22 -26.26
N ALA D 357 31.27 -30.16 -25.88
CA ALA D 357 30.88 -30.13 -24.48
C ALA D 357 31.12 -31.51 -23.88
N ARG D 358 30.60 -32.52 -24.56
CA ARG D 358 30.76 -33.90 -24.09
C ARG D 358 32.24 -34.23 -23.91
N ALA D 359 33.04 -33.92 -24.93
CA ALA D 359 34.47 -34.18 -24.92
C ALA D 359 35.18 -33.36 -23.85
N LEU D 360 34.77 -32.10 -23.70
CA LEU D 360 35.35 -31.21 -22.71
C LEU D 360 35.03 -31.66 -21.30
N CYS D 361 33.78 -32.09 -21.09
CA CYS D 361 33.33 -32.55 -19.78
C CYS D 361 33.62 -34.04 -19.59
N GLY D 363 35.81 -35.90 -19.11
CA GLY D 363 37.00 -36.12 -19.91
C GLY D 363 38.28 -35.76 -19.17
N SER D 364 39.36 -36.43 -19.51
CA SER D 364 40.65 -36.17 -18.88
C SER D 364 40.99 -34.69 -18.87
N PRO D 365 42.22 -34.36 -18.53
CA PRO D 365 42.67 -32.98 -18.48
C PRO D 365 43.52 -32.62 -19.70
N ALA D 366 44.69 -33.24 -19.81
CA ALA D 366 45.59 -32.99 -20.92
C ALA D 366 44.71 -32.51 -22.06
N GLU D 367 43.69 -33.32 -22.36
CA GLU D 367 42.75 -33.00 -23.41
C GLU D 367 42.17 -31.60 -23.27
N ARG D 368 41.93 -31.17 -22.04
CA ARG D 368 41.39 -29.82 -21.82
C ARG D 368 42.19 -28.80 -22.64
N ARG D 369 43.49 -28.71 -22.31
CA ARG D 369 44.41 -27.78 -22.97
C ARG D 369 44.48 -27.97 -24.48
N GLN D 370 43.42 -28.53 -25.05
CA GLN D 370 43.33 -28.75 -26.47
C GLN D 370 42.08 -28.08 -27.00
N LEU D 371 40.93 -28.48 -26.45
CA LEU D 371 39.64 -27.93 -26.84
C LEU D 371 39.47 -26.48 -26.38
N LEU D 372 40.21 -26.08 -25.37
CA LEU D 372 40.12 -24.71 -24.86
C LEU D 372 41.21 -23.85 -25.49
N PRO D 373 40.98 -22.54 -25.57
CA PRO D 373 42.00 -21.67 -26.17
C PRO D 373 43.19 -21.54 -25.25
N ARG D 374 44.36 -21.96 -25.70
CA ARG D 374 45.56 -21.82 -24.88
C ARG D 374 46.48 -20.79 -25.53
N ALA D 375 47.24 -20.07 -24.70
CA ALA D 375 48.13 -19.00 -25.16
C ALA D 375 49.18 -19.39 -26.20
N ARG D 376 49.80 -18.37 -26.76
CA ARG D 376 50.82 -18.54 -27.79
C ARG D 376 52.11 -19.23 -27.33
N GLU D 377 52.68 -18.77 -26.21
CA GLU D 377 53.92 -19.34 -25.68
C GLU D 377 53.91 -19.41 -24.14
N GLN D 378 54.84 -20.15 -23.55
CA GLN D 378 54.89 -20.29 -22.08
C GLN D 378 56.24 -19.95 -21.44
N GLU D 379 56.19 -19.58 -20.16
CA GLU D 379 57.39 -19.23 -19.39
C GLU D 379 57.27 -19.85 -18.00
N GLU D 380 58.40 -20.00 -17.31
CA GLU D 380 58.39 -20.61 -15.98
C GLU D 380 59.30 -19.93 -14.96
N LEU D 381 58.74 -19.07 -14.12
CA LEU D 381 59.54 -18.39 -13.09
C LEU D 381 60.19 -19.45 -12.20
N LEU D 382 61.47 -19.30 -11.93
CA LEU D 382 62.15 -20.28 -11.09
C LEU D 382 62.30 -19.84 -9.66
N ALA D 383 62.08 -20.78 -8.74
CA ALA D 383 62.18 -20.51 -7.32
C ALA D 383 63.52 -19.86 -7.01
N PRO D 384 63.49 -18.62 -6.49
CA PRO D 384 64.70 -17.88 -6.16
C PRO D 384 65.61 -18.56 -5.15
N ALA D 385 65.02 -19.20 -4.13
CA ALA D 385 65.81 -19.90 -3.11
C ALA D 385 65.03 -20.99 -2.39
N ASP D 386 65.73 -21.71 -1.52
CA ASP D 386 65.10 -22.76 -0.73
C ASP D 386 64.29 -22.07 0.36
N GLY D 387 63.23 -22.73 0.78
CA GLY D 387 62.38 -22.16 1.81
C GLY D 387 60.97 -22.68 1.66
N THR D 388 60.14 -22.38 2.64
CA THR D 388 58.75 -22.83 2.61
C THR D 388 57.91 -21.76 1.94
N VAL D 389 56.95 -22.16 1.12
CA VAL D 389 56.10 -21.17 0.48
C VAL D 389 55.09 -20.70 1.53
N GLU D 390 55.43 -19.61 2.20
CA GLU D 390 54.59 -19.04 3.24
C GLU D 390 53.33 -18.41 2.67
N LEU D 391 53.40 -18.01 1.39
CA LEU D 391 52.29 -17.38 0.70
C LEU D 391 52.72 -16.85 -0.65
N VAL D 392 51.76 -16.66 -1.54
CA VAL D 392 52.00 -16.10 -2.86
C VAL D 392 51.07 -14.89 -2.98
N ARG D 393 51.65 -13.71 -3.24
CA ARG D 393 50.89 -12.46 -3.34
C ARG D 393 50.00 -12.43 -4.57
N ALA D 394 48.69 -12.33 -4.36
CA ALA D 394 47.70 -12.32 -5.45
C ALA D 394 47.60 -11.02 -6.24
N LEU D 395 47.66 -9.88 -5.55
CA LEU D 395 47.56 -8.60 -6.23
C LEU D 395 48.57 -8.52 -7.37
N PRO D 396 49.85 -8.74 -7.07
CA PRO D 396 50.92 -8.70 -8.09
C PRO D 396 50.60 -9.64 -9.24
N LEU D 397 50.46 -10.92 -8.90
CA LEU D 397 50.14 -11.96 -9.87
C LEU D 397 49.00 -11.48 -10.76
N ALA D 398 47.98 -10.92 -10.13
CA ALA D 398 46.85 -10.41 -10.89
C ALA D 398 47.35 -9.26 -11.77
N LEU D 399 48.02 -8.27 -11.18
CA LEU D 399 48.52 -7.14 -11.96
C LEU D 399 49.30 -7.46 -13.25
N VAL D 400 50.37 -8.23 -13.19
CA VAL D 400 51.10 -8.52 -14.42
C VAL D 400 50.18 -9.17 -15.45
N LEU D 401 49.62 -10.32 -15.10
CA LEU D 401 48.71 -11.05 -15.97
C LEU D 401 47.78 -10.15 -16.79
N HIS D 402 47.31 -9.09 -16.14
CA HIS D 402 46.40 -8.13 -16.75
C HIS D 402 47.01 -7.43 -17.96
N GLU D 403 48.29 -7.08 -17.85
CA GLU D 403 48.97 -6.42 -18.95
C GLU D 403 49.07 -7.43 -20.09
N LEU D 404 49.29 -8.69 -19.72
CA LEU D 404 49.41 -9.75 -20.70
C LEU D 404 48.13 -10.05 -21.45
N GLY D 405 47.08 -9.28 -21.18
CA GLY D 405 45.82 -9.48 -21.87
C GLY D 405 44.77 -10.31 -21.15
N ALA D 406 44.96 -10.48 -19.84
CA ALA D 406 44.02 -11.26 -19.04
C ALA D 406 42.98 -10.37 -18.34
N GLY D 407 42.99 -9.09 -18.68
CA GLY D 407 42.05 -8.15 -18.09
C GLY D 407 41.78 -7.00 -19.06
N ARG D 408 40.79 -6.17 -18.75
CA ARG D 408 40.50 -5.07 -19.67
C ARG D 408 40.89 -3.69 -19.19
N SER D 409 41.24 -2.84 -20.15
CA SER D 409 41.64 -1.47 -19.88
C SER D 409 40.62 -0.55 -20.56
N ARG D 410 40.26 -0.91 -21.79
CA ARG D 410 39.28 -0.17 -22.54
C ARG D 410 38.02 -1.02 -22.42
N ALA D 411 36.90 -0.37 -22.15
CA ALA D 411 35.63 -1.06 -22.00
C ALA D 411 35.26 -1.87 -23.23
N GLY D 412 34.94 -3.13 -23.00
CA GLY D 412 34.54 -4.06 -24.05
C GLY D 412 35.67 -4.51 -24.97
N GLU D 413 36.90 -4.19 -24.59
CA GLU D 413 38.06 -4.56 -25.38
C GLU D 413 38.28 -6.07 -25.37
N PRO D 414 38.99 -6.57 -26.38
CA PRO D 414 39.27 -8.01 -26.49
C PRO D 414 39.84 -8.58 -25.19
N LEU D 415 40.39 -9.78 -25.26
CA LEU D 415 40.98 -10.42 -24.09
C LEU D 415 41.55 -11.80 -24.44
N ARG D 416 42.87 -11.93 -24.28
CA ARG D 416 43.54 -13.19 -24.57
C ARG D 416 43.16 -14.26 -23.57
N LEU D 417 42.08 -14.99 -23.85
CA LEU D 417 41.60 -16.04 -22.98
C LEU D 417 42.72 -17.04 -22.69
N GLY D 418 43.66 -17.13 -23.63
CA GLY D 418 44.78 -18.04 -23.48
C GLY D 418 45.73 -17.63 -22.37
N VAL D 419 45.92 -16.32 -22.23
CA VAL D 419 46.80 -15.82 -21.19
C VAL D 419 46.27 -16.28 -19.83
N GLY D 420 47.17 -16.32 -18.85
CA GLY D 420 46.81 -16.75 -17.50
C GLY D 420 48.06 -17.20 -16.79
N ALA D 421 47.94 -17.78 -15.60
CA ALA D 421 49.11 -18.25 -14.88
C ALA D 421 48.85 -19.53 -14.11
N GLU D 422 49.90 -20.32 -13.92
CA GLU D 422 49.81 -21.59 -13.19
C GLU D 422 50.72 -21.59 -11.98
N LEU D 423 50.19 -21.99 -10.84
CA LEU D 423 50.98 -22.05 -9.62
C LEU D 423 51.52 -23.45 -9.41
N LEU D 424 52.82 -23.61 -9.68
CA LEU D 424 53.49 -24.90 -9.57
C LEU D 424 53.55 -25.46 -8.17
N VAL D 425 53.87 -24.60 -7.20
CA VAL D 425 53.97 -25.01 -5.81
C VAL D 425 52.64 -24.78 -5.09
N ASP D 426 52.66 -24.93 -3.78
CA ASP D 426 51.47 -24.76 -2.95
C ASP D 426 51.83 -24.07 -1.65
N VAL D 427 50.97 -23.18 -1.16
CA VAL D 427 51.28 -22.49 0.08
C VAL D 427 51.40 -23.45 1.25
N GLY D 428 52.58 -23.49 1.86
CA GLY D 428 52.80 -24.36 3.00
C GLY D 428 53.93 -25.35 2.85
N GLN D 429 54.31 -25.69 1.61
CA GLN D 429 55.42 -26.64 1.42
C GLN D 429 56.73 -25.96 1.04
N ARG D 430 57.82 -26.68 1.15
CA ARG D 430 59.12 -26.10 0.83
C ARG D 430 59.57 -26.45 -0.58
N LEU D 431 60.35 -25.56 -1.17
CA LEU D 431 60.86 -25.76 -2.51
C LEU D 431 62.36 -25.48 -2.52
N ARG D 432 63.04 -26.09 -3.48
CA ARG D 432 64.49 -25.93 -3.59
C ARG D 432 64.83 -24.99 -4.72
N ARG D 433 65.68 -24.01 -4.39
CA ARG D 433 66.14 -23.01 -5.34
C ARG D 433 66.27 -23.54 -6.76
N GLY D 434 65.57 -22.91 -7.68
CA GLY D 434 65.63 -23.34 -9.07
C GLY D 434 64.34 -23.98 -9.55
N THR D 435 63.76 -24.81 -8.69
CA THR D 435 62.52 -25.50 -9.01
C THR D 435 61.46 -24.53 -9.51
N PRO D 436 60.86 -24.80 -10.68
CA PRO D 436 59.83 -23.91 -11.25
C PRO D 436 58.66 -23.72 -10.28
N TRP D 437 58.31 -22.47 -10.01
CA TRP D 437 57.18 -22.21 -9.10
C TRP D 437 55.96 -21.63 -9.83
N LEU D 438 56.19 -20.77 -10.82
CA LEU D 438 55.08 -20.17 -11.55
C LEU D 438 55.21 -20.32 -13.07
N ARG D 439 54.16 -20.83 -13.68
CA ARG D 439 54.08 -21.03 -15.12
C ARG D 439 53.21 -19.92 -15.69
N VAL D 440 53.62 -19.33 -16.81
CA VAL D 440 52.83 -18.26 -17.39
C VAL D 440 52.56 -18.45 -18.87
N HIS D 441 51.30 -18.28 -19.24
CA HIS D 441 50.86 -18.42 -20.62
C HIS D 441 50.62 -17.05 -21.24
N ARG D 442 51.49 -16.66 -22.16
CA ARG D 442 51.40 -15.36 -22.80
C ARG D 442 51.30 -15.47 -24.32
N ASP D 443 50.87 -14.39 -24.95
CA ASP D 443 50.75 -14.33 -26.40
C ASP D 443 51.90 -13.44 -26.92
N GLY D 444 52.32 -12.50 -26.09
CA GLY D 444 53.41 -11.62 -26.47
C GLY D 444 54.75 -12.18 -26.04
N PRO D 445 55.85 -11.43 -26.25
CA PRO D 445 57.22 -11.82 -25.90
C PRO D 445 57.50 -12.23 -24.47
N ALA D 446 58.77 -12.51 -24.20
CA ALA D 446 59.18 -12.91 -22.88
C ALA D 446 59.02 -11.73 -21.94
N LEU D 447 58.48 -12.01 -20.75
CA LEU D 447 58.25 -10.99 -19.74
C LEU D 447 59.42 -10.02 -19.59
N SER D 448 59.10 -8.74 -19.53
CA SER D 448 60.11 -7.68 -19.40
C SER D 448 60.75 -7.68 -18.01
N GLY D 449 61.75 -6.80 -17.84
CA GLY D 449 62.46 -6.70 -16.58
C GLY D 449 61.54 -6.52 -15.39
N PRO D 450 60.74 -5.45 -15.38
CA PRO D 450 59.82 -5.19 -14.27
C PRO D 450 58.80 -6.33 -14.06
N GLN D 451 58.17 -6.77 -15.14
CA GLN D 451 57.18 -7.84 -15.08
C GLN D 451 57.69 -9.08 -14.35
N SER D 452 58.92 -9.48 -14.67
CA SER D 452 59.54 -10.64 -14.02
C SER D 452 59.79 -10.26 -12.56
N ARG D 453 60.36 -9.07 -12.37
CA ARG D 453 60.66 -8.52 -11.06
C ARG D 453 59.46 -8.73 -10.13
N ALA D 454 58.35 -8.09 -10.49
CA ALA D 454 57.10 -8.12 -9.74
C ALA D 454 56.54 -9.52 -9.48
N LEU D 455 56.74 -10.44 -10.41
CA LEU D 455 56.25 -11.81 -10.21
C LEU D 455 57.13 -12.46 -9.15
N GLN D 456 58.44 -12.30 -9.30
CA GLN D 456 59.36 -12.87 -8.34
C GLN D 456 59.06 -12.33 -6.95
N GLU D 457 58.67 -11.06 -6.89
CA GLU D 457 58.35 -10.43 -5.62
C GLU D 457 57.12 -11.10 -5.03
N ALA D 458 56.31 -11.71 -5.89
CA ALA D 458 55.10 -12.38 -5.44
C ALA D 458 55.34 -13.61 -4.56
N LEU D 459 56.31 -14.44 -4.94
CA LEU D 459 56.62 -15.64 -4.16
C LEU D 459 57.22 -15.19 -2.83
N VAL D 460 56.57 -15.61 -1.72
CA VAL D 460 57.08 -15.23 -0.40
C VAL D 460 57.50 -16.42 0.38
N LEU D 461 58.82 -16.51 0.56
CA LEU D 461 59.43 -17.62 1.22
C LEU D 461 59.87 -17.35 2.65
N SER D 462 60.12 -18.47 3.31
CA SER D 462 60.57 -18.44 4.67
C SER D 462 61.12 -19.78 5.14
N ASP D 463 60.84 -20.14 6.35
CA ASP D 463 61.36 -21.38 6.83
C ASP D 463 60.42 -21.98 7.85
N ARG D 464 59.35 -21.26 8.11
CA ARG D 464 58.41 -21.85 9.02
C ARG D 464 58.52 -23.32 8.70
N ALA D 465 58.18 -24.20 9.61
CA ALA D 465 58.12 -25.56 9.18
C ALA D 465 57.01 -25.53 8.15
N PRO D 466 56.85 -26.61 7.41
CA PRO D 466 55.85 -26.79 6.37
C PRO D 466 54.48 -27.13 6.95
N PHE D 467 53.48 -26.37 6.54
CA PHE D 467 52.16 -26.46 7.12
C PHE D 467 51.02 -26.56 6.16
N ALA D 468 49.85 -26.92 6.66
CA ALA D 468 48.65 -27.03 5.82
C ALA D 468 47.89 -25.72 5.76
N ALA D 469 48.11 -24.95 4.70
CA ALA D 469 47.44 -23.66 4.53
C ALA D 469 46.04 -23.61 5.15
N PRO D 470 45.75 -22.59 5.97
CA PRO D 470 44.43 -22.51 6.59
C PRO D 470 43.34 -22.29 5.53
N SER D 471 42.10 -22.57 5.90
CA SER D 471 41.01 -22.42 4.96
C SER D 471 40.91 -20.97 4.53
N PRO D 472 40.70 -20.74 3.23
CA PRO D 472 40.59 -19.36 2.75
C PRO D 472 39.29 -18.74 3.24
N PHE D 473 38.43 -19.56 3.85
CA PHE D 473 37.15 -19.09 4.36
C PHE D 473 37.32 -18.37 5.69
N ALA D 474 36.71 -17.20 5.81
CA ALA D 474 36.78 -16.41 7.04
C ALA D 474 35.57 -16.67 7.94
N GLU D 475 34.80 -15.62 8.19
CA GLU D 475 33.62 -15.73 9.03
C GLU D 475 32.34 -15.51 8.23
N LEU D 476 31.23 -16.07 8.71
CA LEU D 476 29.96 -15.94 8.03
C LEU D 476 29.06 -15.00 8.85
N VAL D 477 28.32 -14.15 8.15
CA VAL D 477 27.41 -13.23 8.80
C VAL D 477 26.02 -13.51 8.26
N LEU D 478 25.09 -13.76 9.17
CA LEU D 478 23.70 -14.08 8.82
C LEU D 478 22.77 -12.93 9.21
N PRO D 479 21.55 -12.91 8.63
CA PRO D 479 20.51 -11.89 8.84
C PRO D 479 19.97 -11.78 10.28
N PRO D 480 19.07 -10.95 10.52
#